data_4G69
# 
_entry.id   4G69 
# 
_audit_conform.dict_name       mmcif_pdbx.dic 
_audit_conform.dict_version    5.379 
_audit_conform.dict_location   http://mmcif.pdb.org/dictionaries/ascii/mmcif_pdbx.dic 
# 
loop_
_database_2.database_id 
_database_2.database_code 
_database_2.pdbx_database_accession 
_database_2.pdbx_DOI 
PDB   4G69         pdb_00004g69 10.2210/pdb4g69/pdb 
RCSB  RCSB073790   ?            ?                   
WWPDB D_1000073790 ?            ?                   
# 
_pdbx_database_status.status_code                     REL 
_pdbx_database_status.entry_id                        4G69 
_pdbx_database_status.recvd_initial_deposition_date   2012-07-18 
_pdbx_database_status.deposit_site                    RCSB 
_pdbx_database_status.process_site                    RCSB 
_pdbx_database_status.status_code_sf                  REL 
_pdbx_database_status.status_code_mr                  ? 
_pdbx_database_status.SG_entry                        ? 
_pdbx_database_status.status_code_cs                  ? 
_pdbx_database_status.methods_development_category    ? 
_pdbx_database_status.pdb_format_compatible           Y 
_pdbx_database_status.status_code_nmr_data            ? 
# 
_audit_author.name           'Slep, K.C.' 
_audit_author.pdbx_ordinal   1 
# 
_citation.id                        primary 
_citation.title                     
;Structure of the Human Discs Large 1 PDZ2- Adenomatous Polyposis Coli Cytoskeletal Polarity Complex: Insight into Peptide Engagement and PDZ Clustering.
;
_citation.journal_abbrev            'Plos One' 
_citation.journal_volume            7 
_citation.page_first                e50097 
_citation.page_last                 e50097 
_citation.year                      2012 
_citation.journal_id_ASTM           ? 
_citation.country                   US 
_citation.journal_id_ISSN           1932-6203 
_citation.journal_id_CSD            ? 
_citation.book_publisher            ? 
_citation.pdbx_database_id_PubMed   23185543 
_citation.pdbx_database_id_DOI      10.1371/journal.pone.0050097 
# 
_citation_author.citation_id        primary 
_citation_author.name               'Slep, K.C.' 
_citation_author.ordinal            1 
_citation_author.identifier_ORCID   ? 
# 
_cell.entry_id           4G69 
_cell.length_a           27.109 
_cell.length_b           51.184 
_cell.length_c           71.756 
_cell.angle_alpha        90.00 
_cell.angle_beta         90.00 
_cell.angle_gamma        90.00 
_cell.Z_PDB              4 
_cell.pdbx_unique_axis   ? 
_cell.length_a_esd       ? 
_cell.length_b_esd       ? 
_cell.length_c_esd       ? 
_cell.angle_alpha_esd    ? 
_cell.angle_beta_esd     ? 
_cell.angle_gamma_esd    ? 
# 
_symmetry.entry_id                         4G69 
_symmetry.space_group_name_H-M             'P 21 21 21' 
_symmetry.pdbx_full_space_group_name_H-M   ? 
_symmetry.cell_setting                     ? 
_symmetry.Int_Tables_number                19 
_symmetry.space_group_name_Hall            ? 
# 
loop_
_entity.id 
_entity.type 
_entity.src_method 
_entity.pdbx_description 
_entity.formula_weight 
_entity.pdbx_number_of_molecules 
_entity.pdbx_ec 
_entity.pdbx_mutation 
_entity.pdbx_fragment 
_entity.details 
1 polymer man 'Disks large homolog 1'              10600.230 1   ? ? 'PDZ2, UNP residues 310-407'                     ? 
2 polymer syn 'Adenomatous polyposis coli protein' 1207.338  1   ? ? 'APC C-terminal peptide, UNP residues 2833-2843' ? 
3 water   nat water                                18.015    106 ? ? ?                                                ? 
# 
loop_
_entity_name_com.entity_id 
_entity_name_com.name 
1 'Synapse-associated protein 97, SAP-97, SAP97, hDlg' 
2 'Protein APC, Deleted in polyposis 2.5'              
# 
loop_
_entity_poly.entity_id 
_entity_poly.type 
_entity_poly.nstd_linkage 
_entity_poly.nstd_monomer 
_entity_poly.pdbx_seq_one_letter_code 
_entity_poly.pdbx_seq_one_letter_code_can 
_entity_poly.pdbx_strand_id 
_entity_poly.pdbx_target_identifier 
1 'polypeptide(L)' no no 
;GSRKPVSEKIMEIKLIKGPKGLGFSIAGGVGNQHIPGDNSIYVTKIIEGGAAHKDGKLQIGDKLLAVNNVCLEEVTHEEA
VTALKNTSDFVYLKVAKPTS
;
;GSRKPVSEKIMEIKLIKGPKGLGFSIAGGVGNQHIPGDNSIYVTKIIEGGAAHKDGKLQIGDKLLAVNNVCLEEVTHEEA
VTALKNTSDFVYLKVAKPTS
;
A ? 
2 'polypeptide(L)' no no RHSGSYLVTSV                                                                                             
RHSGSYLVTSV                                                                                             B ? 
# 
loop_
_entity_poly_seq.entity_id 
_entity_poly_seq.num 
_entity_poly_seq.mon_id 
_entity_poly_seq.hetero 
1 1   GLY n 
1 2   SER n 
1 3   ARG n 
1 4   LYS n 
1 5   PRO n 
1 6   VAL n 
1 7   SER n 
1 8   GLU n 
1 9   LYS n 
1 10  ILE n 
1 11  MET n 
1 12  GLU n 
1 13  ILE n 
1 14  LYS n 
1 15  LEU n 
1 16  ILE n 
1 17  LYS n 
1 18  GLY n 
1 19  PRO n 
1 20  LYS n 
1 21  GLY n 
1 22  LEU n 
1 23  GLY n 
1 24  PHE n 
1 25  SER n 
1 26  ILE n 
1 27  ALA n 
1 28  GLY n 
1 29  GLY n 
1 30  VAL n 
1 31  GLY n 
1 32  ASN n 
1 33  GLN n 
1 34  HIS n 
1 35  ILE n 
1 36  PRO n 
1 37  GLY n 
1 38  ASP n 
1 39  ASN n 
1 40  SER n 
1 41  ILE n 
1 42  TYR n 
1 43  VAL n 
1 44  THR n 
1 45  LYS n 
1 46  ILE n 
1 47  ILE n 
1 48  GLU n 
1 49  GLY n 
1 50  GLY n 
1 51  ALA n 
1 52  ALA n 
1 53  HIS n 
1 54  LYS n 
1 55  ASP n 
1 56  GLY n 
1 57  LYS n 
1 58  LEU n 
1 59  GLN n 
1 60  ILE n 
1 61  GLY n 
1 62  ASP n 
1 63  LYS n 
1 64  LEU n 
1 65  LEU n 
1 66  ALA n 
1 67  VAL n 
1 68  ASN n 
1 69  ASN n 
1 70  VAL n 
1 71  CYS n 
1 72  LEU n 
1 73  GLU n 
1 74  GLU n 
1 75  VAL n 
1 76  THR n 
1 77  HIS n 
1 78  GLU n 
1 79  GLU n 
1 80  ALA n 
1 81  VAL n 
1 82  THR n 
1 83  ALA n 
1 84  LEU n 
1 85  LYS n 
1 86  ASN n 
1 87  THR n 
1 88  SER n 
1 89  ASP n 
1 90  PHE n 
1 91  VAL n 
1 92  TYR n 
1 93  LEU n 
1 94  LYS n 
1 95  VAL n 
1 96  ALA n 
1 97  LYS n 
1 98  PRO n 
1 99  THR n 
1 100 SER n 
2 1   ARG n 
2 2   HIS n 
2 3   SER n 
2 4   GLY n 
2 5   SER n 
2 6   TYR n 
2 7   LEU n 
2 8   VAL n 
2 9   THR n 
2 10  SER n 
2 11  VAL n 
# 
_entity_src_gen.entity_id                          1 
_entity_src_gen.pdbx_src_id                        1 
_entity_src_gen.pdbx_alt_source_flag               sample 
_entity_src_gen.pdbx_seq_type                      ? 
_entity_src_gen.pdbx_beg_seq_num                   ? 
_entity_src_gen.pdbx_end_seq_num                   ? 
_entity_src_gen.gene_src_common_name               human 
_entity_src_gen.gene_src_genus                     ? 
_entity_src_gen.pdbx_gene_src_gene                 DLG1 
_entity_src_gen.gene_src_species                   ? 
_entity_src_gen.gene_src_strain                    ? 
_entity_src_gen.gene_src_tissue                    ? 
_entity_src_gen.gene_src_tissue_fraction           ? 
_entity_src_gen.gene_src_details                   'GST N-terminal fusion, GST cleaved via Thrombin treatment' 
_entity_src_gen.pdbx_gene_src_fragment             ? 
_entity_src_gen.pdbx_gene_src_scientific_name      'Homo sapiens' 
_entity_src_gen.pdbx_gene_src_ncbi_taxonomy_id     9606 
_entity_src_gen.pdbx_gene_src_variant              ? 
_entity_src_gen.pdbx_gene_src_cell_line            ? 
_entity_src_gen.pdbx_gene_src_atcc                 ? 
_entity_src_gen.pdbx_gene_src_organ                ? 
_entity_src_gen.pdbx_gene_src_organelle            ? 
_entity_src_gen.pdbx_gene_src_cell                 ? 
_entity_src_gen.pdbx_gene_src_cellular_location    ? 
_entity_src_gen.host_org_common_name               ? 
_entity_src_gen.pdbx_host_org_scientific_name      'Escherichia coli' 
_entity_src_gen.pdbx_host_org_ncbi_taxonomy_id     469008 
_entity_src_gen.host_org_genus                     ? 
_entity_src_gen.pdbx_host_org_gene                 ? 
_entity_src_gen.pdbx_host_org_organ                ? 
_entity_src_gen.host_org_species                   ? 
_entity_src_gen.pdbx_host_org_tissue               ? 
_entity_src_gen.pdbx_host_org_tissue_fraction      ? 
_entity_src_gen.pdbx_host_org_strain               'BL21(DE3) pLysS' 
_entity_src_gen.pdbx_host_org_variant              ? 
_entity_src_gen.pdbx_host_org_cell_line            ? 
_entity_src_gen.pdbx_host_org_atcc                 ? 
_entity_src_gen.pdbx_host_org_culture_collection   ? 
_entity_src_gen.pdbx_host_org_cell                 ? 
_entity_src_gen.pdbx_host_org_organelle            ? 
_entity_src_gen.pdbx_host_org_cellular_location    ? 
_entity_src_gen.pdbx_host_org_vector_type          plasmid 
_entity_src_gen.pdbx_host_org_vector               ? 
_entity_src_gen.host_org_details                   ? 
_entity_src_gen.expression_system_id               ? 
_entity_src_gen.plasmid_name                       pGEX-2T 
_entity_src_gen.plasmid_details                    ? 
_entity_src_gen.pdbx_description                   ? 
# 
_pdbx_entity_src_syn.entity_id              2 
_pdbx_entity_src_syn.pdbx_src_id            1 
_pdbx_entity_src_syn.pdbx_alt_source_flag   sample 
_pdbx_entity_src_syn.pdbx_beg_seq_num       ? 
_pdbx_entity_src_syn.pdbx_end_seq_num       ? 
_pdbx_entity_src_syn.organism_scientific    'Homo sapiens' 
_pdbx_entity_src_syn.organism_common_name   human 
_pdbx_entity_src_syn.ncbi_taxonomy_id       9606 
_pdbx_entity_src_syn.details                
'Adenomatous Polyposis Coli (APC) C-terminal 11 residues synthesized with N-terminal Tetramethyl rhodamine tag' 
# 
loop_
_struct_ref.id 
_struct_ref.db_name 
_struct_ref.db_code 
_struct_ref.pdbx_db_accession 
_struct_ref.entity_id 
_struct_ref.pdbx_seq_one_letter_code 
_struct_ref.pdbx_align_begin 
_struct_ref.pdbx_db_isoform 
1 UNP DLG1_HUMAN Q12959 1 
;RKPVSEKIMEIKLIKGPKGLGFSIAGGVGNQHIPGDNSIYVTKIIEGGAAHKDGKLQIGDKLLAVNNVCLEEVTHEEAVT
ALKNTSDFVYLKVAKPTS
;
310  ? 
2 UNP APC_HUMAN  P25054 2 RHSGSYLVTSV                                                                                           
2833 ? 
# 
loop_
_struct_ref_seq.align_id 
_struct_ref_seq.ref_id 
_struct_ref_seq.pdbx_PDB_id_code 
_struct_ref_seq.pdbx_strand_id 
_struct_ref_seq.seq_align_beg 
_struct_ref_seq.pdbx_seq_align_beg_ins_code 
_struct_ref_seq.seq_align_end 
_struct_ref_seq.pdbx_seq_align_end_ins_code 
_struct_ref_seq.pdbx_db_accession 
_struct_ref_seq.db_align_beg 
_struct_ref_seq.pdbx_db_align_beg_ins_code 
_struct_ref_seq.db_align_end 
_struct_ref_seq.pdbx_db_align_end_ins_code 
_struct_ref_seq.pdbx_auth_seq_align_beg 
_struct_ref_seq.pdbx_auth_seq_align_end 
1 1 4G69 A 3 ? 100 ? Q12959 310  ? 407  ? 310  407  
2 2 4G69 B 1 ? 11  ? P25054 2833 ? 2843 ? 2833 2843 
# 
loop_
_struct_ref_seq_dif.align_id 
_struct_ref_seq_dif.pdbx_pdb_id_code 
_struct_ref_seq_dif.mon_id 
_struct_ref_seq_dif.pdbx_pdb_strand_id 
_struct_ref_seq_dif.seq_num 
_struct_ref_seq_dif.pdbx_pdb_ins_code 
_struct_ref_seq_dif.pdbx_seq_db_name 
_struct_ref_seq_dif.pdbx_seq_db_accession_code 
_struct_ref_seq_dif.db_mon_id 
_struct_ref_seq_dif.pdbx_seq_db_seq_num 
_struct_ref_seq_dif.details 
_struct_ref_seq_dif.pdbx_auth_seq_num 
_struct_ref_seq_dif.pdbx_ordinal 
1 4G69 GLY A 1 ? UNP Q12959 ? ? 'expression tag' 308 1 
1 4G69 SER A 2 ? UNP Q12959 ? ? 'expression tag' 309 2 
# 
loop_
_chem_comp.id 
_chem_comp.type 
_chem_comp.mon_nstd_flag 
_chem_comp.name 
_chem_comp.pdbx_synonyms 
_chem_comp.formula 
_chem_comp.formula_weight 
ALA 'L-peptide linking' y ALANINE         ? 'C3 H7 N O2'     89.093  
ARG 'L-peptide linking' y ARGININE        ? 'C6 H15 N4 O2 1' 175.209 
ASN 'L-peptide linking' y ASPARAGINE      ? 'C4 H8 N2 O3'    132.118 
ASP 'L-peptide linking' y 'ASPARTIC ACID' ? 'C4 H7 N O4'     133.103 
CYS 'L-peptide linking' y CYSTEINE        ? 'C3 H7 N O2 S'   121.158 
GLN 'L-peptide linking' y GLUTAMINE       ? 'C5 H10 N2 O3'   146.144 
GLU 'L-peptide linking' y 'GLUTAMIC ACID' ? 'C5 H9 N O4'     147.129 
GLY 'peptide linking'   y GLYCINE         ? 'C2 H5 N O2'     75.067  
HIS 'L-peptide linking' y HISTIDINE       ? 'C6 H10 N3 O2 1' 156.162 
HOH non-polymer         . WATER           ? 'H2 O'           18.015  
ILE 'L-peptide linking' y ISOLEUCINE      ? 'C6 H13 N O2'    131.173 
LEU 'L-peptide linking' y LEUCINE         ? 'C6 H13 N O2'    131.173 
LYS 'L-peptide linking' y LYSINE          ? 'C6 H15 N2 O2 1' 147.195 
MET 'L-peptide linking' y METHIONINE      ? 'C5 H11 N O2 S'  149.211 
PHE 'L-peptide linking' y PHENYLALANINE   ? 'C9 H11 N O2'    165.189 
PRO 'L-peptide linking' y PROLINE         ? 'C5 H9 N O2'     115.130 
SER 'L-peptide linking' y SERINE          ? 'C3 H7 N O3'     105.093 
THR 'L-peptide linking' y THREONINE       ? 'C4 H9 N O3'     119.119 
TYR 'L-peptide linking' y TYROSINE        ? 'C9 H11 N O3'    181.189 
VAL 'L-peptide linking' y VALINE          ? 'C5 H11 N O2'    117.146 
# 
_exptl.entry_id          4G69 
_exptl.method            'X-RAY DIFFRACTION' 
_exptl.crystals_number   1 
# 
_exptl_crystal.id                    1 
_exptl_crystal.density_meas          ? 
_exptl_crystal.density_Matthews      2.11 
_exptl_crystal.density_percent_sol   41.65 
_exptl_crystal.description           ? 
_exptl_crystal.F_000                 ? 
_exptl_crystal.preparation           ? 
# 
_exptl_crystal_grow.crystal_id      1 
_exptl_crystal_grow.method          'VAPOR DIFFUSION, HANGING DROP' 
_exptl_crystal_grow.temp            300 
_exptl_crystal_grow.temp_details    ? 
_exptl_crystal_grow.pH              6.25 
_exptl_crystal_grow.pdbx_details    
;Protein solution: 1.4 mM Dlg1 PDZ2, 1.7 mM APC, 100 mM NaCl, 25 mM Tris pH 7.0, 0.1% B-ME 
 
Well: 200 mM sodium acetate, 100 mM sodium cacodylate pH 6.25, 28% PEG 8000 
 
Drop = 1:1 protein:well solution , VAPOR DIFFUSION, HANGING DROP, temperature 300K
;
_exptl_crystal_grow.pdbx_pH_range   ? 
# 
_diffrn.id                     1 
_diffrn.ambient_temp           100 
_diffrn.ambient_temp_details   ? 
_diffrn.crystal_id             1 
# 
_diffrn_detector.diffrn_id              1 
_diffrn_detector.detector               CCD 
_diffrn_detector.type                   'ADSC QUANTUM 210' 
_diffrn_detector.pdbx_collection_date   2007-03-08 
_diffrn_detector.details                ? 
# 
_diffrn_radiation.diffrn_id                        1 
_diffrn_radiation.wavelength_id                    1 
_diffrn_radiation.pdbx_monochromatic_or_laue_m_l   M 
_diffrn_radiation.monochromator                    'collected at 1.127 A' 
_diffrn_radiation.pdbx_diffrn_protocol             'SINGLE WAVELENGTH' 
_diffrn_radiation.pdbx_scattering_type             x-ray 
# 
_diffrn_radiation_wavelength.id           1 
_diffrn_radiation_wavelength.wavelength   1.127 
_diffrn_radiation_wavelength.wt           1.0 
# 
_diffrn_source.diffrn_id                   1 
_diffrn_source.source                      SYNCHROTRON 
_diffrn_source.type                        'ALS BEAMLINE 8.3.1' 
_diffrn_source.pdbx_synchrotron_site       ALS 
_diffrn_source.pdbx_synchrotron_beamline   8.3.1 
_diffrn_source.pdbx_wavelength             ? 
_diffrn_source.pdbx_wavelength_list        1.127 
# 
_reflns.entry_id                     4G69 
_reflns.observed_criterion_sigma_I   2 
_reflns.observed_criterion_sigma_F   2 
_reflns.d_resolution_low             70 
_reflns.d_resolution_high            2 
_reflns.number_obs                   6846 
_reflns.number_all                   7000 
_reflns.percent_possible_obs         97.8 
_reflns.pdbx_Rmerge_I_obs            ? 
_reflns.pdbx_Rsym_value              0.07 
_reflns.pdbx_netI_over_sigmaI        20.7 
_reflns.B_iso_Wilson_estimate        ? 
_reflns.pdbx_redundancy              4 
_reflns.R_free_details               ? 
_reflns.limit_h_max                  ? 
_reflns.limit_h_min                  ? 
_reflns.limit_k_max                  ? 
_reflns.limit_k_min                  ? 
_reflns.limit_l_max                  ? 
_reflns.limit_l_min                  ? 
_reflns.observed_criterion_F_max     ? 
_reflns.observed_criterion_F_min     ? 
_reflns.pdbx_chi_squared             ? 
_reflns.pdbx_scaling_rejects         ? 
_reflns.pdbx_ordinal                 1 
_reflns.pdbx_diffrn_id               1 
# 
_reflns_shell.d_res_high             2.00 
_reflns_shell.d_res_low              2.07 
_reflns_shell.percent_possible_all   82.9 
_reflns_shell.Rmerge_I_obs           ? 
_reflns_shell.pdbx_Rsym_value        0.22 
_reflns_shell.meanI_over_sigI_obs    4.8 
_reflns_shell.pdbx_redundancy        3 
_reflns_shell.percent_possible_obs   ? 
_reflns_shell.number_unique_all      590 
_reflns_shell.number_measured_all    ? 
_reflns_shell.number_measured_obs    ? 
_reflns_shell.number_unique_obs      ? 
_reflns_shell.pdbx_chi_squared       ? 
_reflns_shell.pdbx_ordinal           1 
_reflns_shell.pdbx_diffrn_id         1 
# 
_refine.entry_id                                 4G69 
_refine.ls_number_reflns_obs                     6846 
_refine.ls_number_reflns_all                     7000 
_refine.pdbx_ls_sigma_I                          ? 
_refine.pdbx_ls_sigma_F                          0.10 
_refine.pdbx_data_cutoff_high_absF               ? 
_refine.pdbx_data_cutoff_low_absF                ? 
_refine.pdbx_data_cutoff_high_rms_absF           ? 
_refine.ls_d_res_low                             29.379 
_refine.ls_d_res_high                            2.0 
_refine.ls_percent_reflns_obs                    95.07 
_refine.ls_R_factor_obs                          0.1723 
_refine.ls_R_factor_all                          0.1723 
_refine.ls_R_factor_R_work                       0.1711 
_refine.ls_R_factor_R_free                       0.1833 
_refine.ls_R_factor_R_free_error                 ? 
_refine.ls_R_factor_R_free_error_details         ? 
_refine.ls_percent_reflns_R_free                 10.05 
_refine.ls_number_reflns_R_free                  688 
_refine.ls_number_parameters                     ? 
_refine.ls_number_restraints                     ? 
_refine.occupancy_min                            ? 
_refine.occupancy_max                            ? 
_refine.correlation_coeff_Fo_to_Fc               ? 
_refine.correlation_coeff_Fo_to_Fc_free          ? 
_refine.B_iso_mean                               ? 
_refine.aniso_B[1][1]                            -2.8885 
_refine.aniso_B[2][2]                            0.3300 
_refine.aniso_B[3][3]                            2.5586 
_refine.aniso_B[1][2]                            0.0000 
_refine.aniso_B[1][3]                            0.0000 
_refine.aniso_B[2][3]                            -0.0000 
_refine.solvent_model_details                    'FLAT BULK SOLVENT MODEL' 
_refine.solvent_model_param_ksol                 0.373 
_refine.solvent_model_param_bsol                 32.336 
_refine.pdbx_solvent_vdw_probe_radii             1.11 
_refine.pdbx_solvent_ion_probe_radii             ? 
_refine.pdbx_solvent_shrinkage_radii             0.90 
_refine.pdbx_ls_cross_valid_method               ? 
_refine.details                                  ? 
_refine.pdbx_starting_model                      'PDB entry 2FE5' 
_refine.pdbx_method_to_determine_struct          'MOLECULAR REPLACEMENT' 
_refine.pdbx_isotropic_thermal_model             ? 
_refine.pdbx_stereochemistry_target_values       ML 
_refine.pdbx_stereochem_target_val_spec_case     ? 
_refine.pdbx_R_Free_selection_details            10% 
_refine.pdbx_overall_ESU_R                       ? 
_refine.pdbx_overall_ESU_R_Free                  ? 
_refine.overall_SU_ML                            0.17 
_refine.pdbx_overall_phase_error                 15.05 
_refine.overall_SU_B                             ? 
_refine.overall_SU_R_Cruickshank_DPI             ? 
_refine.ls_redundancy_reflns_obs                 ? 
_refine.B_iso_min                                ? 
_refine.B_iso_max                                ? 
_refine.overall_SU_R_free                        ? 
_refine.ls_wR_factor_R_free                      ? 
_refine.ls_wR_factor_R_work                      ? 
_refine.overall_FOM_free_R_set                   ? 
_refine.overall_FOM_work_R_set                   ? 
_refine.pdbx_diffrn_id                           1 
_refine.pdbx_refine_id                           'X-RAY DIFFRACTION' 
_refine.pdbx_TLS_residual_ADP_flag               ? 
_refine.pdbx_overall_SU_R_free_Cruickshank_DPI   ? 
_refine.pdbx_overall_SU_R_Blow_DPI               ? 
_refine.pdbx_overall_SU_R_free_Blow_DPI          ? 
# 
_refine_hist.pdbx_refine_id                   'X-RAY DIFFRACTION' 
_refine_hist.cycle_id                         LAST 
_refine_hist.pdbx_number_atoms_protein        769 
_refine_hist.pdbx_number_atoms_nucleic_acid   0 
_refine_hist.pdbx_number_atoms_ligand         0 
_refine_hist.number_atoms_solvent             106 
_refine_hist.number_atoms_total               875 
_refine_hist.d_res_high                       2.0 
_refine_hist.d_res_low                        29.379 
# 
loop_
_refine_ls_restr.type 
_refine_ls_restr.dev_ideal 
_refine_ls_restr.dev_ideal_target 
_refine_ls_restr.weight 
_refine_ls_restr.number 
_refine_ls_restr.pdbx_restraint_function 
_refine_ls_restr.pdbx_refine_id 
f_bond_d           0.007  ? ? 779  ? 'X-RAY DIFFRACTION' 
f_angle_d          0.980  ? ? 1051 ? 'X-RAY DIFFRACTION' 
f_dihedral_angle_d 12.794 ? ? 288  ? 'X-RAY DIFFRACTION' 
f_chiral_restr     0.063  ? ? 127  ? 'X-RAY DIFFRACTION' 
f_plane_restr      0.004  ? ? 132  ? 'X-RAY DIFFRACTION' 
# 
loop_
_refine_ls_shell.pdbx_total_number_of_bins_used 
_refine_ls_shell.d_res_high 
_refine_ls_shell.d_res_low 
_refine_ls_shell.number_reflns_R_work 
_refine_ls_shell.R_factor_R_work 
_refine_ls_shell.percent_reflns_obs 
_refine_ls_shell.R_factor_R_free 
_refine_ls_shell.R_factor_R_free_error 
_refine_ls_shell.percent_reflns_R_free 
_refine_ls_shell.number_reflns_R_free 
_refine_ls_shell.number_reflns_all 
_refine_ls_shell.R_factor_all 
_refine_ls_shell.number_reflns_obs 
_refine_ls_shell.redundancy_reflns_obs 
_refine_ls_shell.pdbx_refine_id 
. 1.9977 2.1519  1067 0.1640 85.00 0.1872 . . 116 . . . . 'X-RAY DIFFRACTION' 
. 2.1519 2.3683  1208 0.1651 96.00 0.2035 . . 139 . . . . 'X-RAY DIFFRACTION' 
. 2.3683 2.7108  1255 0.1782 97.00 0.1913 . . 139 . . . . 'X-RAY DIFFRACTION' 
. 2.7108 3.4146  1277 0.1763 98.00 0.1821 . . 143 . . . . 'X-RAY DIFFRACTION' 
. 3.4146 29.3823 1351 0.1676 99.00 0.1678 . . 151 . . . . 'X-RAY DIFFRACTION' 
# 
_struct.entry_id                  4G69 
_struct.title                     
'Structure of the Human Discs Large 1 PDZ2 - Adenomatous Polyposis Coli Cytoskeletal Polarity Complex' 
_struct.pdbx_model_details        ? 
_struct.pdbx_CASP_flag            ? 
_struct.pdbx_model_type_details   ? 
# 
_struct_keywords.entry_id        4G69 
_struct_keywords.pdbx_keywords   'MEMBRANE PROTEIN/SIGNALING PROTEIN' 
_struct_keywords.text            
;PDZ, MAGUK, Polarity, Adenomatous Polyposis Coli, Tetramethylrhodamine, Adherens Junction, MEMBRANE PROTEIN-SIGNALING PROTEIN complex
;
# 
loop_
_struct_asym.id 
_struct_asym.pdbx_blank_PDB_chainid_flag 
_struct_asym.pdbx_modified 
_struct_asym.entity_id 
_struct_asym.details 
A N N 1 ? 
B N N 2 ? 
C N N 3 ? 
D N N 3 ? 
# 
_struct_biol.id        1 
_struct_biol.details   ? 
# 
loop_
_struct_conf.conf_type_id 
_struct_conf.id 
_struct_conf.pdbx_PDB_helix_id 
_struct_conf.beg_label_comp_id 
_struct_conf.beg_label_asym_id 
_struct_conf.beg_label_seq_id 
_struct_conf.pdbx_beg_PDB_ins_code 
_struct_conf.end_label_comp_id 
_struct_conf.end_label_asym_id 
_struct_conf.end_label_seq_id 
_struct_conf.pdbx_end_PDB_ins_code 
_struct_conf.beg_auth_comp_id 
_struct_conf.beg_auth_asym_id 
_struct_conf.beg_auth_seq_id 
_struct_conf.end_auth_comp_id 
_struct_conf.end_auth_asym_id 
_struct_conf.end_auth_seq_id 
_struct_conf.pdbx_PDB_helix_class 
_struct_conf.details 
_struct_conf.pdbx_PDB_helix_length 
HELX_P HELX_P1 1 GLY A 50 ? GLY A 56 ? GLY A 357 GLY A 363 1 ? 7  
HELX_P HELX_P2 2 THR A 76 ? ASN A 86 ? THR A 383 ASN A 393 1 ? 11 
# 
_struct_conf_type.id          HELX_P 
_struct_conf_type.criteria    ? 
_struct_conf_type.reference   ? 
# 
loop_
_struct_sheet.id 
_struct_sheet.type 
_struct_sheet.number_strands 
_struct_sheet.details 
A ? 4 ? 
B ? 6 ? 
# 
loop_
_struct_sheet_order.sheet_id 
_struct_sheet_order.range_id_1 
_struct_sheet_order.range_id_2 
_struct_sheet_order.offset 
_struct_sheet_order.sense 
A 1 2 ? anti-parallel 
A 2 3 ? anti-parallel 
A 3 4 ? anti-parallel 
B 1 2 ? anti-parallel 
B 2 3 ? anti-parallel 
B 3 4 ? anti-parallel 
B 4 5 ? anti-parallel 
B 5 6 ? anti-parallel 
# 
loop_
_struct_sheet_range.sheet_id 
_struct_sheet_range.id 
_struct_sheet_range.beg_label_comp_id 
_struct_sheet_range.beg_label_asym_id 
_struct_sheet_range.beg_label_seq_id 
_struct_sheet_range.pdbx_beg_PDB_ins_code 
_struct_sheet_range.end_label_comp_id 
_struct_sheet_range.end_label_asym_id 
_struct_sheet_range.end_label_seq_id 
_struct_sheet_range.pdbx_end_PDB_ins_code 
_struct_sheet_range.beg_auth_comp_id 
_struct_sheet_range.beg_auth_asym_id 
_struct_sheet_range.beg_auth_seq_id 
_struct_sheet_range.end_auth_comp_id 
_struct_sheet_range.end_auth_asym_id 
_struct_sheet_range.end_auth_seq_id 
A 1 GLU A 8  ? ILE A 16 ? GLU A 315  ILE A 323  
A 2 PHE A 90 ? PRO A 98 ? PHE A 397  PRO A 405  
A 3 LYS A 63 ? VAL A 67 ? LYS A 370  VAL A 374  
A 4 VAL A 70 ? CYS A 71 ? VAL A 377  CYS A 378  
B 1 GLU A 8  ? ILE A 16 ? GLU A 315  ILE A 323  
B 2 PHE A 90 ? PRO A 98 ? PHE A 397  PRO A 405  
B 3 LYS A 63 ? VAL A 67 ? LYS A 370  VAL A 374  
B 4 ILE A 41 ? ILE A 46 ? ILE A 348  ILE A 353  
B 5 PHE A 24 ? GLY A 28 ? PHE A 331  GLY A 335  
B 6 THR B 9  ? SER B 10 ? THR B 2841 SER B 2842 
# 
loop_
_pdbx_struct_sheet_hbond.sheet_id 
_pdbx_struct_sheet_hbond.range_id_1 
_pdbx_struct_sheet_hbond.range_id_2 
_pdbx_struct_sheet_hbond.range_1_label_atom_id 
_pdbx_struct_sheet_hbond.range_1_label_comp_id 
_pdbx_struct_sheet_hbond.range_1_label_asym_id 
_pdbx_struct_sheet_hbond.range_1_label_seq_id 
_pdbx_struct_sheet_hbond.range_1_PDB_ins_code 
_pdbx_struct_sheet_hbond.range_1_auth_atom_id 
_pdbx_struct_sheet_hbond.range_1_auth_comp_id 
_pdbx_struct_sheet_hbond.range_1_auth_asym_id 
_pdbx_struct_sheet_hbond.range_1_auth_seq_id 
_pdbx_struct_sheet_hbond.range_2_label_atom_id 
_pdbx_struct_sheet_hbond.range_2_label_comp_id 
_pdbx_struct_sheet_hbond.range_2_label_asym_id 
_pdbx_struct_sheet_hbond.range_2_label_seq_id 
_pdbx_struct_sheet_hbond.range_2_PDB_ins_code 
_pdbx_struct_sheet_hbond.range_2_auth_atom_id 
_pdbx_struct_sheet_hbond.range_2_auth_comp_id 
_pdbx_struct_sheet_hbond.range_2_auth_asym_id 
_pdbx_struct_sheet_hbond.range_2_auth_seq_id 
A 1 2 N ILE A 13 ? N ILE A 320 O LEU A 93 ? O LEU A 400  
A 2 3 O LYS A 94 ? O LYS A 401 N LEU A 65 ? N LEU A 372  
A 3 4 N VAL A 67 ? N VAL A 374 O VAL A 70 ? O VAL A 377  
B 1 2 N ILE A 13 ? N ILE A 320 O LEU A 93 ? O LEU A 400  
B 2 3 O LYS A 94 ? O LYS A 401 N LEU A 65 ? N LEU A 372  
B 3 4 O LEU A 64 ? O LEU A 371 N ILE A 41 ? N ILE A 348  
B 4 5 O TYR A 42 ? O TYR A 349 N ALA A 27 ? N ALA A 334  
B 5 6 N ILE A 26 ? N ILE A 333 O THR B 9  ? O THR B 2841 
# 
_atom_sites.entry_id                    4G69 
_atom_sites.fract_transf_matrix[1][1]   -0.03239428 
_atom_sites.fract_transf_matrix[1][2]   0.00093925 
_atom_sites.fract_transf_matrix[1][3]   0.01761967 
_atom_sites.fract_transf_matrix[2][1]   -0.00640975 
_atom_sites.fract_transf_matrix[2][2]   0.01357061 
_atom_sites.fract_transf_matrix[2][3]   -0.01250792 
_atom_sites.fract_transf_matrix[3][1]   -0.00485090 
_atom_sites.fract_transf_matrix[3][2]   -0.01001908 
_atom_sites.fract_transf_matrix[3][3]   -0.00838444 
_atom_sites.fract_transf_vector[1]      -0.155152 
_atom_sites.fract_transf_vector[2]      -0.094782 
_atom_sites.fract_transf_vector[3]      0.204279 
# 
loop_
_atom_type.symbol 
C 
N 
O 
S 
# 
loop_
_atom_site.group_PDB 
_atom_site.id 
_atom_site.type_symbol 
_atom_site.label_atom_id 
_atom_site.label_alt_id 
_atom_site.label_comp_id 
_atom_site.label_asym_id 
_atom_site.label_entity_id 
_atom_site.label_seq_id 
_atom_site.pdbx_PDB_ins_code 
_atom_site.Cartn_x 
_atom_site.Cartn_y 
_atom_site.Cartn_z 
_atom_site.occupancy 
_atom_site.B_iso_or_equiv 
_atom_site.pdbx_formal_charge 
_atom_site.auth_seq_id 
_atom_site.auth_comp_id 
_atom_site.auth_asym_id 
_atom_site.auth_atom_id 
_atom_site.pdbx_PDB_model_num 
ATOM   1   N N   . ARG A 1 3  ? -24.138 1.179   -5.335  1.00 40.11 ? 310  ARG A N   1 
ATOM   2   C CA  . ARG A 1 3  ? -24.655 1.906   -6.489  1.00 32.64 ? 310  ARG A CA  1 
ATOM   3   C C   . ARG A 1 3  ? -24.557 3.425   -6.304  1.00 30.61 ? 310  ARG A C   1 
ATOM   4   O O   . ARG A 1 3  ? -24.791 4.184   -7.251  1.00 25.70 ? 310  ARG A O   1 
ATOM   5   C CB  . ARG A 1 3  ? -26.089 1.491   -6.787  1.00 33.85 ? 310  ARG A CB  1 
ATOM   6   N N   . LYS A 1 4  ? -24.216 3.859   -5.089  1.00 31.17 ? 311  LYS A N   1 
ATOM   7   C CA  . LYS A 1 4  ? -23.983 5.280   -4.805  1.00 27.40 ? 311  LYS A CA  1 
ATOM   8   C C   . LYS A 1 4  ? -22.536 5.656   -5.136  1.00 22.37 ? 311  LYS A C   1 
ATOM   9   O O   . LYS A 1 4  ? -21.671 4.788   -5.220  1.00 19.67 ? 311  LYS A O   1 
ATOM   10  C CB  . LYS A 1 4  ? -24.261 5.602   -3.333  1.00 29.93 ? 311  LYS A CB  1 
ATOM   11  C CG  . LYS A 1 4  ? -25.646 5.230   -2.835  1.00 44.40 ? 311  LYS A CG  1 
ATOM   12  C CD  . LYS A 1 4  ? -26.719 6.119   -3.443  1.00 54.07 ? 311  LYS A CD  1 
ATOM   13  C CE  . LYS A 1 4  ? -28.096 5.782   -2.876  1.00 57.22 ? 311  LYS A CE  1 
ATOM   14  N NZ  . LYS A 1 4  ? -28.207 6.084   -1.417  1.00 52.20 ? 311  LYS A NZ  1 
ATOM   15  N N   . PRO A 1 5  ? -22.270 6.957   -5.331  1.00 14.75 ? 312  PRO A N   1 
ATOM   16  C CA  . PRO A 1 5  ? -20.896 7.396   -5.585  1.00 14.98 ? 312  PRO A CA  1 
ATOM   17  C C   . PRO A 1 5  ? -19.955 7.112   -4.410  1.00 20.71 ? 312  PRO A C   1 
ATOM   18  O O   . PRO A 1 5  ? -20.362 7.196   -3.247  1.00 15.39 ? 312  PRO A O   1 
ATOM   19  C CB  . PRO A 1 5  ? -21.044 8.907   -5.785  1.00 13.54 ? 312  PRO A CB  1 
ATOM   20  C CG  . PRO A 1 5  ? -22.448 9.085   -6.279  1.00 14.39 ? 312  PRO A CG  1 
ATOM   21  C CD  . PRO A 1 5  ? -23.247 8.042   -5.531  1.00 18.11 ? 312  PRO A CD  1 
ATOM   22  N N   . VAL A 1 6  ? -18.703 6.791   -4.724  1.00 7.78  ? 313  VAL A N   1 
ATOM   23  C CA  . VAL A 1 6  ? -17.689 6.533   -3.714  1.00 8.32  ? 313  VAL A CA  1 
ATOM   24  C C   . VAL A 1 6  ? -16.520 7.473   -3.932  1.00 8.80  ? 313  VAL A C   1 
ATOM   25  O O   . VAL A 1 6  ? -15.858 7.398   -4.970  1.00 8.56  ? 313  VAL A O   1 
ATOM   26  C CB  . VAL A 1 6  ? -17.144 5.086   -3.809  1.00 9.24  ? 313  VAL A CB  1 
ATOM   27  C CG1 . VAL A 1 6  ? -15.986 4.893   -2.836  1.00 11.17 ? 313  VAL A CG1 1 
ATOM   28  C CG2 . VAL A 1 6  ? -18.247 4.063   -3.549  1.00 15.50 ? 313  VAL A CG2 1 
ATOM   29  N N   . SER A 1 7  ? -16.262 8.355   -2.968  1.00 8.47  ? 314  SER A N   1 
ATOM   30  C CA  . SER A 1 7  ? -15.180 9.328   -3.105  1.00 10.26 ? 314  SER A CA  1 
ATOM   31  C C   . SER A 1 7  ? -13.908 8.891   -2.398  1.00 11.62 ? 314  SER A C   1 
ATOM   32  O O   . SER A 1 7  ? -13.952 8.284   -1.336  1.00 11.11 ? 314  SER A O   1 
ATOM   33  C CB  . SER A 1 7  ? -15.599 10.716  -2.596  1.00 8.91  ? 314  SER A CB  1 
ATOM   34  O OG  . SER A 1 7  ? -16.566 11.296  -3.446  1.00 12.12 ? 314  SER A OG  1 
ATOM   35  N N   . GLU A 1 8  ? -12.773 9.227   -2.997  1.00 9.05  ? 315  GLU A N   1 
ATOM   36  C CA  . GLU A 1 8  ? -11.474 8.955   -2.397  1.00 9.73  ? 315  GLU A CA  1 
ATOM   37  C C   . GLU A 1 8  ? -10.594 10.190  -2.481  1.00 14.50 ? 315  GLU A C   1 
ATOM   38  O O   . GLU A 1 8  ? -10.718 10.985  -3.413  1.00 14.11 ? 315  GLU A O   1 
ATOM   39  C CB  . GLU A 1 8  ? -10.790 7.794   -3.120  1.00 10.57 ? 315  GLU A CB  1 
ATOM   40  C CG  . GLU A 1 8  ? -11.475 6.449   -2.915  1.00 13.46 ? 315  GLU A CG  1 
ATOM   41  C CD  . GLU A 1 8  ? -10.894 5.358   -3.806  1.00 17.70 ? 315  GLU A CD  1 
ATOM   42  O OE1 . GLU A 1 8  ? -10.552 5.662   -4.971  1.00 15.63 ? 315  GLU A OE1 1 
ATOM   43  O OE2 . GLU A 1 8  ? -10.775 4.202   -3.340  1.00 17.29 ? 315  GLU A OE2 1 
ATOM   44  N N   . LYS A 1 9  ? -9.711  10.350  -1.503  1.00 7.42  ? 316  LYS A N   1 
ATOM   45  C CA  . LYS A 1 9  ? -8.706  11.390  -1.544  1.00 6.59  ? 316  LYS A CA  1 
ATOM   46  C C   . LYS A 1 9  ? -7.358  10.770  -1.937  1.00 12.62 ? 316  LYS A C   1 
ATOM   47  O O   . LYS A 1 9  ? -6.882  9.820   -1.308  1.00 7.08  ? 316  LYS A O   1 
ATOM   48  C CB  . LYS A 1 9  ? -8.611  12.079  -0.187  1.00 15.80 ? 316  LYS A CB  1 
ATOM   49  C CG  . LYS A 1 9  ? -7.515  13.113  -0.100  1.00 35.08 ? 316  LYS A CG  1 
ATOM   50  C CD  . LYS A 1 9  ? -7.515  13.789  1.269   1.00 48.09 ? 316  LYS A CD  1 
ATOM   51  C CE  . LYS A 1 9  ? -7.106  12.816  2.363   1.00 57.79 ? 316  LYS A CE  1 
ATOM   52  N NZ  . LYS A 1 9  ? -7.064  13.464  3.713   1.00 64.97 ? 316  LYS A NZ  1 
ATOM   53  N N   . ILE A 1 10 ? -6.760  11.305  -2.992  1.00 10.17 ? 317  ILE A N   1 
ATOM   54  C CA  . ILE A 1 10 ? -5.518  10.769  -3.527  1.00 6.97  ? 317  ILE A CA  1 
ATOM   55  C C   . ILE A 1 10 ? -4.376  11.564  -2.924  1.00 15.68 ? 317  ILE A C   1 
ATOM   56  O O   . ILE A 1 10 ? -4.397  12.795  -2.952  1.00 16.44 ? 317  ILE A O   1 
ATOM   57  C CB  . ILE A 1 10 ? -5.470  10.883  -5.064  1.00 13.85 ? 317  ILE A CB  1 
ATOM   58  C CG1 . ILE A 1 10 ? -6.776  10.378  -5.686  1.00 21.61 ? 317  ILE A CG1 1 
ATOM   59  C CG2 . ILE A 1 10 ? -4.255  10.149  -5.628  1.00 16.39 ? 317  ILE A CG2 1 
ATOM   60  C CD1 . ILE A 1 10 ? -7.269  9.063   -5.122  1.00 12.14 ? 317  ILE A CD1 1 
ATOM   61  N N   . MET A 1 11 ? -3.386  10.865  -2.375  1.00 10.85 ? 318  MET A N   1 
ATOM   62  C CA  . MET A 1 11 ? -2.328  11.526  -1.618  1.00 17.66 ? 318  MET A CA  1 
ATOM   63  C C   . MET A 1 11 ? -0.985  10.847  -1.868  1.00 18.87 ? 318  MET A C   1 
ATOM   64  O O   . MET A 1 11 ? -0.923  9.629   -1.978  1.00 10.02 ? 318  MET A O   1 
ATOM   65  C CB  . MET A 1 11 ? -2.672  11.463  -0.128  1.00 15.14 ? 318  MET A CB  1 
ATOM   66  C CG  . MET A 1 11 ? -1.755  12.215  0.789   1.00 31.80 ? 318  MET A CG  1 
ATOM   67  S SD  . MET A 1 11 ? -2.321  12.078  2.498   1.00 37.97 ? 318  MET A SD  1 
ATOM   68  C CE  . MET A 1 11 ? -2.013  10.346  2.823   1.00 68.24 ? 318  MET A CE  1 
ATOM   69  N N   . GLU A 1 12 ? 0.084   11.632  -1.958  1.00 13.28 ? 319  GLU A N   1 
ATOM   70  C CA  . GLU A 1 12 ? 1.415   11.060  -2.052  1.00 16.95 ? 319  GLU A CA  1 
ATOM   71  C C   . GLU A 1 12 ? 2.082   11.062  -0.687  1.00 18.08 ? 319  GLU A C   1 
ATOM   72  O O   . GLU A 1 12 ? 2.034   12.056  0.041   1.00 14.03 ? 319  GLU A O   1 
ATOM   73  C CB  . GLU A 1 12 ? 2.292   11.795  -3.073  1.00 23.96 ? 319  GLU A CB  1 
ATOM   74  C CG  . GLU A 1 12 ? 3.663   11.139  -3.227  1.00 38.17 ? 319  GLU A CG  1 
ATOM   75  C CD  . GLU A 1 12 ? 4.444   11.642  -4.429  1.00 55.07 ? 319  GLU A CD  1 
ATOM   76  O OE1 . GLU A 1 12 ? 4.965   12.778  -4.368  1.00 55.73 ? 319  GLU A OE1 1 
ATOM   77  O OE2 . GLU A 1 12 ? 4.543   10.893  -5.429  1.00 60.19 ? 319  GLU A OE2 1 
ATOM   78  N N   . ILE A 1 13 ? 2.697   9.934   -0.348  1.00 12.61 ? 320  ILE A N   1 
ATOM   79  C CA  . ILE A 1 13 ? 3.385   9.778   0.921   1.00 9.46  ? 320  ILE A CA  1 
ATOM   80  C C   . ILE A 1 13 ? 4.811   9.310   0.664   1.00 15.44 ? 320  ILE A C   1 
ATOM   81  O O   . ILE A 1 13 ? 5.033   8.286   0.014   1.00 17.32 ? 320  ILE A O   1 
ATOM   82  C CB  . ILE A 1 13 ? 2.685   8.754   1.837   1.00 12.75 ? 320  ILE A CB  1 
ATOM   83  C CG1 . ILE A 1 13 ? 1.269   9.211   2.189   1.00 11.57 ? 320  ILE A CG1 1 
ATOM   84  C CG2 . ILE A 1 13 ? 3.486   8.550   3.123   1.00 14.13 ? 320  ILE A CG2 1 
ATOM   85  C CD1 . ILE A 1 13 ? 0.447   8.129   2.884   1.00 9.88  ? 320  ILE A CD1 1 
ATOM   86  N N   . LYS A 1 14 ? 5.773   10.069  1.176   1.00 11.78 ? 321  LYS A N   1 
ATOM   87  C CA  . LYS A 1 14 ? 7.177   9.696   1.107   1.00 12.73 ? 321  LYS A CA  1 
ATOM   88  C C   . LYS A 1 14 ? 7.619   9.045   2.411   1.00 12.48 ? 321  LYS A C   1 
ATOM   89  O O   . LYS A 1 14 ? 7.496   9.638   3.484   1.00 15.40 ? 321  LYS A O   1 
ATOM   90  C CB  . LYS A 1 14 ? 8.040   10.931  0.848   1.00 11.98 ? 321  LYS A CB  1 
ATOM   91  C CG  . LYS A 1 14 ? 9.533   10.632  0.958   1.00 19.33 ? 321  LYS A CG  1 
ATOM   92  C CD  . LYS A 1 14 ? 10.367  11.903  1.024   1.00 30.00 ? 321  LYS A CD  1 
ATOM   93  C CE  . LYS A 1 14 ? 11.695  11.647  1.740   1.00 37.34 ? 321  LYS A CE  1 
ATOM   94  N NZ  . LYS A 1 14 ? 12.692  12.741  1.532   1.00 32.85 ? 321  LYS A NZ  1 
ATOM   95  N N   . LEU A 1 15 ? 8.136   7.825   2.318   1.00 9.27  ? 322  LEU A N   1 
ATOM   96  C CA  . LEU A 1 15 ? 8.604   7.093   3.489   1.00 4.60  ? 322  LEU A CA  1 
ATOM   97  C C   . LEU A 1 15 ? 10.101  6.828   3.365   1.00 10.81 ? 322  LEU A C   1 
ATOM   98  O O   . LEU A 1 15 ? 10.589  6.526   2.282   1.00 9.16  ? 322  LEU A O   1 
ATOM   99  C CB  . LEU A 1 15 ? 7.872   5.753   3.599   1.00 11.45 ? 322  LEU A CB  1 
ATOM   100 C CG  . LEU A 1 15 ? 6.775   5.535   4.644   1.00 21.07 ? 322  LEU A CG  1 
ATOM   101 C CD1 . LEU A 1 15 ? 6.015   6.809   4.947   1.00 17.89 ? 322  LEU A CD1 1 
ATOM   102 C CD2 . LEU A 1 15 ? 5.831   4.424   4.220   1.00 13.33 ? 322  LEU A CD2 1 
ATOM   103 N N   . ILE A 1 16 ? 10.814  6.932   4.481   1.00 5.12  ? 323  ILE A N   1 
ATOM   104 C CA  . ILE A 1 16 ? 12.219  6.531   4.558   1.00 9.25  ? 323  ILE A CA  1 
ATOM   105 C C   . ILE A 1 16 ? 12.300  5.254   5.379   1.00 16.05 ? 323  ILE A C   1 
ATOM   106 O O   . ILE A 1 16 ? 11.854  5.221   6.534   1.00 11.68 ? 323  ILE A O   1 
ATOM   107 C CB  . ILE A 1 16 ? 13.078  7.614   5.234   1.00 10.44 ? 323  ILE A CB  1 
ATOM   108 C CG1 . ILE A 1 16 ? 13.025  8.911   4.416   1.00 12.51 ? 323  ILE A CG1 1 
ATOM   109 C CG2 . ILE A 1 16 ? 14.522  7.116   5.422   1.00 7.53  ? 323  ILE A CG2 1 
ATOM   110 C CD1 . ILE A 1 16 ? 13.448  10.157  5.193   1.00 18.14 ? 323  ILE A CD1 1 
ATOM   111 N N   . LYS A 1 17 ? 12.850  4.199   4.783   1.00 10.53 ? 324  LYS A N   1 
ATOM   112 C CA  . LYS A 1 17 ? 12.920  2.907   5.448   1.00 12.66 ? 324  LYS A CA  1 
ATOM   113 C C   . LYS A 1 17 ? 13.718  2.991   6.745   1.00 16.71 ? 324  LYS A C   1 
ATOM   114 O O   . LYS A 1 17 ? 14.686  3.748   6.831   1.00 14.23 ? 324  LYS A O   1 
ATOM   115 C CB  . LYS A 1 17 ? 13.567  1.868   4.528   1.00 13.75 ? 324  LYS A CB  1 
ATOM   116 C CG  . LYS A 1 17 ? 12.690  1.404   3.373   1.00 13.81 ? 324  LYS A CG  1 
ATOM   117 C CD  . LYS A 1 17 ? 13.430  0.394   2.522   1.00 13.97 ? 324  LYS A CD  1 
ATOM   118 C CE  . LYS A 1 17 ? 12.663  0.053   1.268   1.00 6.58  ? 324  LYS A CE  1 
ATOM   119 N NZ  . LYS A 1 17 ? 13.521  -0.799  0.404   1.00 7.47  ? 324  LYS A NZ  1 
ATOM   120 N N   . GLY A 1 18 ? 13.298  2.221   7.748   1.00 13.75 ? 325  GLY A N   1 
ATOM   121 C CA  . GLY A 1 18 ? 14.112  2.006   8.933   1.00 10.56 ? 325  GLY A CA  1 
ATOM   122 C C   . GLY A 1 18 ? 14.786  0.647   8.898   1.00 9.07  ? 325  GLY A C   1 
ATOM   123 O O   . GLY A 1 18 ? 14.718  -0.058  7.884   1.00 15.40 ? 325  GLY A O   1 
ATOM   124 N N   . PRO A 1 19 ? 15.427  0.254   10.012  1.00 12.97 ? 326  PRO A N   1 
ATOM   125 C CA  . PRO A 1 19 ? 16.075  -1.064  10.094  1.00 16.32 ? 326  PRO A CA  1 
ATOM   126 C C   . PRO A 1 19 ? 15.092  -2.197  9.764   1.00 18.06 ? 326  PRO A C   1 
ATOM   127 O O   . PRO A 1 19 ? 15.503  -3.237  9.260   1.00 23.48 ? 326  PRO A O   1 
ATOM   128 C CB  . PRO A 1 19 ? 16.503  -1.172  11.570  1.00 21.80 ? 326  PRO A CB  1 
ATOM   129 C CG  . PRO A 1 19 ? 16.407  0.218   12.133  1.00 22.10 ? 326  PRO A CG  1 
ATOM   130 C CD  . PRO A 1 19 ? 15.409  0.965   11.304  1.00 18.49 ? 326  PRO A CD  1 
ATOM   131 N N   . LYS A 1 20 ? 13.808  -1.996  10.039  1.00 17.29 ? 327  LYS A N   1 
ATOM   132 C CA  . LYS A 1 20 ? 12.807  -3.022  9.749   1.00 20.99 ? 327  LYS A CA  1 
ATOM   133 C C   . LYS A 1 20 ? 11.990  -2.738  8.481   1.00 21.15 ? 327  LYS A C   1 
ATOM   134 O O   . LYS A 1 20 ? 10.928  -3.333  8.287   1.00 13.44 ? 327  LYS A O   1 
ATOM   135 C CB  . LYS A 1 20 ? 11.841  -3.199  10.931  1.00 21.52 ? 327  LYS A CB  1 
ATOM   136 C CG  . LYS A 1 20 ? 12.503  -3.325  12.297  1.00 30.72 ? 327  LYS A CG  1 
ATOM   137 C CD  . LYS A 1 20 ? 13.575  -4.397  12.309  1.00 40.44 ? 327  LYS A CD  1 
ATOM   138 C CE  . LYS A 1 20 ? 13.020  -5.779  12.004  1.00 49.12 ? 327  LYS A CE  1 
ATOM   139 N NZ  . LYS A 1 20 ? 14.090  -6.824  12.070  1.00 50.26 ? 327  LYS A NZ  1 
ATOM   140 N N   . GLY A 1 21 ? 12.467  -1.828  7.628   1.00 13.22 ? 328  GLY A N   1 
ATOM   141 C CA  . GLY A 1 21 ? 11.753  -1.512  6.396   1.00 11.64 ? 328  GLY A CA  1 
ATOM   142 C C   . GLY A 1 21 ? 10.706  -0.414  6.528   1.00 6.39  ? 328  GLY A C   1 
ATOM   143 O O   . GLY A 1 21 ? 10.857  0.515   7.325   1.00 8.87  ? 328  GLY A O   1 
ATOM   144 N N   . LEU A 1 22 ? 9.634   -0.522  5.750   1.00 4.56  ? 329  LEU A N   1 
ATOM   145 C CA  . LEU A 1 22 ? 8.619   0.537   5.703   1.00 5.07  ? 329  LEU A CA  1 
ATOM   146 C C   . LEU A 1 22 ? 7.628   0.495   6.869   1.00 9.67  ? 329  LEU A C   1 
ATOM   147 O O   . LEU A 1 22 ? 7.053   1.516   7.238   1.00 8.30  ? 329  LEU A O   1 
ATOM   148 C CB  . LEU A 1 22 ? 7.870   0.471   4.375   1.00 4.47  ? 329  LEU A CB  1 
ATOM   149 C CG  . LEU A 1 22 ? 8.828   0.641   3.194   1.00 9.29  ? 329  LEU A CG  1 
ATOM   150 C CD1 . LEU A 1 22 ? 8.136   0.261   1.906   1.00 12.55 ? 329  LEU A CD1 1 
ATOM   151 C CD2 . LEU A 1 22 ? 9.373   2.078   3.146   1.00 10.01 ? 329  LEU A CD2 1 
ATOM   152 N N   . GLY A 1 23 ? 7.434   -0.687  7.446   1.00 6.81  ? 330  GLY A N   1 
ATOM   153 C CA  . GLY A 1 23 ? 6.595   -0.817  8.622   1.00 7.74  ? 330  GLY A CA  1 
ATOM   154 C C   . GLY A 1 23 ? 5.104   -0.911  8.350   1.00 7.28  ? 330  GLY A C   1 
ATOM   155 O O   . GLY A 1 23 ? 4.303   -0.398  9.128   1.00 7.69  ? 330  GLY A O   1 
ATOM   156 N N   . PHE A 1 24 ? 4.720   -1.554  7.246   1.00 5.85  ? 331  PHE A N   1 
ATOM   157 C CA  . PHE A 1 24 ? 3.313   -1.855  6.997   1.00 3.45  ? 331  PHE A CA  1 
ATOM   158 C C   . PHE A 1 24 ? 3.175   -3.132  6.181   1.00 8.78  ? 331  PHE A C   1 
ATOM   159 O O   . PHE A 1 24 ? 4.161   -3.637  5.636   1.00 9.80  ? 331  PHE A O   1 
ATOM   160 C CB  . PHE A 1 24 ? 2.573   -0.677  6.328   1.00 6.17  ? 331  PHE A CB  1 
ATOM   161 C CG  . PHE A 1 24 ? 3.005   -0.384  4.904   1.00 6.14  ? 331  PHE A CG  1 
ATOM   162 C CD1 . PHE A 1 24 ? 2.291   -0.889  3.833   1.00 6.88  ? 331  PHE A CD1 1 
ATOM   163 C CD2 . PHE A 1 24 ? 4.102   0.430   4.646   1.00 7.72  ? 331  PHE A CD2 1 
ATOM   164 C CE1 . PHE A 1 24 ? 2.666   -0.613  2.514   1.00 10.59 ? 331  PHE A CE1 1 
ATOM   165 C CE2 . PHE A 1 24 ? 4.486   0.722   3.332   1.00 12.31 ? 331  PHE A CE2 1 
ATOM   166 C CZ  . PHE A 1 24 ? 3.762   0.194   2.262   1.00 11.23 ? 331  PHE A CZ  1 
ATOM   167 N N   . SER A 1 25 ? 1.952   -3.648  6.109   1.00 3.66  ? 332  SER A N   1 
ATOM   168 C CA  . SER A 1 25 ? 1.642   -4.825  5.302   1.00 8.76  ? 332  SER A CA  1 
ATOM   169 C C   . SER A 1 25 ? 0.595   -4.503  4.242   1.00 6.62  ? 332  SER A C   1 
ATOM   170 O O   . SER A 1 25 ? -0.224  -3.591  4.426   1.00 8.12  ? 332  SER A O   1 
ATOM   171 C CB  . SER A 1 25 ? 1.128   -5.969  6.187   1.00 10.09 ? 332  SER A CB  1 
ATOM   172 O OG  . SER A 1 25 ? 2.123   -6.397  7.092   1.00 9.12  ? 332  SER A OG  1 
ATOM   173 N N   . ILE A 1 26 ? 0.626   -5.250  3.144   1.00 2.56  ? 333  ILE A N   1 
ATOM   174 C CA  . ILE A 1 26 ? -0.389  -5.126  2.091   1.00 10.32 ? 333  ILE A CA  1 
ATOM   175 C C   . ILE A 1 26 ? -1.088  -6.459  1.832   1.00 5.53  ? 333  ILE A C   1 
ATOM   176 O O   . ILE A 1 26 ? -0.475  -7.529  1.964   1.00 6.34  ? 333  ILE A O   1 
ATOM   177 C CB  . ILE A 1 26 ? 0.203   -4.594  0.755   1.00 8.95  ? 333  ILE A CB  1 
ATOM   178 C CG1 . ILE A 1 26 ? 1.353   -5.491  0.277   1.00 6.54  ? 333  ILE A CG1 1 
ATOM   179 C CG2 . ILE A 1 26 ? 0.678   -3.145  0.920   1.00 9.75  ? 333  ILE A CG2 1 
ATOM   180 C CD1 . ILE A 1 26 ? 1.653   -5.442  -1.239  1.00 4.84  ? 333  ILE A CD1 1 
ATOM   181 N N   . ALA A 1 27 ? -2.377  -6.384  1.504   1.00 4.25  ? 334  ALA A N   1 
ATOM   182 C CA  . ALA A 1 27 ? -3.136  -7.514  0.999   1.00 8.48  ? 334  ALA A CA  1 
ATOM   183 C C   . ALA A 1 27 ? -3.742  -7.088  -0.340  1.00 10.62 ? 334  ALA A C   1 
ATOM   184 O O   . ALA A 1 27 ? -3.504  -5.969  -0.803  1.00 10.93 ? 334  ALA A O   1 
ATOM   185 C CB  . ALA A 1 27 ? -4.243  -7.932  1.996   1.00 3.40  ? 334  ALA A CB  1 
ATOM   186 N N   . GLY A 1 28 ? -4.505  -7.972  -0.968  1.00 7.38  ? 335  GLY A N   1 
ATOM   187 C CA  . GLY A 1 28 ? -5.191  -7.634  -2.203  1.00 6.40  ? 335  GLY A CA  1 
ATOM   188 C C   . GLY A 1 28 ? -4.413  -7.923  -3.478  1.00 9.45  ? 335  GLY A C   1 
ATOM   189 O O   . GLY A 1 28 ? -3.302  -8.468  -3.456  1.00 8.43  ? 335  GLY A O   1 
ATOM   190 N N   . GLY A 1 29 ? -5.012  -7.557  -4.606  1.00 9.42  ? 336  GLY A N   1 
ATOM   191 C CA  . GLY A 1 29 ? -4.413  -7.804  -5.906  1.00 9.85  ? 336  GLY A CA  1 
ATOM   192 C C   . GLY A 1 29 ? -5.329  -8.672  -6.748  1.00 8.56  ? 336  GLY A C   1 
ATOM   193 O O   . GLY A 1 29 ? -6.199  -9.367  -6.218  1.00 9.11  ? 336  GLY A O   1 
ATOM   194 N N   . VAL A 1 30 ? -5.155  -8.620  -8.062  1.00 5.83  ? 337  VAL A N   1 
ATOM   195 C CA  . VAL A 1 30 ? -5.883  -9.510  -8.957  1.00 8.36  ? 337  VAL A CA  1 
ATOM   196 C C   . VAL A 1 30 ? -5.570  -10.948 -8.564  1.00 13.25 ? 337  VAL A C   1 
ATOM   197 O O   . VAL A 1 30 ? -4.404  -11.307 -8.409  1.00 13.06 ? 337  VAL A O   1 
ATOM   198 C CB  . VAL A 1 30 ? -5.463  -9.272  -10.417 1.00 13.33 ? 337  VAL A CB  1 
ATOM   199 C CG1 . VAL A 1 30 ? -6.107  -10.303 -11.329 1.00 11.23 ? 337  VAL A CG1 1 
ATOM   200 C CG2 . VAL A 1 30 ? -5.840  -7.851  -10.857 1.00 14.43 ? 337  VAL A CG2 1 
ATOM   201 N N   . GLY A 1 31 ? -6.603  -11.767 -8.385  1.00 16.08 ? 338  GLY A N   1 
ATOM   202 C CA  . GLY A 1 31 ? -6.419  -13.152 -7.986  1.00 11.61 ? 338  GLY A CA  1 
ATOM   203 C C   . GLY A 1 31 ? -6.170  -13.315 -6.491  1.00 12.29 ? 338  GLY A C   1 
ATOM   204 O O   . GLY A 1 31 ? -5.849  -14.401 -6.021  1.00 12.61 ? 338  GLY A O   1 
ATOM   205 N N   . ASN A 1 32 ? -6.320  -12.234 -5.735  1.00 7.47  ? 339  ASN A N   1 
ATOM   206 C CA  . ASN A 1 32 ? -6.017  -12.264 -4.313  1.00 11.76 ? 339  ASN A CA  1 
ATOM   207 C C   . ASN A 1 32 ? -6.849  -11.210 -3.589  1.00 11.04 ? 339  ASN A C   1 
ATOM   208 O O   . ASN A 1 32 ? -6.373  -10.519 -2.688  1.00 10.00 ? 339  ASN A O   1 
ATOM   209 C CB  . ASN A 1 32 ? -4.518  -12.017 -4.100  1.00 8.07  ? 339  ASN A CB  1 
ATOM   210 C CG  . ASN A 1 32 ? -4.109  -12.164 -2.653  1.00 12.68 ? 339  ASN A CG  1 
ATOM   211 O OD1 . ASN A 1 32 ? -4.375  -13.189 -2.027  1.00 11.30 ? 339  ASN A OD1 1 
ATOM   212 N ND2 . ASN A 1 32 ? -3.478  -11.129 -2.104  1.00 10.34 ? 339  ASN A ND2 1 
ATOM   213 N N   . GLN A 1 33 ? -8.097  -11.079 -4.009  1.00 7.60  ? 340  GLN A N   1 
ATOM   214 C CA  . GLN A 1 33 ? -8.954  -9.992  -3.541  1.00 9.44  ? 340  GLN A CA  1 
ATOM   215 C C   . GLN A 1 33 ? -9.035  -9.859  -2.025  1.00 10.33 ? 340  GLN A C   1 
ATOM   216 O O   . GLN A 1 33 ? -9.334  -10.818 -1.310  1.00 8.28  ? 340  GLN A O   1 
ATOM   217 C CB  . GLN A 1 33 ? -10.362 -10.127 -4.130  1.00 7.70  ? 340  GLN A CB  1 
ATOM   218 C CG  . GLN A 1 33 ? -10.416 -9.991  -5.643  1.00 9.58  ? 340  GLN A CG  1 
ATOM   219 C CD  . GLN A 1 33 ? -11.832 -9.998  -6.182  1.00 15.60 ? 340  GLN A CD  1 
ATOM   220 O OE1 . GLN A 1 33 ? -12.753 -10.511 -5.541  1.00 14.81 ? 340  GLN A OE1 1 
ATOM   221 N NE2 . GLN A 1 33 ? -12.016 -9.418  -7.371  1.00 14.32 ? 340  GLN A NE2 1 
ATOM   222 N N   . HIS A 1 34 ? -8.794  -8.647  -1.541  1.00 6.05  ? 341  HIS A N   1 
ATOM   223 C CA  . HIS A 1 34 ? -8.909  -8.350  -0.120  1.00 8.73  ? 341  HIS A CA  1 
ATOM   224 C C   . HIS A 1 34 ? -10.385 -8.099  0.233   1.00 10.62 ? 341  HIS A C   1 
ATOM   225 O O   . HIS A 1 34 ? -10.843 -8.426  1.329   1.00 10.02 ? 341  HIS A O   1 
ATOM   226 C CB  . HIS A 1 34 ? -8.014  -7.151  0.220   1.00 13.49 ? 341  HIS A CB  1 
ATOM   227 C CG  . HIS A 1 34 ? -8.191  -6.617  1.610   1.00 6.65  ? 341  HIS A CG  1 
ATOM   228 N ND1 . HIS A 1 34 ? -7.954  -7.371  2.742   1.00 11.06 ? 341  HIS A ND1 1 
ATOM   229 C CD2 . HIS A 1 34 ? -8.563  -5.391  2.048   1.00 9.66  ? 341  HIS A CD2 1 
ATOM   230 C CE1 . HIS A 1 34 ? -8.180  -6.634  3.813   1.00 14.17 ? 341  HIS A CE1 1 
ATOM   231 N NE2 . HIS A 1 34 ? -8.550  -5.427  3.421   1.00 12.66 ? 341  HIS A NE2 1 
ATOM   232 N N   . ILE A 1 35 ? -11.117 -7.520  -0.716  1.00 9.10  ? 342  ILE A N   1 
ATOM   233 C CA  . ILE A 1 35 ? -12.564 -7.317  -0.599  1.00 14.20 ? 342  ILE A CA  1 
ATOM   234 C C   . ILE A 1 35 ? -13.203 -7.877  -1.853  1.00 13.38 ? 342  ILE A C   1 
ATOM   235 O O   . ILE A 1 35 ? -12.765 -7.558  -2.957  1.00 13.05 ? 342  ILE A O   1 
ATOM   236 C CB  . ILE A 1 35 ? -12.912 -5.820  -0.476  1.00 13.58 ? 342  ILE A CB  1 
ATOM   237 C CG1 . ILE A 1 35 ? -12.218 -5.221  0.749   1.00 10.93 ? 342  ILE A CG1 1 
ATOM   238 C CG2 . ILE A 1 35 ? -14.431 -5.620  -0.375  1.00 16.79 ? 342  ILE A CG2 1 
ATOM   239 C CD1 . ILE A 1 35 ? -12.377 -3.725  0.872   1.00 17.07 ? 342  ILE A CD1 1 
ATOM   240 N N   . PRO A 1 36 ? -14.225 -8.728  -1.694  1.00 14.37 ? 343  PRO A N   1 
ATOM   241 C CA  . PRO A 1 36 ? -14.847 -9.392  -2.843  1.00 15.74 ? 343  PRO A CA  1 
ATOM   242 C C   . PRO A 1 36 ? -15.185 -8.391  -3.942  1.00 15.16 ? 343  PRO A C   1 
ATOM   243 O O   . PRO A 1 36 ? -15.826 -7.375  -3.668  1.00 11.79 ? 343  PRO A O   1 
ATOM   244 C CB  . PRO A 1 36 ? -16.129 -9.985  -2.248  1.00 26.21 ? 343  PRO A CB  1 
ATOM   245 C CG  . PRO A 1 36 ? -15.795 -10.202 -0.808  1.00 22.35 ? 343  PRO A CG  1 
ATOM   246 C CD  . PRO A 1 36 ? -14.905 -9.056  -0.430  1.00 12.07 ? 343  PRO A CD  1 
ATOM   247 N N   . GLY A 1 37 ? -14.738 -8.664  -5.163  1.00 11.29 ? 344  GLY A N   1 
ATOM   248 C CA  . GLY A 1 37 ? -15.010 -7.783  -6.285  1.00 21.47 ? 344  GLY A CA  1 
ATOM   249 C C   . GLY A 1 37 ? -14.047 -6.616  -6.439  1.00 15.41 ? 344  GLY A C   1 
ATOM   250 O O   . GLY A 1 37 ? -14.194 -5.810  -7.356  1.00 11.80 ? 344  GLY A O   1 
ATOM   251 N N   . ASP A 1 38 ? -13.050 -6.532  -5.558  1.00 15.54 ? 345  ASP A N   1 
ATOM   252 C CA  . ASP A 1 38 ? -12.088 -5.431  -5.570  1.00 12.72 ? 345  ASP A CA  1 
ATOM   253 C C   . ASP A 1 38 ? -10.668 -5.996  -5.661  1.00 13.15 ? 345  ASP A C   1 
ATOM   254 O O   . ASP A 1 38 ? -10.268 -6.768  -4.795  1.00 6.80  ? 345  ASP A O   1 
ATOM   255 C CB  . ASP A 1 38 ? -12.240 -4.635  -4.277  1.00 14.72 ? 345  ASP A CB  1 
ATOM   256 C CG  . ASP A 1 38 ? -11.474 -3.322  -4.286  1.00 15.09 ? 345  ASP A CG  1 
ATOM   257 O OD1 . ASP A 1 38 ? -10.534 -3.152  -5.097  1.00 14.14 ? 345  ASP A OD1 1 
ATOM   258 O OD2 . ASP A 1 38 ? -11.818 -2.449  -3.459  1.00 18.04 ? 345  ASP A OD2 1 
ATOM   259 N N   . ASN A 1 39 ? -9.922  -5.624  -6.706  1.00 8.69  ? 346  ASN A N   1 
ATOM   260 C CA  . ASN A 1 39 ? -8.558  -6.115  -6.898  1.00 9.00  ? 346  ASN A CA  1 
ATOM   261 C C   . ASN A 1 39 ? -7.483  -5.206  -6.300  1.00 9.42  ? 346  ASN A C   1 
ATOM   262 O O   . ASN A 1 39 ? -6.302  -5.502  -6.413  1.00 9.04  ? 346  ASN A O   1 
ATOM   263 C CB  . ASN A 1 39 ? -8.252  -6.331  -8.394  1.00 3.75  ? 346  ASN A CB  1 
ATOM   264 C CG  . ASN A 1 39 ? -9.151  -7.379  -9.032  1.00 14.71 ? 346  ASN A CG  1 
ATOM   265 O OD1 . ASN A 1 39 ? -9.523  -8.376  -8.399  1.00 13.18 ? 346  ASN A OD1 1 
ATOM   266 N ND2 . ASN A 1 39 ? -9.514  -7.154  -10.291 1.00 9.16  ? 346  ASN A ND2 1 
ATOM   267 N N   . SER A 1 40 ? -7.889  -4.101  -5.678  1.00 8.65  ? 347  SER A N   1 
ATOM   268 C CA  . SER A 1 40 ? -6.935  -3.099  -5.185  1.00 10.33 ? 347  SER A CA  1 
ATOM   269 C C   . SER A 1 40 ? -5.920  -3.666  -4.191  1.00 6.33  ? 347  SER A C   1 
ATOM   270 O O   . SER A 1 40 ? -6.224  -4.597  -3.442  1.00 8.51  ? 347  SER A O   1 
ATOM   271 C CB  . SER A 1 40 ? -7.671  -1.935  -4.503  1.00 13.81 ? 347  SER A CB  1 
ATOM   272 O OG  . SER A 1 40 ? -8.505  -1.226  -5.397  1.00 14.47 ? 347  SER A OG  1 
ATOM   273 N N   . ILE A 1 41 ? -4.721  -3.086  -4.166  1.00 5.23  ? 348  ILE A N   1 
ATOM   274 C CA  . ILE A 1 41 ? -3.785  -3.383  -3.088  1.00 5.66  ? 348  ILE A CA  1 
ATOM   275 C C   . ILE A 1 41 ? -4.188  -2.520  -1.894  1.00 9.66  ? 348  ILE A C   1 
ATOM   276 O O   . ILE A 1 41 ? -4.382  -1.305  -2.032  1.00 8.32  ? 348  ILE A O   1 
ATOM   277 C CB  . ILE A 1 41 ? -2.321  -3.078  -3.492  1.00 9.76  ? 348  ILE A CB  1 
ATOM   278 C CG1 . ILE A 1 41 ? -1.928  -3.850  -4.765  1.00 12.00 ? 348  ILE A CG1 1 
ATOM   279 C CG2 . ILE A 1 41 ? -1.356  -3.355  -2.328  1.00 7.19  ? 348  ILE A CG2 1 
ATOM   280 C CD1 . ILE A 1 41 ? -2.117  -5.374  -4.671  1.00 7.65  ? 348  ILE A CD1 1 
ATOM   281 N N   . TYR A 1 42 ? -4.327  -3.147  -0.730  1.00 7.75  ? 349  TYR A N   1 
ATOM   282 C CA  . TYR A 1 42 ? -4.732  -2.441  0.474   1.00 5.80  ? 349  TYR A CA  1 
ATOM   283 C C   . TYR A 1 42 ? -3.692  -2.539  1.583   1.00 7.36  ? 349  TYR A C   1 
ATOM   284 O O   . TYR A 1 42 ? -3.090  -3.593  1.774   1.00 4.13  ? 349  TYR A O   1 
ATOM   285 C CB  . TYR A 1 42 ? -6.015  -3.054  1.019   1.00 7.43  ? 349  TYR A CB  1 
ATOM   286 C CG  . TYR A 1 42 ? -7.286  -2.567  0.377   1.00 9.83  ? 349  TYR A CG  1 
ATOM   287 C CD1 . TYR A 1 42 ? -7.898  -1.405  0.820   1.00 17.91 ? 349  TYR A CD1 1 
ATOM   288 C CD2 . TYR A 1 42 ? -7.894  -3.285  -0.650  1.00 8.94  ? 349  TYR A CD2 1 
ATOM   289 C CE1 . TYR A 1 42 ? -9.081  -0.958  0.262   1.00 17.43 ? 349  TYR A CE1 1 
ATOM   290 C CE2 . TYR A 1 42 ? -9.082  -2.846  -1.217  1.00 11.13 ? 349  TYR A CE2 1 
ATOM   291 C CZ  . TYR A 1 42 ? -9.666  -1.678  -0.754  1.00 14.63 ? 349  TYR A CZ  1 
ATOM   292 O OH  . TYR A 1 42 ? -10.841 -1.223  -1.297  1.00 18.19 ? 349  TYR A OH  1 
ATOM   293 N N   . VAL A 1 43 ? -3.521  -1.456  2.339   1.00 6.14  ? 350  VAL A N   1 
ATOM   294 C CA  . VAL A 1 43 ? -2.723  -1.480  3.561   1.00 9.17  ? 350  VAL A CA  1 
ATOM   295 C C   . VAL A 1 43 ? -3.555  -2.141  4.672   1.00 10.27 ? 350  VAL A C   1 
ATOM   296 O O   . VAL A 1 43 ? -4.675  -1.724  4.945   1.00 11.48 ? 350  VAL A O   1 
ATOM   297 C CB  . VAL A 1 43 ? -2.289  -0.052  4.001   1.00 8.42  ? 350  VAL A CB  1 
ATOM   298 C CG1 . VAL A 1 43 ? -1.544  -0.101  5.323   1.00 5.19  ? 350  VAL A CG1 1 
ATOM   299 C CG2 . VAL A 1 43 ? -1.436  0.620   2.928   1.00 5.95  ? 350  VAL A CG2 1 
ATOM   300 N N   . THR A 1 44 ? -3.005  -3.172  5.307   1.00 6.18  ? 351  THR A N   1 
ATOM   301 C CA  . THR A 1 44 ? -3.764  -3.946  6.288   1.00 5.14  ? 351  THR A CA  1 
ATOM   302 C C   . THR A 1 44 ? -3.128  -3.967  7.664   1.00 9.73  ? 351  THR A C   1 
ATOM   303 O O   . THR A 1 44 ? -3.743  -4.431  8.621   1.00 12.07 ? 351  THR A O   1 
ATOM   304 C CB  . THR A 1 44 ? -3.942  -5.404  5.836   1.00 11.75 ? 351  THR A CB  1 
ATOM   305 O OG1 . THR A 1 44 ? -2.653  -6.019  5.678   1.00 14.70 ? 351  THR A OG1 1 
ATOM   306 C CG2 . THR A 1 44 ? -4.720  -5.470  4.511   1.00 7.52  ? 351  THR A CG2 1 
ATOM   307 N N   . LYS A 1 45 ? -1.897  -3.478  7.767   1.00 7.94  ? 352  LYS A N   1 
ATOM   308 C CA  . LYS A 1 45 ? -1.199  -3.442  9.047   1.00 4.45  ? 352  LYS A CA  1 
ATOM   309 C C   . LYS A 1 45 ? -0.188  -2.291  9.060   1.00 7.35  ? 352  LYS A C   1 
ATOM   310 O O   . LYS A 1 45 ? 0.417   -1.964  8.036   1.00 6.68  ? 352  LYS A O   1 
ATOM   311 C CB  . LYS A 1 45 ? -0.508  -4.785  9.329   1.00 6.34  ? 352  LYS A CB  1 
ATOM   312 C CG  . LYS A 1 45 ? 0.072   -4.883  10.748  1.00 12.55 ? 352  LYS A CG  1 
ATOM   313 C CD  . LYS A 1 45 ? 0.912   -6.137  10.969  1.00 22.63 ? 352  LYS A CD  1 
ATOM   314 C CE  . LYS A 1 45 ? 0.112   -7.416  10.784  1.00 35.52 ? 352  LYS A CE  1 
ATOM   315 N NZ  . LYS A 1 45 ? -0.897  -7.655  11.855  1.00 47.30 ? 352  LYS A NZ  1 
ATOM   316 N N   . ILE A 1 46 ? -0.039  -1.651  10.214  1.00 6.54  ? 353  ILE A N   1 
ATOM   317 C CA  . ILE A 1 46 ? 0.980   -0.620  10.399  1.00 12.28 ? 353  ILE A CA  1 
ATOM   318 C C   . ILE A 1 46 ? 1.722   -0.884  11.706  1.00 9.65  ? 353  ILE A C   1 
ATOM   319 O O   . ILE A 1 46 ? 1.105   -0.943  12.761  1.00 7.80  ? 353  ILE A O   1 
ATOM   320 C CB  . ILE A 1 46 ? 0.348   0.801   10.392  1.00 16.25 ? 353  ILE A CB  1 
ATOM   321 C CG1 . ILE A 1 46 ? -0.015  1.198   8.954   1.00 17.19 ? 353  ILE A CG1 1 
ATOM   322 C CG2 . ILE A 1 46 ? 1.310   1.834   10.959  1.00 15.08 ? 353  ILE A CG2 1 
ATOM   323 C CD1 . ILE A 1 46 ? -0.825  2.437   8.880   1.00 26.29 ? 353  ILE A CD1 1 
ATOM   324 N N   . ILE A 1 47 ? 3.037   -1.069  11.631  1.00 7.54  ? 354  ILE A N   1 
ATOM   325 C CA  . ILE A 1 47 ? 3.818   -1.479  12.800  1.00 8.22  ? 354  ILE A CA  1 
ATOM   326 C C   . ILE A 1 47 ? 4.082   -0.288  13.725  1.00 15.89 ? 354  ILE A C   1 
ATOM   327 O O   . ILE A 1 47 ? 4.555   0.758   13.282  1.00 10.28 ? 354  ILE A O   1 
ATOM   328 C CB  . ILE A 1 47 ? 5.182   -2.119  12.403  1.00 9.76  ? 354  ILE A CB  1 
ATOM   329 C CG1 . ILE A 1 47 ? 4.995   -3.300  11.439  1.00 15.84 ? 354  ILE A CG1 1 
ATOM   330 C CG2 . ILE A 1 47 ? 5.952   -2.557  13.647  1.00 11.88 ? 354  ILE A CG2 1 
ATOM   331 C CD1 . ILE A 1 47 ? 4.043   -4.354  11.926  1.00 24.44 ? 354  ILE A CD1 1 
ATOM   332 N N   . GLU A 1 48 ? 3.780   -0.448  15.010  1.00 14.13 ? 355  GLU A N   1 
ATOM   333 C CA  . GLU A 1 48 ? 4.035   0.613   15.977  1.00 12.13 ? 355  GLU A CA  1 
ATOM   334 C C   . GLU A 1 48 ? 5.530   0.885   16.021  1.00 17.45 ? 355  GLU A C   1 
ATOM   335 O O   . GLU A 1 48 ? 6.312   -0.036  16.177  1.00 12.93 ? 355  GLU A O   1 
ATOM   336 C CB  . GLU A 1 48 ? 3.531   0.212   17.366  1.00 14.10 ? 355  GLU A CB  1 
ATOM   337 C CG  . GLU A 1 48 ? 2.041   0.428   17.563  1.00 35.51 ? 355  GLU A CG  1 
ATOM   338 C CD  . GLU A 1 48 ? 1.564   -0.039  18.923  1.00 49.31 ? 355  GLU A CD  1 
ATOM   339 O OE1 . GLU A 1 48 ? 2.253   0.248   19.927  1.00 50.32 ? 355  GLU A OE1 1 
ATOM   340 O OE2 . GLU A 1 48 ? 0.505   -0.704  18.984  1.00 52.49 ? 355  GLU A OE2 1 
ATOM   341 N N   . GLY A 1 49 ? 5.923   2.145   15.869  1.00 14.87 ? 356  GLY A N   1 
ATOM   342 C CA  . GLY A 1 49 ? 7.333   2.496   15.891  1.00 21.09 ? 356  GLY A CA  1 
ATOM   343 C C   . GLY A 1 49 ? 8.021   2.398   14.537  1.00 22.73 ? 356  GLY A C   1 
ATOM   344 O O   . GLY A 1 49 ? 9.186   2.753   14.405  1.00 20.42 ? 356  GLY A O   1 
ATOM   345 N N   . GLY A 1 50 ? 7.299   1.919   13.527  1.00 17.05 ? 357  GLY A N   1 
ATOM   346 C CA  . GLY A 1 50 ? 7.862   1.776   12.197  1.00 9.90  ? 357  GLY A CA  1 
ATOM   347 C C   . GLY A 1 50 ? 7.805   3.066   11.417  1.00 11.95 ? 357  GLY A C   1 
ATOM   348 O O   . GLY A 1 50 ? 7.225   4.051   11.874  1.00 10.68 ? 357  GLY A O   1 
ATOM   349 N N   . ALA A 1 51 ? 8.405   3.063   10.231  1.00 11.48 ? 358  ALA A N   1 
ATOM   350 C CA  . ALA A 1 51 ? 8.501   4.277   9.426   1.00 14.70 ? 358  ALA A CA  1 
ATOM   351 C C   . ALA A 1 51 ? 7.131   4.833   9.048   1.00 11.54 ? 358  ALA A C   1 
ATOM   352 O O   . ALA A 1 51 ? 6.914   6.038   9.127   1.00 11.05 ? 358  ALA A O   1 
ATOM   353 C CB  . ALA A 1 51 ? 9.337   4.026   8.167   1.00 11.75 ? 358  ALA A CB  1 
ATOM   354 N N   . ALA A 1 52 ? 6.218   3.960   8.623   1.00 9.00  ? 359  ALA A N   1 
ATOM   355 C CA  . ALA A 1 52 ? 4.898   4.407   8.208   1.00 2.49  ? 359  ALA A CA  1 
ATOM   356 C C   . ALA A 1 52 ? 4.176   4.995   9.405   1.00 9.89  ? 359  ALA A C   1 
ATOM   357 O O   . ALA A 1 52 ? 3.526   6.035   9.298   1.00 9.49  ? 359  ALA A O   1 
ATOM   358 C CB  . ALA A 1 52 ? 4.091   3.248   7.610   1.00 5.19  ? 359  ALA A CB  1 
ATOM   359 N N   . HIS A 1 53 ? 4.293   4.326   10.545  1.00 2.87  ? 360  HIS A N   1 
ATOM   360 C CA  . HIS A 1 53 ? 3.660   4.813   11.775  1.00 10.70 ? 360  HIS A CA  1 
ATOM   361 C C   . HIS A 1 53 ? 4.165   6.202   12.204  1.00 12.59 ? 360  HIS A C   1 
ATOM   362 O O   . HIS A 1 53 ? 3.382   7.120   12.438  1.00 11.08 ? 360  HIS A O   1 
ATOM   363 C CB  . HIS A 1 53 ? 3.852   3.817   12.922  1.00 10.99 ? 360  HIS A CB  1 
ATOM   364 C CG  . HIS A 1 53 ? 3.116   4.196   14.171  1.00 15.41 ? 360  HIS A CG  1 
ATOM   365 N ND1 . HIS A 1 53 ? 3.701   4.193   15.417  1.00 21.76 ? 360  HIS A ND1 1 
ATOM   366 C CD2 . HIS A 1 53 ? 1.840   4.614   14.362  1.00 20.45 ? 360  HIS A CD2 1 
ATOM   367 C CE1 . HIS A 1 53 ? 2.815   4.565   16.325  1.00 21.70 ? 360  HIS A CE1 1 
ATOM   368 N NE2 . HIS A 1 53 ? 1.677   4.826   15.705  1.00 20.02 ? 360  HIS A NE2 1 
ATOM   369 N N   . LYS A 1 54 ? 5.480   6.343   12.303  1.00 11.69 ? 361  LYS A N   1 
ATOM   370 C CA  . LYS A 1 54 ? 6.102   7.584   12.745  1.00 14.82 ? 361  LYS A CA  1 
ATOM   371 C C   . LYS A 1 54 ? 5.769   8.752   11.832  1.00 15.56 ? 361  LYS A C   1 
ATOM   372 O O   . LYS A 1 54 ? 5.546   9.869   12.289  1.00 17.74 ? 361  LYS A O   1 
ATOM   373 C CB  . LYS A 1 54 ? 7.617   7.396   12.802  1.00 16.07 ? 361  LYS A CB  1 
ATOM   374 C CG  . LYS A 1 54 ? 8.031   6.367   13.815  1.00 28.87 ? 361  LYS A CG  1 
ATOM   375 C CD  . LYS A 1 54 ? 7.616   6.807   15.211  1.00 47.47 ? 361  LYS A CD  1 
ATOM   376 C CE  . LYS A 1 54 ? 8.182   5.851   16.250  1.00 54.47 ? 361  LYS A CE  1 
ATOM   377 N NZ  . LYS A 1 54 ? 9.563   5.416   15.855  1.00 49.22 ? 361  LYS A NZ  1 
ATOM   378 N N   . ASP A 1 55 ? 5.753   8.491   10.531  1.00 18.01 ? 362  ASP A N   1 
ATOM   379 C CA  . ASP A 1 55 ? 5.360   9.503   9.560   1.00 15.44 ? 362  ASP A CA  1 
ATOM   380 C C   . ASP A 1 55 ? 3.897   9.918   9.747   1.00 21.01 ? 362  ASP A C   1 
ATOM   381 O O   . ASP A 1 55 ? 3.555   11.084  9.583   1.00 17.51 ? 362  ASP A O   1 
ATOM   382 C CB  . ASP A 1 55 ? 5.611   9.007   8.137   1.00 9.30  ? 362  ASP A CB  1 
ATOM   383 C CG  . ASP A 1 55 ? 5.008   9.918   7.097   1.00 22.60 ? 362  ASP A CG  1 
ATOM   384 O OD1 . ASP A 1 55 ? 5.625   10.966  6.797   1.00 20.59 ? 362  ASP A OD1 1 
ATOM   385 O OD2 . ASP A 1 55 ? 3.911   9.595   6.593   1.00 18.57 ? 362  ASP A OD2 1 
ATOM   386 N N   . GLY A 1 56 ? 3.036   8.955   10.058  1.00 14.62 ? 363  GLY A N   1 
ATOM   387 C CA  . GLY A 1 56 ? 1.675   9.250   10.470  1.00 19.27 ? 363  GLY A CA  1 
ATOM   388 C C   . GLY A 1 56 ? 0.619   9.493   9.405   1.00 16.32 ? 363  GLY A C   1 
ATOM   389 O O   . GLY A 1 56 ? -0.519  9.791   9.743   1.00 18.31 ? 363  GLY A O   1 
ATOM   390 N N   . LYS A 1 57 ? 0.973   9.356   8.130   1.00 7.37  ? 364  LYS A N   1 
ATOM   391 C CA  . LYS A 1 57 ? 0.024   9.621   7.053   1.00 7.36  ? 364  LYS A CA  1 
ATOM   392 C C   . LYS A 1 57 ? -0.679  8.365   6.571   1.00 14.71 ? 364  LYS A C   1 
ATOM   393 O O   . LYS A 1 57 ? -1.889  8.366   6.342   1.00 11.79 ? 364  LYS A O   1 
ATOM   394 C CB  . LYS A 1 57 ? 0.731   10.278  5.870   1.00 10.49 ? 364  LYS A CB  1 
ATOM   395 C CG  . LYS A 1 57 ? 1.400   11.601  6.183   1.00 19.80 ? 364  LYS A CG  1 
ATOM   396 C CD  . LYS A 1 57 ? 1.905   12.230  4.893   1.00 18.13 ? 364  LYS A CD  1 
ATOM   397 C CE  . LYS A 1 57 ? 3.208   12.977  5.090   1.00 30.75 ? 364  LYS A CE  1 
ATOM   398 N NZ  . LYS A 1 57 ? 3.139   13.972  6.187   1.00 29.01 ? 364  LYS A NZ  1 
ATOM   399 N N   . LEU A 1 58 ? 0.085   7.294   6.397   1.00 6.63  ? 365  LEU A N   1 
ATOM   400 C CA  . LEU A 1 58 ? -0.466  6.038   5.923   1.00 13.09 ? 365  LEU A CA  1 
ATOM   401 C C   . LEU A 1 58 ? -1.420  5.423   6.950   1.00 10.57 ? 365  LEU A C   1 
ATOM   402 O O   . LEU A 1 58 ? -1.132  5.390   8.144   1.00 10.26 ? 365  LEU A O   1 
ATOM   403 C CB  . LEU A 1 58 ? 0.668   5.058   5.610   1.00 11.98 ? 365  LEU A CB  1 
ATOM   404 C CG  . LEU A 1 58 ? 0.302   3.811   4.807   1.00 14.25 ? 365  LEU A CG  1 
ATOM   405 C CD1 . LEU A 1 58 ? -0.096  4.192   3.381   1.00 10.56 ? 365  LEU A CD1 1 
ATOM   406 C CD2 . LEU A 1 58 ? 1.463   2.806   4.806   1.00 11.39 ? 365  LEU A CD2 1 
ATOM   407 N N   . GLN A 1 59 ? -2.550  4.909   6.479   1.00 9.04  ? 366  GLN A N   1 
ATOM   408 C CA  . GLN A 1 59 ? -3.536  4.331   7.382   1.00 12.00 ? 366  GLN A CA  1 
ATOM   409 C C   . GLN A 1 59 ? -4.008  2.977   6.892   1.00 9.09  ? 366  GLN A C   1 
ATOM   410 O O   . GLN A 1 59 ? -4.140  2.758   5.695   1.00 8.13  ? 366  GLN A O   1 
ATOM   411 C CB  . GLN A 1 59 ? -4.745  5.269   7.536   1.00 16.98 ? 366  GLN A CB  1 
ATOM   412 C CG  . GLN A 1 59 ? -4.427  6.611   8.193   1.00 18.05 ? 366  GLN A CG  1 
ATOM   413 C CD  . GLN A 1 59 ? -4.034  6.456   9.650   1.00 44.45 ? 366  GLN A CD  1 
ATOM   414 O OE1 . GLN A 1 59 ? -4.826  5.982   10.474  1.00 61.02 ? 366  GLN A OE1 1 
ATOM   415 N NE2 . GLN A 1 59 ? -2.801  6.849   9.981   1.00 43.98 ? 366  GLN A NE2 1 
ATOM   416 N N   . ILE A 1 60 ? -4.266  2.061   7.821   1.00 10.10 ? 367  ILE A N   1 
ATOM   417 C CA  . ILE A 1 60 ? -4.950  0.822   7.477   1.00 5.14  ? 367  ILE A CA  1 
ATOM   418 C C   . ILE A 1 60 ? -6.250  1.150   6.721   1.00 11.10 ? 367  ILE A C   1 
ATOM   419 O O   . ILE A 1 60 ? -6.990  2.044   7.113   1.00 9.22  ? 367  ILE A O   1 
ATOM   420 C CB  . ILE A 1 60 ? -5.262  0.011   8.736   1.00 9.95  ? 367  ILE A CB  1 
ATOM   421 C CG1 . ILE A 1 60 ? -3.966  -0.541  9.341   1.00 14.35 ? 367  ILE A CG1 1 
ATOM   422 C CG2 . ILE A 1 60 ? -6.237  -1.110  8.426   1.00 13.46 ? 367  ILE A CG2 1 
ATOM   423 C CD1 . ILE A 1 60 ? -4.197  -1.344  10.604  1.00 20.70 ? 367  ILE A CD1 1 
ATOM   424 N N   . GLY A 1 61 ? -6.519  0.442   5.632   1.00 5.05  ? 368  GLY A N   1 
ATOM   425 C CA  . GLY A 1 61 ? -7.684  0.747   4.817   1.00 5.74  ? 368  GLY A CA  1 
ATOM   426 C C   . GLY A 1 61 ? -7.355  1.562   3.583   1.00 8.86  ? 368  GLY A C   1 
ATOM   427 O O   . GLY A 1 61 ? -8.141  1.607   2.639   1.00 9.72  ? 368  GLY A O   1 
ATOM   428 N N   . ASP A 1 62 ? -6.187  2.202   3.575   1.00 6.93  ? 369  ASP A N   1 
ATOM   429 C CA  . ASP A 1 62 ? -5.725  2.926   2.388   1.00 7.50  ? 369  ASP A CA  1 
ATOM   430 C C   . ASP A 1 62 ? -5.466  1.957   1.245   1.00 14.13 ? 369  ASP A C   1 
ATOM   431 O O   . ASP A 1 62 ? -4.914  0.866   1.463   1.00 7.08  ? 369  ASP A O   1 
ATOM   432 C CB  . ASP A 1 62 ? -4.425  3.689   2.674   1.00 8.77  ? 369  ASP A CB  1 
ATOM   433 C CG  . ASP A 1 62 ? -4.648  4.931   3.527   1.00 17.30 ? 369  ASP A CG  1 
ATOM   434 O OD1 . ASP A 1 62 ? -5.820  5.316   3.718   1.00 10.27 ? 369  ASP A OD1 1 
ATOM   435 O OD2 . ASP A 1 62 ? -3.648  5.523   3.998   1.00 15.87 ? 369  ASP A OD2 1 
ATOM   436 N N   . LYS A 1 63 ? -5.850  2.359   0.030   1.00 12.48 ? 370  LYS A N   1 
ATOM   437 C CA  . LYS A 1 63 ? -5.427  1.655   -1.175  1.00 10.41 ? 370  LYS A CA  1 
ATOM   438 C C   . LYS A 1 63 ? -4.033  2.116   -1.588  1.00 7.67  ? 370  LYS A C   1 
ATOM   439 O O   . LYS A 1 63 ? -3.752  3.315   -1.617  1.00 6.98  ? 370  LYS A O   1 
ATOM   440 C CB  . LYS A 1 63 ? -6.386  1.919   -2.338  1.00 5.20  ? 370  LYS A CB  1 
ATOM   441 C CG  . LYS A 1 63 ? -7.730  1.236   -2.224  1.00 18.09 ? 370  LYS A CG  1 
ATOM   442 C CD  . LYS A 1 63 ? -8.583  1.556   -3.445  1.00 24.98 ? 370  LYS A CD  1 
ATOM   443 C CE  . LYS A 1 63 ? -10.022 1.121   -3.247  1.00 24.93 ? 370  LYS A CE  1 
ATOM   444 N NZ  . LYS A 1 63 ? -10.905 1.611   -4.347  1.00 28.40 ? 370  LYS A NZ  1 
ATOM   445 N N   . LEU A 1 64 ? -3.166  1.172   -1.931  1.00 7.47  ? 371  LEU A N   1 
ATOM   446 C CA  . LEU A 1 64 ? -1.876  1.523   -2.501  1.00 10.26 ? 371  LEU A CA  1 
ATOM   447 C C   . LEU A 1 64 ? -1.991  1.571   -4.036  1.00 12.34 ? 371  LEU A C   1 
ATOM   448 O O   . LEU A 1 64 ? -2.116  0.531   -4.691  1.00 11.83 ? 371  LEU A O   1 
ATOM   449 C CB  . LEU A 1 64 ? -0.803  0.530   -2.048  1.00 10.86 ? 371  LEU A CB  1 
ATOM   450 C CG  . LEU A 1 64 ? 0.648   0.863   -2.423  1.00 9.10  ? 371  LEU A CG  1 
ATOM   451 C CD1 . LEU A 1 64 ? 1.102   2.185   -1.820  1.00 14.75 ? 371  LEU A CD1 1 
ATOM   452 C CD2 . LEU A 1 64 ? 1.563   -0.256  -1.968  1.00 9.42  ? 371  LEU A CD2 1 
ATOM   453 N N   . LEU A 1 65 ? -1.974  2.782   -4.597  1.00 8.78  ? 372  LEU A N   1 
ATOM   454 C CA  . LEU A 1 65 ? -2.137  2.988   -6.042  1.00 12.16 ? 372  LEU A CA  1 
ATOM   455 C C   . LEU A 1 65 ? -0.832  2.892   -6.843  1.00 12.49 ? 372  LEU A C   1 
ATOM   456 O O   . LEU A 1 65 ? -0.829  2.459   -7.999  1.00 10.87 ? 372  LEU A O   1 
ATOM   457 C CB  . LEU A 1 65 ? -2.768  4.348   -6.317  1.00 14.51 ? 372  LEU A CB  1 
ATOM   458 C CG  . LEU A 1 65 ? -4.107  4.625   -5.638  1.00 20.12 ? 372  LEU A CG  1 
ATOM   459 C CD1 . LEU A 1 65 ? -4.638  5.982   -6.086  1.00 18.73 ? 372  LEU A CD1 1 
ATOM   460 C CD2 . LEU A 1 65 ? -5.115  3.500   -5.921  1.00 17.24 ? 372  LEU A CD2 1 
ATOM   461 N N   . ALA A 1 66 ? 0.268   3.327   -6.242  1.00 9.62  ? 373  ALA A N   1 
ATOM   462 C CA  . ALA A 1 66 ? 1.558   3.263   -6.923  1.00 10.49 ? 373  ALA A CA  1 
ATOM   463 C C   . ALA A 1 66 ? 2.705   3.228   -5.926  1.00 9.30  ? 373  ALA A C   1 
ATOM   464 O O   . ALA A 1 66 ? 2.557   3.675   -4.788  1.00 12.70 ? 373  ALA A O   1 
ATOM   465 C CB  . ALA A 1 66 ? 1.726   4.444   -7.879  1.00 7.68  ? 373  ALA A CB  1 
ATOM   466 N N   . VAL A 1 67 ? 3.834   2.682   -6.366  1.00 5.27  ? 374  VAL A N   1 
ATOM   467 C CA  . VAL A 1 67 ? 5.107   2.780   -5.661  1.00 6.45  ? 374  VAL A CA  1 
ATOM   468 C C   . VAL A 1 67 ? 6.121   3.373   -6.634  1.00 5.55  ? 374  VAL A C   1 
ATOM   469 O O   . VAL A 1 67 ? 6.399   2.792   -7.688  1.00 7.90  ? 374  VAL A O   1 
ATOM   470 C CB  . VAL A 1 67 ? 5.603   1.401   -5.161  1.00 16.38 ? 374  VAL A CB  1 
ATOM   471 C CG1 . VAL A 1 67 ? 6.993   1.531   -4.546  1.00 11.69 ? 374  VAL A CG1 1 
ATOM   472 C CG2 . VAL A 1 67 ? 4.625   0.820   -4.133  1.00 13.57 ? 374  VAL A CG2 1 
ATOM   473 N N   . ASN A 1 68 ? 6.662   4.532   -6.274  1.00 4.86  ? 375  ASN A N   1 
ATOM   474 C CA  . ASN A 1 68 ? 7.534   5.301   -7.164  1.00 13.66 ? 375  ASN A CA  1 
ATOM   475 C C   . ASN A 1 68 ? 6.872   5.528   -8.524  1.00 13.66 ? 375  ASN A C   1 
ATOM   476 O O   . ASN A 1 68 ? 5.820   6.170   -8.589  1.00 14.49 ? 375  ASN A O   1 
ATOM   477 C CB  . ASN A 1 68 ? 8.930   4.666   -7.274  1.00 11.79 ? 375  ASN A CB  1 
ATOM   478 C CG  . ASN A 1 68 ? 9.678   4.670   -5.941  1.00 11.92 ? 375  ASN A CG  1 
ATOM   479 O OD1 . ASN A 1 68 ? 9.421   5.510   -5.084  1.00 9.00  ? 375  ASN A OD1 1 
ATOM   480 N ND2 . ASN A 1 68 ? 10.604  3.728   -5.763  1.00 10.51 ? 375  ASN A ND2 1 
ATOM   481 N N   . ASN A 1 69 ? 7.458   4.998   -9.601  1.00 9.83  ? 376  ASN A N   1 
ATOM   482 C CA  . ASN A 1 69 ? 6.847   5.132   -10.926 1.00 12.85 ? 376  ASN A CA  1 
ATOM   483 C C   . ASN A 1 69 ? 6.094   3.869   -11.405 1.00 17.61 ? 376  ASN A C   1 
ATOM   484 O O   . ASN A 1 69 ? 5.769   3.723   -12.588 1.00 14.48 ? 376  ASN A O   1 
ATOM   485 C CB  . ASN A 1 69 ? 7.880   5.588   -11.968 1.00 8.97  ? 376  ASN A CB  1 
ATOM   486 C CG  . ASN A 1 69 ? 8.993   4.580   -12.173 1.00 14.73 ? 376  ASN A CG  1 
ATOM   487 O OD1 . ASN A 1 69 ? 9.040   3.534   -11.519 1.00 11.27 ? 376  ASN A OD1 1 
ATOM   488 N ND2 . ASN A 1 69 ? 9.890   4.883   -13.107 1.00 11.07 ? 376  ASN A ND2 1 
ATOM   489 N N   . VAL A 1 70 ? 5.815   2.967   -10.474 1.00 8.18  ? 377  VAL A N   1 
ATOM   490 C CA  . VAL A 1 70 ? 5.130   1.721   -10.785 1.00 5.69  ? 377  VAL A CA  1 
ATOM   491 C C   . VAL A 1 70 ? 3.683   1.786   -10.317 1.00 11.10 ? 377  VAL A C   1 
ATOM   492 O O   . VAL A 1 70 ? 3.417   1.915   -9.127  1.00 8.12  ? 377  VAL A O   1 
ATOM   493 C CB  . VAL A 1 70 ? 5.843   0.520   -10.133 1.00 9.35  ? 377  VAL A CB  1 
ATOM   494 C CG1 . VAL A 1 70 ? 5.159   -0.789  -10.510 1.00 8.40  ? 377  VAL A CG1 1 
ATOM   495 C CG2 . VAL A 1 70 ? 7.304   0.498   -10.557 1.00 12.10 ? 377  VAL A CG2 1 
ATOM   496 N N   . CYS A 1 71 ? 2.760   1.696   -11.274 1.00 14.09 ? 378  CYS A N   1 
ATOM   497 C CA  . CYS A 1 71 ? 1.327   1.730   -11.009 1.00 11.31 ? 378  CYS A CA  1 
ATOM   498 C C   . CYS A 1 71 ? 0.844   0.367   -10.508 1.00 12.96 ? 378  CYS A C   1 
ATOM   499 O O   . CYS A 1 71 ? 1.189   -0.661  -11.087 1.00 17.01 ? 378  CYS A O   1 
ATOM   500 C CB  . CYS A 1 71 ? 0.570   2.096   -12.286 1.00 10.25 ? 378  CYS A CB  1 
ATOM   501 S SG  . CYS A 1 71 ? -1.215  2.319   -12.045 1.00 27.18 ? 378  CYS A SG  1 
ATOM   502 N N   . LEU A 1 72 ? 0.053   0.361   -9.437  1.00 4.68  ? 379  LEU A N   1 
ATOM   503 C CA  . LEU A 1 72 ? -0.435  -0.887  -8.862  1.00 7.64  ? 379  LEU A CA  1 
ATOM   504 C C   . LEU A 1 72 ? -1.950  -1.011  -8.976  1.00 11.97 ? 379  LEU A C   1 
ATOM   505 O O   . LEU A 1 72 ? -2.604  -1.630  -8.128  1.00 15.56 ? 379  LEU A O   1 
ATOM   506 C CB  . LEU A 1 72 ? -0.025  -0.998  -7.395  1.00 7.69  ? 379  LEU A CB  1 
ATOM   507 C CG  . LEU A 1 72 ? 1.469   -0.987  -7.091  1.00 8.10  ? 379  LEU A CG  1 
ATOM   508 C CD1 . LEU A 1 72 ? 1.652   -1.219  -5.604  1.00 14.70 ? 379  LEU A CD1 1 
ATOM   509 C CD2 . LEU A 1 72 ? 2.191   -2.028  -7.912  1.00 6.29  ? 379  LEU A CD2 1 
ATOM   510 N N   . GLU A 1 73 ? -2.510  -0.407  -10.013 1.00 12.96 ? 380  GLU A N   1 
ATOM   511 C CA  . GLU A 1 73 ? -3.934  -0.579  -10.277 1.00 23.19 ? 380  GLU A CA  1 
ATOM   512 C C   . GLU A 1 73 ? -4.146  -1.809  -11.151 1.00 20.57 ? 380  GLU A C   1 
ATOM   513 O O   . GLU A 1 73 ? -3.597  -1.912  -12.247 1.00 15.71 ? 380  GLU A O   1 
ATOM   514 C CB  . GLU A 1 73 ? -4.532  0.682   -10.908 1.00 27.57 ? 380  GLU A CB  1 
ATOM   515 C CG  . GLU A 1 73 ? -4.631  1.852   -9.917  1.00 35.39 ? 380  GLU A CG  1 
ATOM   516 C CD  . GLU A 1 73 ? -5.123  3.142   -10.559 1.00 52.54 ? 380  GLU A CD  1 
ATOM   517 O OE1 . GLU A 1 73 ? -5.919  3.069   -11.525 1.00 61.58 ? 380  GLU A OE1 1 
ATOM   518 O OE2 . GLU A 1 73 ? -4.710  4.231   -10.095 1.00 47.43 ? 380  GLU A OE2 1 
ATOM   519 N N   . GLU A 1 74 ? -4.925  -2.758  -10.637 1.00 14.58 ? 381  GLU A N   1 
ATOM   520 C CA  . GLU A 1 74 ? -5.195  -4.009  -11.335 1.00 12.02 ? 381  GLU A CA  1 
ATOM   521 C C   . GLU A 1 74 ? -3.942  -4.837  -11.600 1.00 13.97 ? 381  GLU A C   1 
ATOM   522 O O   . GLU A 1 74 ? -3.742  -5.321  -12.711 1.00 15.64 ? 381  GLU A O   1 
ATOM   523 C CB  . GLU A 1 74 ? -5.973  -3.762  -12.635 1.00 19.35 ? 381  GLU A CB  1 
ATOM   524 C CG  . GLU A 1 74 ? -7.267  -2.974  -12.444 1.00 18.51 ? 381  GLU A CG  1 
ATOM   525 C CD  . GLU A 1 74 ? -8.228  -3.660  -11.496 1.00 24.47 ? 381  GLU A CD  1 
ATOM   526 O OE1 . GLU A 1 74 ? -8.568  -4.842  -11.740 1.00 20.39 ? 381  GLU A OE1 1 
ATOM   527 O OE2 . GLU A 1 74 ? -8.638  -3.017  -10.501 1.00 24.10 ? 381  GLU A OE2 1 
ATOM   528 N N   . VAL A 1 75 ? -3.108  -5.009  -10.575 1.00 8.33  ? 382  VAL A N   1 
ATOM   529 C CA  . VAL A 1 75 ? -1.958  -5.910  -10.671 1.00 5.27  ? 382  VAL A CA  1 
ATOM   530 C C   . VAL A 1 75 ? -2.112  -7.069  -9.690  1.00 12.20 ? 382  VAL A C   1 
ATOM   531 O O   . VAL A 1 75 ? -2.961  -7.027  -8.805  1.00 9.50  ? 382  VAL A O   1 
ATOM   532 C CB  . VAL A 1 75 ? -0.644  -5.183  -10.366 1.00 7.72  ? 382  VAL A CB  1 
ATOM   533 C CG1 . VAL A 1 75 ? -0.514  -3.939  -11.247 1.00 12.44 ? 382  VAL A CG1 1 
ATOM   534 C CG2 . VAL A 1 75 ? -0.569  -4.816  -8.873  1.00 11.19 ? 382  VAL A CG2 1 
ATOM   535 N N   . THR A 1 76 ? -1.296  -8.105  -9.845  1.00 9.53  ? 383  THR A N   1 
ATOM   536 C CA  . THR A 1 76 ? -1.348  -9.243  -8.937  1.00 8.12  ? 383  THR A CA  1 
ATOM   537 C C   . THR A 1 76 ? -0.624  -8.871  -7.640  1.00 12.63 ? 383  THR A C   1 
ATOM   538 O O   . THR A 1 76 ? 0.113   -7.896  -7.603  1.00 6.62  ? 383  THR A O   1 
ATOM   539 C CB  . THR A 1 76 ? -0.683  -10.490 -9.546  1.00 9.66  ? 383  THR A CB  1 
ATOM   540 O OG1 . THR A 1 76 ? 0.721   -10.264 -9.655  1.00 10.77 ? 383  THR A OG1 1 
ATOM   541 C CG2 . THR A 1 76 ? -1.245  -10.799 -10.941 1.00 10.18 ? 383  THR A CG2 1 
ATOM   542 N N   . HIS A 1 77 ? -0.853  -9.630  -6.573  1.00 10.91 ? 384  HIS A N   1 
ATOM   543 C CA  . HIS A 1 77 ? -0.160  -9.363  -5.318  1.00 8.44  ? 384  HIS A CA  1 
ATOM   544 C C   . HIS A 1 77 ? 1.340   -9.440  -5.556  1.00 10.85 ? 384  HIS A C   1 
ATOM   545 O O   . HIS A 1 77 ? 2.111   -8.636  -5.040  1.00 10.10 ? 384  HIS A O   1 
ATOM   546 C CB  . HIS A 1 77 ? -0.531  -10.399 -4.260  1.00 7.27  ? 384  HIS A CB  1 
ATOM   547 C CG  . HIS A 1 77 ? -0.043  -10.045 -2.891  1.00 3.28  ? 384  HIS A CG  1 
ATOM   548 N ND1 . HIS A 1 77 ? -0.688  -9.134  -2.089  1.00 3.35  ? 384  HIS A ND1 1 
ATOM   549 C CD2 . HIS A 1 77 ? 1.051   -10.453 -2.200  1.00 3.63  ? 384  HIS A CD2 1 
ATOM   550 C CE1 . HIS A 1 77 ? -0.033  -9.014  -0.944  1.00 6.46  ? 384  HIS A CE1 1 
ATOM   551 N NE2 . HIS A 1 77 ? 1.031   -9.800  -0.993  1.00 7.23  ? 384  HIS A NE2 1 
ATOM   552 N N   . GLU A 1 78 ? 1.731   -10.430 -6.355  1.00 10.31 ? 385  GLU A N   1 
ATOM   553 C CA  . GLU A 1 78 ? 3.129   -10.672 -6.692  1.00 11.83 ? 385  GLU A CA  1 
ATOM   554 C C   . GLU A 1 78 ? 3.763   -9.463  -7.383  1.00 10.64 ? 385  GLU A C   1 
ATOM   555 O O   . GLU A 1 78 ? 4.892   -9.080  -7.078  1.00 10.33 ? 385  GLU A O   1 
ATOM   556 C CB  . GLU A 1 78 ? 3.234   -11.924 -7.565  1.00 20.25 ? 385  GLU A CB  1 
ATOM   557 C CG  . GLU A 1 78 ? 2.895   -13.241 -6.826  1.00 32.82 ? 385  GLU A CG  1 
ATOM   558 C CD  . GLU A 1 78 ? 1.387   -13.547 -6.690  1.00 35.34 ? 385  GLU A CD  1 
ATOM   559 O OE1 . GLU A 1 78 ? 0.524   -12.792 -7.204  1.00 18.53 ? 385  GLU A OE1 1 
ATOM   560 O OE2 . GLU A 1 78 ? 1.068   -14.578 -6.060  1.00 44.41 ? 385  GLU A OE2 1 
ATOM   561 N N   . GLU A 1 79 ? 3.029   -8.851  -8.307  1.00 7.92  ? 386  GLU A N   1 
ATOM   562 C CA  . GLU A 1 79 ? 3.522   -7.643  -8.958  1.00 12.86 ? 386  GLU A CA  1 
ATOM   563 C C   . GLU A 1 79 ? 3.675   -6.474  -7.972  1.00 9.21  ? 386  GLU A C   1 
ATOM   564 O O   . GLU A 1 79 ? 4.619   -5.701  -8.074  1.00 9.54  ? 386  GLU A O   1 
ATOM   565 C CB  . GLU A 1 79 ? 2.638   -7.262  -10.150 1.00 8.30  ? 386  GLU A CB  1 
ATOM   566 C CG  . GLU A 1 79 ? 2.759   -8.232  -11.340 1.00 13.16 ? 386  GLU A CG  1 
ATOM   567 C CD  . GLU A 1 79 ? 1.702   -7.986  -12.410 1.00 21.51 ? 386  GLU A CD  1 
ATOM   568 O OE1 . GLU A 1 79 ? 0.545   -7.698  -12.049 1.00 18.79 ? 386  GLU A OE1 1 
ATOM   569 O OE2 . GLU A 1 79 ? 2.021   -8.079  -13.613 1.00 28.49 ? 386  GLU A OE2 1 
ATOM   570 N N   . ALA A 1 80 ? 2.753   -6.349  -7.019  1.00 9.20  ? 387  ALA A N   1 
ATOM   571 C CA  . ALA A 1 80 ? 2.860   -5.300  -5.998  1.00 10.89 ? 387  ALA A CA  1 
ATOM   572 C C   . ALA A 1 80 ? 4.093   -5.517  -5.111  1.00 12.90 ? 387  ALA A C   1 
ATOM   573 O O   . ALA A 1 80 ? 4.837   -4.580  -4.801  1.00 6.82  ? 387  ALA A O   1 
ATOM   574 C CB  . ALA A 1 80 ? 1.591   -5.252  -5.149  1.00 2.52  ? 387  ALA A CB  1 
ATOM   575 N N   . VAL A 1 81 ? 4.295   -6.762  -4.698  1.00 6.75  ? 388  VAL A N   1 
ATOM   576 C CA  . VAL A 1 81 ? 5.436   -7.123  -3.869  1.00 4.03  ? 388  VAL A CA  1 
ATOM   577 C C   . VAL A 1 81 ? 6.747   -6.853  -4.618  1.00 7.63  ? 388  VAL A C   1 
ATOM   578 O O   . VAL A 1 81 ? 7.705   -6.320  -4.064  1.00 8.66  ? 388  VAL A O   1 
ATOM   579 C CB  . VAL A 1 81 ? 5.344   -8.600  -3.454  1.00 6.33  ? 388  VAL A CB  1 
ATOM   580 C CG1 . VAL A 1 81 ? 6.614   -9.048  -2.723  1.00 10.26 ? 388  VAL A CG1 1 
ATOM   581 C CG2 . VAL A 1 81 ? 4.087   -8.824  -2.585  1.00 10.11 ? 388  VAL A CG2 1 
ATOM   582 N N   . THR A 1 82 ? 6.778   -7.233  -5.886  1.00 9.75  ? 389  THR A N   1 
ATOM   583 C CA  . THR A 1 82 ? 7.946   -6.984  -6.723  1.00 16.04 ? 389  THR A CA  1 
ATOM   584 C C   . THR A 1 82 ? 8.295   -5.496  -6.744  1.00 13.26 ? 389  THR A C   1 
ATOM   585 O O   . THR A 1 82 ? 9.472   -5.126  -6.642  1.00 16.11 ? 389  THR A O   1 
ATOM   586 C CB  . THR A 1 82 ? 7.724   -7.534  -8.153  1.00 16.71 ? 389  THR A CB  1 
ATOM   587 O OG1 . THR A 1 82 ? 7.733   -8.971  -8.109  1.00 13.00 ? 389  THR A OG1 1 
ATOM   588 C CG2 . THR A 1 82 ? 8.812   -7.037  -9.110  1.00 12.90 ? 389  THR A CG2 1 
ATOM   589 N N   . ALA A 1 83 ? 7.283   -4.640  -6.859  1.00 9.70  ? 390  ALA A N   1 
ATOM   590 C CA  . ALA A 1 83 ? 7.521   -3.204  -6.886  1.00 9.63  ? 390  ALA A CA  1 
ATOM   591 C C   . ALA A 1 83 ? 8.127   -2.708  -5.576  1.00 11.52 ? 390  ALA A C   1 
ATOM   592 O O   . ALA A 1 83 ? 9.024   -1.866  -5.578  1.00 15.18 ? 390  ALA A O   1 
ATOM   593 C CB  . ALA A 1 83 ? 6.237   -2.451  -7.182  1.00 6.95  ? 390  ALA A CB  1 
ATOM   594 N N   . LEU A 1 84 ? 7.624   -3.224  -4.461  1.00 7.59  ? 391  LEU A N   1 
ATOM   595 C CA  . LEU A 1 84 ? 8.059   -2.782  -3.141  1.00 11.80 ? 391  LEU A CA  1 
ATOM   596 C C   . LEU A 1 84 ? 9.434   -3.333  -2.777  1.00 13.20 ? 391  LEU A C   1 
ATOM   597 O O   . LEU A 1 84 ? 10.176  -2.716  -2.028  1.00 11.42 ? 391  LEU A O   1 
ATOM   598 C CB  . LEU A 1 84 ? 7.032   -3.192  -2.083  1.00 6.79  ? 391  LEU A CB  1 
ATOM   599 C CG  . LEU A 1 84 ? 5.756   -2.342  -2.133  1.00 8.56  ? 391  LEU A CG  1 
ATOM   600 C CD1 . LEU A 1 84 ? 4.569   -3.077  -1.524  1.00 6.59  ? 391  LEU A CD1 1 
ATOM   601 C CD2 . LEU A 1 84 ? 5.987   -0.989  -1.449  1.00 12.13 ? 391  LEU A CD2 1 
ATOM   602 N N   . LYS A 1 85 ? 9.747   -4.504  -3.313  1.00 6.34  ? 392  LYS A N   1 
ATOM   603 C CA  . LYS A 1 85 ? 11.032  -5.150  -3.102  1.00 14.32 ? 392  LYS A CA  1 
ATOM   604 C C   . LYS A 1 85 ? 12.142  -4.332  -3.776  1.00 15.04 ? 392  LYS A C   1 
ATOM   605 O O   . LYS A 1 85 ? 13.234  -4.181  -3.228  1.00 17.36 ? 392  LYS A O   1 
ATOM   606 C CB  . LYS A 1 85 ? 10.972  -6.561  -3.686  1.00 15.13 ? 392  LYS A CB  1 
ATOM   607 C CG  . LYS A 1 85 ? 12.233  -7.399  -3.538  1.00 25.76 ? 392  LYS A CG  1 
ATOM   608 C CD  . LYS A 1 85 ? 12.014  -8.785  -4.152  1.00 35.63 ? 392  LYS A CD  1 
ATOM   609 C CE  . LYS A 1 85 ? 10.611  -9.293  -3.828  1.00 40.55 ? 392  LYS A CE  1 
ATOM   610 N NZ  . LYS A 1 85 ? 10.256  -10.560 -4.543  1.00 48.25 ? 392  LYS A NZ  1 
ATOM   611 N N   . ASN A 1 86 ? 11.845  -3.795  -4.957  1.00 12.94 ? 393  ASN A N   1 
ATOM   612 C CA  . ASN A 1 86 ? 12.827  -3.083  -5.775  1.00 14.69 ? 393  ASN A CA  1 
ATOM   613 C C   . ASN A 1 86 ? 12.884  -1.587  -5.506  1.00 12.92 ? 393  ASN A C   1 
ATOM   614 O O   . ASN A 1 86 ? 12.750  -0.763  -6.422  1.00 21.63 ? 393  ASN A O   1 
ATOM   615 C CB  . ASN A 1 86 ? 12.555  -3.317  -7.258  1.00 18.64 ? 393  ASN A CB  1 
ATOM   616 C CG  . ASN A 1 86 ? 12.686  -4.775  -7.646  1.00 28.23 ? 393  ASN A CG  1 
ATOM   617 O OD1 . ASN A 1 86 ? 13.488  -5.521  -7.071  1.00 31.56 ? 393  ASN A OD1 1 
ATOM   618 N ND2 . ASN A 1 86 ? 11.899  -5.193  -8.633  1.00 34.15 ? 393  ASN A ND2 1 
ATOM   619 N N   . THR A 1 87 ? 13.091  -1.241  -4.244  1.00 20.91 ? 394  THR A N   1 
ATOM   620 C CA  . THR A 1 87 ? 13.113  0.149   -3.815  1.00 24.82 ? 394  THR A CA  1 
ATOM   621 C C   . THR A 1 87 ? 14.414  0.411   -3.051  1.00 11.74 ? 394  THR A C   1 
ATOM   622 O O   . THR A 1 87 ? 15.089  -0.528  -2.609  1.00 7.98  ? 394  THR A O   1 
ATOM   623 C CB  . THR A 1 87 ? 11.902  0.494   -2.907  1.00 8.51  ? 394  THR A CB  1 
ATOM   624 O OG1 . THR A 1 87 ? 11.811  -0.454  -1.835  1.00 15.75 ? 394  THR A OG1 1 
ATOM   625 C CG2 . THR A 1 87 ? 10.574  0.491   -3.698  1.00 12.11 ? 394  THR A CG2 1 
ATOM   626 N N   . SER A 1 88 ? 14.764  1.686   -2.921  1.00 10.10 ? 395  SER A N   1 
ATOM   627 C CA  . SER A 1 88 ? 15.908  2.109   -2.127  1.00 10.07 ? 395  SER A CA  1 
ATOM   628 C C   . SER A 1 88 ? 15.421  2.416   -0.715  1.00 13.11 ? 395  SER A C   1 
ATOM   629 O O   . SER A 1 88 ? 14.388  1.910   -0.289  1.00 19.97 ? 395  SER A O   1 
ATOM   630 C CB  . SER A 1 88 ? 16.533  3.354   -2.743  1.00 13.42 ? 395  SER A CB  1 
ATOM   631 O OG  . SER A 1 88 ? 15.604  4.424   -2.739  1.00 16.11 ? 395  SER A OG  1 
ATOM   632 N N   . ASP A 1 89 ? 16.146  3.256   0.011   1.00 18.77 ? 396  ASP A N   1 
ATOM   633 C CA  . ASP A 1 89 ? 15.724  3.604   1.367   1.00 18.71 ? 396  ASP A CA  1 
ATOM   634 C C   . ASP A 1 89 ? 14.669  4.696   1.395   1.00 18.04 ? 396  ASP A C   1 
ATOM   635 O O   . ASP A 1 89 ? 14.139  5.024   2.451   1.00 17.71 ? 396  ASP A O   1 
ATOM   636 C CB  . ASP A 1 89 ? 16.920  4.017   2.208   1.00 23.10 ? 396  ASP A CB  1 
ATOM   637 C CG  . ASP A 1 89 ? 17.806  2.843   2.557   1.00 37.94 ? 396  ASP A CG  1 
ATOM   638 O OD1 . ASP A 1 89 ? 17.264  1.730   2.764   1.00 34.95 ? 396  ASP A OD1 1 
ATOM   639 O OD2 . ASP A 1 89 ? 19.036  3.032   2.615   1.00 40.27 ? 396  ASP A OD2 1 
ATOM   640 N N   . PHE A 1 90 ? 14.376  5.258   0.228   1.00 15.64 ? 397  PHE A N   1 
ATOM   641 C CA  . PHE A 1 90 ? 13.388  6.327   0.084   1.00 16.44 ? 397  PHE A CA  1 
ATOM   642 C C   . PHE A 1 90 ? 12.314  5.867   -0.887  1.00 17.76 ? 397  PHE A C   1 
ATOM   643 O O   . PHE A 1 90 ? 12.611  5.516   -2.024  1.00 22.32 ? 397  PHE A O   1 
ATOM   644 C CB  . PHE A 1 90 ? 14.055  7.605   -0.443  1.00 23.19 ? 397  PHE A CB  1 
ATOM   645 C CG  . PHE A 1 90 ? 15.230  8.061   0.390   1.00 32.20 ? 397  PHE A CG  1 
ATOM   646 C CD1 . PHE A 1 90 ? 15.101  9.115   1.286   1.00 38.45 ? 397  PHE A CD1 1 
ATOM   647 C CD2 . PHE A 1 90 ? 16.460  7.427   0.285   1.00 36.18 ? 397  PHE A CD2 1 
ATOM   648 C CE1 . PHE A 1 90 ? 16.183  9.533   2.064   1.00 36.86 ? 397  PHE A CE1 1 
ATOM   649 C CE2 . PHE A 1 90 ? 17.551  7.841   1.057   1.00 36.01 ? 397  PHE A CE2 1 
ATOM   650 C CZ  . PHE A 1 90 ? 17.405  8.892   1.950   1.00 35.96 ? 397  PHE A CZ  1 
ATOM   651 N N   . VAL A 1 91 ? 11.064  5.867   -0.436  1.00 8.85  ? 398  VAL A N   1 
ATOM   652 C CA  . VAL A 1 91 ? 9.972   5.344   -1.240  1.00 7.38  ? 398  VAL A CA  1 
ATOM   653 C C   . VAL A 1 91 ? 8.795   6.313   -1.301  1.00 10.89 ? 398  VAL A C   1 
ATOM   654 O O   . VAL A 1 91 ? 8.343   6.824   -0.276  1.00 17.18 ? 398  VAL A O   1 
ATOM   655 C CB  . VAL A 1 91 ? 9.504   3.981   -0.704  1.00 14.57 ? 398  VAL A CB  1 
ATOM   656 C CG1 . VAL A 1 91 ? 8.457   3.388   -1.622  1.00 19.09 ? 398  VAL A CG1 1 
ATOM   657 C CG2 . VAL A 1 91 ? 10.711  3.030   -0.568  1.00 12.80 ? 398  VAL A CG2 1 
ATOM   658 N N   . TYR A 1 92 ? 8.323   6.574   -2.516  1.00 12.99 ? 399  TYR A N   1 
ATOM   659 C CA  . TYR A 1 92 ? 7.160   7.420   -2.737  1.00 12.51 ? 399  TYR A CA  1 
ATOM   660 C C   . TYR A 1 92 ? 5.937   6.558   -3.013  1.00 8.19  ? 399  TYR A C   1 
ATOM   661 O O   . TYR A 1 92 ? 5.884   5.836   -4.002  1.00 10.62 ? 399  TYR A O   1 
ATOM   662 C CB  . TYR A 1 92 ? 7.403   8.395   -3.893  1.00 9.19  ? 399  TYR A CB  1 
ATOM   663 C CG  . TYR A 1 92 ? 8.460   9.433   -3.579  1.00 27.69 ? 399  TYR A CG  1 
ATOM   664 C CD1 . TYR A 1 92 ? 8.109   10.719  -3.174  1.00 27.08 ? 399  TYR A CD1 1 
ATOM   665 C CD2 . TYR A 1 92 ? 9.813   9.119   -3.662  1.00 36.05 ? 399  TYR A CD2 1 
ATOM   666 C CE1 . TYR A 1 92 ? 9.081   11.670  -2.877  1.00 32.12 ? 399  TYR A CE1 1 
ATOM   667 C CE2 . TYR A 1 92 ? 10.791  10.059  -3.368  1.00 41.68 ? 399  TYR A CE2 1 
ATOM   668 C CZ  . TYR A 1 92 ? 10.420  11.331  -2.976  1.00 42.45 ? 399  TYR A CZ  1 
ATOM   669 O OH  . TYR A 1 92 ? 11.394  12.262  -2.686  1.00 55.79 ? 399  TYR A OH  1 
ATOM   670 N N   . LEU A 1 93 ? 4.961   6.639   -2.119  1.00 7.08  ? 400  LEU A N   1 
ATOM   671 C CA  . LEU A 1 93 ? 3.719   5.896   -2.254  1.00 9.07  ? 400  LEU A CA  1 
ATOM   672 C C   . LEU A 1 93 ? 2.605   6.817   -2.728  1.00 15.29 ? 400  LEU A C   1 
ATOM   673 O O   . LEU A 1 93 ? 2.497   7.964   -2.286  1.00 14.68 ? 400  LEU A O   1 
ATOM   674 C CB  . LEU A 1 93 ? 3.330   5.285   -0.905  1.00 8.75  ? 400  LEU A CB  1 
ATOM   675 C CG  . LEU A 1 93 ? 4.389   4.445   -0.190  1.00 9.92  ? 400  LEU A CG  1 
ATOM   676 C CD1 . LEU A 1 93 ? 3.823   3.940   1.142   1.00 11.08 ? 400  LEU A CD1 1 
ATOM   677 C CD2 . LEU A 1 93 ? 4.817   3.270   -1.055  1.00 12.08 ? 400  LEU A CD2 1 
ATOM   678 N N   . LYS A 1 94 ? 1.781   6.329   -3.643  1.00 4.04  ? 401  LYS A N   1 
ATOM   679 C CA  . LYS A 1 94 ? 0.567   7.049   -3.982  1.00 12.18 ? 401  LYS A CA  1 
ATOM   680 C C   . LYS A 1 94 ? -0.583  6.242   -3.415  1.00 7.97  ? 401  LYS A C   1 
ATOM   681 O O   . LYS A 1 94 ? -0.710  5.058   -3.702  1.00 10.45 ? 401  LYS A O   1 
ATOM   682 C CB  . LYS A 1 94 ? 0.413   7.228   -5.494  1.00 12.13 ? 401  LYS A CB  1 
ATOM   683 C CG  . LYS A 1 94 ? -0.721  8.188   -5.875  1.00 14.22 ? 401  LYS A CG  1 
ATOM   684 C CD  . LYS A 1 94 ? -0.811  8.383   -7.390  1.00 25.68 ? 401  LYS A CD  1 
ATOM   685 C CE  . LYS A 1 94 ? -1.745  9.540   -7.726  1.00 45.96 ? 401  LYS A CE  1 
ATOM   686 N NZ  . LYS A 1 94 ? -1.795  9.852   -9.183  1.00 59.90 ? 401  LYS A NZ  1 
ATOM   687 N N   . VAL A 1 95 ? -1.402  6.869   -2.583  1.00 6.60  ? 402  VAL A N   1 
ATOM   688 C CA  . VAL A 1 95 ? -2.490  6.145   -1.951  1.00 7.05  ? 402  VAL A CA  1 
ATOM   689 C C   . VAL A 1 95 ? -3.827  6.839   -2.141  1.00 7.44  ? 402  VAL A C   1 
ATOM   690 O O   . VAL A 1 95 ? -3.888  8.035   -2.427  1.00 8.56  ? 402  VAL A O   1 
ATOM   691 C CB  . VAL A 1 95 ? -2.255  5.944   -0.429  1.00 9.10  ? 402  VAL A CB  1 
ATOM   692 C CG1 . VAL A 1 95 ? -0.876  5.336   -0.164  1.00 7.91  ? 402  VAL A CG1 1 
ATOM   693 C CG2 . VAL A 1 95 ? -2.396  7.245   0.292   1.00 14.34 ? 402  VAL A CG2 1 
ATOM   694 N N   . ALA A 1 96 ? -4.894  6.065   -1.968  1.00 9.00  ? 403  ALA A N   1 
ATOM   695 C CA  . ALA A 1 96 ? -6.245  6.604   -1.958  1.00 10.47 ? 403  ALA A CA  1 
ATOM   696 C C   . ALA A 1 96 ? -6.873  6.333   -0.597  1.00 12.36 ? 403  ALA A C   1 
ATOM   697 O O   . ALA A 1 96 ? -6.936  5.180   -0.151  1.00 7.28  ? 403  ALA A O   1 
ATOM   698 C CB  . ALA A 1 96 ? -7.072  5.975   -3.071  1.00 12.48 ? 403  ALA A CB  1 
ATOM   699 N N   . LYS A 1 97 ? -7.320  7.398   0.059   1.00 10.20 ? 404  LYS A N   1 
ATOM   700 C CA  . LYS A 1 97 ? -7.927  7.307   1.379   1.00 15.05 ? 404  LYS A CA  1 
ATOM   701 C C   . LYS A 1 97 ? -9.436  7.442   1.271   1.00 12.98 ? 404  LYS A C   1 
ATOM   702 O O   . LYS A 1 97 ? -9.933  8.187   0.430   1.00 10.71 ? 404  LYS A O   1 
ATOM   703 C CB  . LYS A 1 97 ? -7.434  8.447   2.263   1.00 18.72 ? 404  LYS A CB  1 
ATOM   704 C CG  . LYS A 1 97 ? -6.073  8.952   1.886   1.00 27.56 ? 404  LYS A CG  1 
ATOM   705 C CD  . LYS A 1 97 ? -5.016  8.261   2.670   1.00 29.46 ? 404  LYS A CD  1 
ATOM   706 C CE  . LYS A 1 97 ? -4.766  8.949   3.995   1.00 28.50 ? 404  LYS A CE  1 
ATOM   707 N NZ  . LYS A 1 97 ? -3.939  8.056   4.861   1.00 20.66 ? 404  LYS A NZ  1 
ATOM   708 N N   . PRO A 1 98 ? -10.170 6.753   2.151   1.00 12.76 ? 405  PRO A N   1 
ATOM   709 C CA  . PRO A 1 98 ? -11.631 6.888   2.131   1.00 19.58 ? 405  PRO A CA  1 
ATOM   710 C C   . PRO A 1 98 ? -12.068 8.336   2.404   1.00 20.94 ? 405  PRO A C   1 
ATOM   711 O O   . PRO A 1 98 ? -11.411 9.048   3.162   1.00 24.88 ? 405  PRO A O   1 
ATOM   712 C CB  . PRO A 1 98 ? -12.086 5.968   3.274   1.00 23.54 ? 405  PRO A CB  1 
ATOM   713 C CG  . PRO A 1 98 ? -10.934 5.034   3.518   1.00 22.48 ? 405  PRO A CG  1 
ATOM   714 C CD  . PRO A 1 98 ? -9.700  5.842   3.210   1.00 10.59 ? 405  PRO A CD  1 
ATOM   715 N N   . THR A 1 99 ? -13.145 8.770   1.759   1.00 30.11 ? 406  THR A N   1 
ATOM   716 C CA  . THR A 1 99 ? -13.751 10.071  2.040   1.00 33.55 ? 406  THR A CA  1 
ATOM   717 C C   . THR A 1 99 ? -15.110 10.181  1.355   1.00 38.16 ? 406  THR A C   1 
ATOM   718 O O   . THR A 1 99 ? -15.942 11.008  1.737   1.00 53.14 ? 406  THR A O   1 
ATOM   719 C CB  . THR A 1 99 ? -12.870 11.252  1.579   1.00 29.94 ? 406  THR A CB  1 
ATOM   720 O OG1 . THR A 1 99 ? -13.245 12.442  2.289   1.00 35.82 ? 406  THR A OG1 1 
ATOM   721 C CG2 . THR A 1 99 ? -13.050 11.498  0.111   1.00 17.89 ? 406  THR A CG2 1 
ATOM   722 N N   . TYR B 2 6  ? -5.770  -14.030 0.812   1.00 19.10 ? 2838 TYR B N   1 
ATOM   723 C CA  . TYR B 2 6  ? -4.942  -15.226 0.906   1.00 17.58 ? 2838 TYR B CA  1 
ATOM   724 C C   . TYR B 2 6  ? -3.461  -14.916 1.073   1.00 14.62 ? 2838 TYR B C   1 
ATOM   725 O O   . TYR B 2 6  ? -2.816  -15.502 1.942   1.00 16.58 ? 2838 TYR B O   1 
ATOM   726 C CB  . TYR B 2 6  ? -5.167  -16.156 -0.285  1.00 37.20 ? 2838 TYR B CB  1 
ATOM   727 C CG  . TYR B 2 6  ? -6.158  -17.257 0.011   1.00 53.42 ? 2838 TYR B CG  1 
ATOM   728 C CD1 . TYR B 2 6  ? -5.782  -18.378 0.747   1.00 57.26 ? 2838 TYR B CD1 1 
ATOM   729 C CD2 . TYR B 2 6  ? -7.473  -17.175 -0.435  1.00 64.10 ? 2838 TYR B CD2 1 
ATOM   730 C CE1 . TYR B 2 6  ? -6.689  -19.391 1.027   1.00 58.59 ? 2838 TYR B CE1 1 
ATOM   731 C CE2 . TYR B 2 6  ? -8.390  -18.186 -0.159  1.00 67.17 ? 2838 TYR B CE2 1 
ATOM   732 C CZ  . TYR B 2 6  ? -7.992  -19.289 0.572   1.00 63.46 ? 2838 TYR B CZ  1 
ATOM   733 O OH  . TYR B 2 6  ? -8.895  -20.294 0.846   1.00 64.89 ? 2838 TYR B OH  1 
ATOM   734 N N   . LEU B 2 7  ? -2.927  -14.011 0.248   1.00 12.50 ? 2839 LEU B N   1 
ATOM   735 C CA  . LEU B 2 7  ? -1.530  -13.585 0.365   1.00 6.33  ? 2839 LEU B CA  1 
ATOM   736 C C   . LEU B 2 7  ? -1.431  -12.242 1.065   1.00 9.29  ? 2839 LEU B C   1 
ATOM   737 O O   . LEU B 2 7  ? -2.096  -11.278 0.671   1.00 7.82  ? 2839 LEU B O   1 
ATOM   738 C CB  . LEU B 2 7  ? -0.871  -13.479 -1.015  1.00 14.59 ? 2839 LEU B CB  1 
ATOM   739 C CG  . LEU B 2 7  ? -0.775  -14.790 -1.788  1.00 24.41 ? 2839 LEU B CG  1 
ATOM   740 C CD1 . LEU B 2 7  ? -0.083  -14.592 -3.148  1.00 21.70 ? 2839 LEU B CD1 1 
ATOM   741 C CD2 . LEU B 2 7  ? -0.058  -15.840 -0.942  1.00 24.63 ? 2839 LEU B CD2 1 
ATOM   742 N N   . VAL B 2 8  ? -0.620  -12.184 2.116   1.00 7.10  ? 2840 VAL B N   1 
ATOM   743 C CA  . VAL B 2 8  ? -0.341  -10.921 2.795   1.00 12.24 ? 2840 VAL B CA  1 
ATOM   744 C C   . VAL B 2 8  ? 1.169   -10.717 2.938   1.00 10.08 ? 2840 VAL B C   1 
ATOM   745 O O   . VAL B 2 8  ? 1.896   -11.650 3.258   1.00 13.99 ? 2840 VAL B O   1 
ATOM   746 C CB  . VAL B 2 8  ? -1.011  -10.853 4.186   1.00 14.53 ? 2840 VAL B CB  1 
ATOM   747 C CG1 . VAL B 2 8  ? -0.655  -9.545  4.876   1.00 16.85 ? 2840 VAL B CG1 1 
ATOM   748 C CG2 . VAL B 2 8  ? -2.525  -10.984 4.049   1.00 19.78 ? 2840 VAL B CG2 1 
ATOM   749 N N   . THR B 2 9  ? 1.641   -9.496  2.715   1.00 7.81  ? 2841 THR B N   1 
ATOM   750 C CA  . THR B 2 9  ? 3.078   -9.235  2.709   1.00 9.28  ? 2841 THR B CA  1 
ATOM   751 C C   . THR B 2 9  ? 3.448   -8.017  3.543   1.00 11.02 ? 2841 THR B C   1 
ATOM   752 O O   . THR B 2 9  ? 2.892   -6.934  3.345   1.00 9.65  ? 2841 THR B O   1 
ATOM   753 C CB  . THR B 2 9  ? 3.600   -9.026  1.280   1.00 5.66  ? 2841 THR B CB  1 
ATOM   754 O OG1 . THR B 2 9  ? 3.276   -10.176 0.490   1.00 4.58  ? 2841 THR B OG1 1 
ATOM   755 C CG2 . THR B 2 9  ? 5.128   -8.836  1.279   1.00 2.82  ? 2841 THR B CG2 1 
ATOM   756 N N   . SER B 2 10 ? 4.381   -8.205  4.481   1.00 4.17  ? 2842 SER B N   1 
ATOM   757 C CA  . SER B 2 10 ? 4.931   -7.092  5.243   1.00 7.92  ? 2842 SER B CA  1 
ATOM   758 C C   . SER B 2 10 ? 6.152   -6.542  4.531   1.00 8.41  ? 2842 SER B C   1 
ATOM   759 O O   . SER B 2 10 ? 6.957   -7.295  3.996   1.00 7.66  ? 2842 SER B O   1 
ATOM   760 C CB  . SER B 2 10 ? 5.294   -7.515  6.673   1.00 13.40 ? 2842 SER B CB  1 
ATOM   761 O OG  . SER B 2 10 ? 6.339   -8.468  6.674   1.00 24.06 ? 2842 SER B OG  1 
ATOM   762 N N   . VAL B 2 11 ? 6.271   -5.220  4.524   1.00 12.74 ? 2843 VAL B N   1 
ATOM   763 C CA  . VAL B 2 11 ? 7.358   -4.544  3.838   1.00 16.92 ? 2843 VAL B CA  1 
ATOM   764 C C   . VAL B 2 11 ? 7.937   -3.431  4.710   1.00 17.95 ? 2843 VAL B C   1 
ATOM   765 O O   . VAL B 2 11 ? 8.924   -2.790  4.346   1.00 13.13 ? 2843 VAL B O   1 
ATOM   766 C CB  . VAL B 2 11 ? 6.879   -3.967  2.485   1.00 12.90 ? 2843 VAL B CB  1 
ATOM   767 C CG1 . VAL B 2 11 ? 6.446   -5.090  1.561   1.00 11.26 ? 2843 VAL B CG1 1 
ATOM   768 C CG2 . VAL B 2 11 ? 5.738   -2.969  2.683   1.00 11.86 ? 2843 VAL B CG2 1 
ATOM   769 O OXT . VAL B 2 11 ? 7.425   -3.154  5.805   1.00 12.52 ? 2843 VAL B OXT 1 
HETATM 770 O O   . HOH C 3 .  ? 5.091   1.550   10.796  1.00 5.55  ? 501  HOH A O   1 
HETATM 771 O O   . HOH C 3 .  ? -4.357  -4.145  -8.052  1.00 9.29  ? 502  HOH A O   1 
HETATM 772 O O   . HOH C 3 .  ? 2.868   7.308   6.850   1.00 6.80  ? 503  HOH A O   1 
HETATM 773 O O   . HOH C 3 .  ? -11.478 3.987   -0.692  1.00 11.70 ? 504  HOH A O   1 
HETATM 774 O O   . HOH C 3 .  ? -2.397  -12.041 -6.683  1.00 8.06  ? 505  HOH A O   1 
HETATM 775 O O   . HOH C 3 .  ? 9.736   8.374   6.740   1.00 20.04 ? 506  HOH A O   1 
HETATM 776 O O   . HOH C 3 .  ? -4.078  -0.919  -5.966  1.00 8.06  ? 507  HOH A O   1 
HETATM 777 O O   . HOH C 3 .  ? 9.933   0.635   9.877   1.00 9.80  ? 508  HOH A O   1 
HETATM 778 O O   . HOH C 3 .  ? -8.205  -6.429  -3.247  1.00 15.14 ? 509  HOH A O   1 
HETATM 779 O O   . HOH C 3 .  ? -5.932  -10.269 0.064   1.00 10.46 ? 510  HOH A O   1 
HETATM 780 O O   . HOH C 3 .  ? -17.919 8.610   -0.767  1.00 15.61 ? 511  HOH A O   1 
HETATM 781 O O   . HOH C 3 .  ? -1.804  -2.535  12.461  1.00 13.55 ? 512  HOH A O   1 
HETATM 782 O O   . HOH C 3 .  ? -9.356  -10.910 -9.146  1.00 15.22 ? 513  HOH A O   1 
HETATM 783 O O   . HOH C 3 .  ? 3.925   -5.002  8.751   1.00 13.00 ? 514  HOH A O   1 
HETATM 784 O O   . HOH C 3 .  ? 12.869  3.487   -3.967  1.00 12.20 ? 515  HOH A O   1 
HETATM 785 O O   . HOH C 3 .  ? -9.118  3.409   0.344   1.00 13.50 ? 516  HOH A O   1 
HETATM 786 O O   . HOH C 3 .  ? 8.535   -1.500  11.024  1.00 10.06 ? 517  HOH A O   1 
HETATM 787 O O   . HOH C 3 .  ? 5.843   -4.988  -10.431 1.00 13.60 ? 518  HOH A O   1 
HETATM 788 O O   . HOH C 3 .  ? -1.368  4.344   -10.526 1.00 22.23 ? 519  HOH A O   1 
HETATM 789 O O   . HOH C 3 .  ? -17.415 -6.824  1.106   1.00 13.81 ? 520  HOH A O   1 
HETATM 790 O O   . HOH C 3 .  ? -4.155  2.928   10.602  1.00 12.59 ? 521  HOH A O   1 
HETATM 791 O O   . HOH C 3 .  ? 2.149   -11.975 -11.164 1.00 12.84 ? 522  HOH A O   1 
HETATM 792 O O   . HOH C 3 .  ? -12.837 6.978   -6.463  1.00 13.52 ? 523  HOH A O   1 
HETATM 793 O O   . HOH C 3 .  ? 0.865   6.248   9.948   1.00 11.19 ? 524  HOH A O   1 
HETATM 794 O O   . HOH C 3 .  ? -14.472 -9.843  -8.712  1.00 26.38 ? 525  HOH A O   1 
HETATM 795 O O   . HOH C 3 .  ? 1.585   -9.151  7.690   1.00 16.78 ? 526  HOH A O   1 
HETATM 796 O O   . HOH C 3 .  ? -13.665 -1.570  3.190   1.00 17.81 ? 527  HOH A O   1 
HETATM 797 O O   . HOH C 3 .  ? -6.749  -2.145  -8.696  1.00 26.86 ? 528  HOH A O   1 
HETATM 798 O O   . HOH C 3 .  ? -10.782 -3.783  -8.770  1.00 14.45 ? 529  HOH A O   1 
HETATM 799 O O   . HOH C 3 .  ? -12.608 -0.190  1.039   1.00 26.97 ? 530  HOH A O   1 
HETATM 800 O O   . HOH C 3 .  ? 3.646   -4.138  -12.510 1.00 22.26 ? 531  HOH A O   1 
HETATM 801 O O   . HOH C 3 .  ? -2.339  -7.798  7.932   1.00 18.66 ? 532  HOH A O   1 
HETATM 802 O O   . HOH C 3 .  ? -7.920  4.194   5.540   1.00 15.70 ? 533  HOH A O   1 
HETATM 803 O O   . HOH C 3 .  ? 8.633   -5.964  11.319  1.00 27.80 ? 534  HOH A O   1 
HETATM 804 O O   . HOH C 3 .  ? 8.549   -3.892  9.575   1.00 18.37 ? 535  HOH A O   1 
HETATM 805 O O   . HOH C 3 .  ? -9.207  -13.336 -5.548  1.00 23.28 ? 536  HOH A O   1 
HETATM 806 O O   . HOH C 3 .  ? 7.884   -3.554  -10.818 1.00 17.15 ? 537  HOH A O   1 
HETATM 807 O O   . HOH C 3 .  ? 4.417   -7.386  10.176  1.00 18.76 ? 538  HOH A O   1 
HETATM 808 O O   . HOH C 3 .  ? -7.147  -9.801  3.129   1.00 23.86 ? 539  HOH A O   1 
HETATM 809 O O   . HOH C 3 .  ? 2.242   -3.065  15.685  1.00 21.02 ? 540  HOH A O   1 
HETATM 810 O O   . HOH C 3 .  ? 6.482   -9.850  -10.447 1.00 16.46 ? 541  HOH A O   1 
HETATM 811 O O   . HOH C 3 .  ? 2.388   -1.963  -13.137 1.00 26.58 ? 542  HOH A O   1 
HETATM 812 O O   . HOH C 3 .  ? 5.839   11.651  4.347   1.00 26.54 ? 543  HOH A O   1 
HETATM 813 O O   . HOH C 3 .  ? 8.914   7.738   9.372   1.00 18.54 ? 544  HOH A O   1 
HETATM 814 O O   . HOH C 3 .  ? -8.843  -13.667 -1.635  1.00 29.08 ? 545  HOH A O   1 
HETATM 815 O O   . HOH C 3 .  ? -19.119 10.623  -2.276  1.00 30.17 ? 546  HOH A O   1 
HETATM 816 O O   . HOH C 3 .  ? 12.329  0.360   11.185  1.00 19.77 ? 547  HOH A O   1 
HETATM 817 O O   . HOH C 3 .  ? 3.968   5.274   -13.218 1.00 27.61 ? 548  HOH A O   1 
HETATM 818 O O   . HOH C 3 .  ? 11.728  6.357   9.212   1.00 24.98 ? 549  HOH A O   1 
HETATM 819 O O   . HOH C 3 .  ? -6.538  0.040   -6.914  1.00 19.27 ? 550  HOH A O   1 
HETATM 820 O O   . HOH C 3 .  ? 9.643   -1.895  13.565  1.00 19.48 ? 551  HOH A O   1 
HETATM 821 O O   . HOH C 3 .  ? -10.825 -12.868 -7.469  1.00 28.77 ? 552  HOH A O   1 
HETATM 822 O O   . HOH C 3 .  ? 4.142   -9.416  -14.351 1.00 30.59 ? 553  HOH A O   1 
HETATM 823 O O   . HOH C 3 .  ? -27.293 5.289   -7.738  1.00 30.54 ? 554  HOH A O   1 
HETATM 824 O O   . HOH C 3 .  ? -17.602 -6.671  -1.680  1.00 25.46 ? 555  HOH A O   1 
HETATM 825 O O   . HOH C 3 .  ? 7.626   -10.984 -5.854  1.00 22.11 ? 556  HOH A O   1 
HETATM 826 O O   . HOH C 3 .  ? 4.272   6.993   -6.374  1.00 22.85 ? 557  HOH A O   1 
HETATM 827 O O   . HOH C 3 .  ? -0.625  -9.773  8.783   1.00 34.95 ? 558  HOH A O   1 
HETATM 828 O O   . HOH C 3 .  ? 10.914  1.860   -7.903  1.00 29.54 ? 559  HOH A O   1 
HETATM 829 O O   . HOH C 3 .  ? 7.252   -7.525  11.044  1.00 30.20 ? 560  HOH A O   1 
HETATM 830 O O   . HOH C 3 .  ? -8.321  5.018   -6.529  1.00 27.03 ? 561  HOH A O   1 
HETATM 831 O O   . HOH C 3 .  ? 12.119  -0.017  14.017  1.00 29.91 ? 562  HOH A O   1 
HETATM 832 O O   . HOH C 3 .  ? -4.472  -15.744 -3.591  1.00 30.66 ? 563  HOH A O   1 
HETATM 833 O O   . HOH C 3 .  ? 9.608   -0.643  -7.782  1.00 21.68 ? 564  HOH A O   1 
HETATM 834 O O   . HOH C 3 .  ? 11.627  -3.241  0.323   1.00 23.10 ? 565  HOH A O   1 
HETATM 835 O O   . HOH C 3 .  ? -9.429  -0.432  -11.238 1.00 31.96 ? 566  HOH A O   1 
HETATM 836 O O   . HOH C 3 .  ? 0.018   -3.607  14.369  1.00 27.78 ? 567  HOH A O   1 
HETATM 837 O O   . HOH C 3 .  ? -16.254 -4.578  -4.206  1.00 23.61 ? 568  HOH A O   1 
HETATM 838 O O   . HOH C 3 .  ? -21.482 3.762   -7.785  1.00 50.40 ? 569  HOH A O   1 
HETATM 839 O O   . HOH C 3 .  ? -19.055 3.309   -7.078  1.00 26.07 ? 570  HOH A O   1 
HETATM 840 O O   . HOH C 3 .  ? -13.898 4.912   -5.496  1.00 21.38 ? 571  HOH A O   1 
HETATM 841 O O   . HOH C 3 .  ? -0.155  5.833   18.066  1.00 29.86 ? 572  HOH A O   1 
HETATM 842 O O   . HOH C 3 .  ? 3.065   -9.660  10.017  1.00 30.88 ? 573  HOH A O   1 
HETATM 843 O O   . HOH C 3 .  ? 13.674  -4.749  -0.781  1.00 27.64 ? 574  HOH A O   1 
HETATM 844 O O   . HOH C 3 .  ? 4.665   -11.684 -11.438 1.00 43.15 ? 575  HOH A O   1 
HETATM 845 O O   . HOH C 3 .  ? -13.070 -5.124  -9.667  1.00 24.42 ? 576  HOH A O   1 
HETATM 846 O O   . HOH C 3 .  ? -12.141 -10.944 -0.439  1.00 23.37 ? 577  HOH A O   1 
HETATM 847 O O   . HOH C 3 .  ? 7.623   -2.556  -13.457 1.00 25.92 ? 578  HOH A O   1 
HETATM 848 O O   . HOH C 3 .  ? -1.416  -11.731 8.640   1.00 30.42 ? 579  HOH A O   1 
HETATM 849 O O   . HOH C 3 .  ? -1.675  -14.233 -6.705  1.00 40.19 ? 580  HOH A O   1 
HETATM 850 O O   . HOH C 3 .  ? -14.662 -1.987  -3.112  1.00 45.15 ? 581  HOH A O   1 
HETATM 851 O O   . HOH C 3 .  ? 7.946   12.204  7.923   1.00 38.02 ? 582  HOH A O   1 
HETATM 852 O O   . HOH C 3 .  ? 3.727   0.638   -14.067 1.00 39.21 ? 583  HOH A O   1 
HETATM 853 O O   . HOH C 3 .  ? 8.848   10.194  10.529  1.00 33.33 ? 584  HOH A O   1 
HETATM 854 O O   . HOH C 3 .  ? 9.062   -0.440  16.414  1.00 41.64 ? 585  HOH A O   1 
HETATM 855 O O   . HOH C 3 .  ? -1.088  -0.780  -13.181 1.00 32.38 ? 586  HOH A O   1 
HETATM 856 O O   . HOH C 3 .  ? -3.566  -4.294  13.159  1.00 41.39 ? 587  HOH A O   1 
HETATM 857 O O   . HOH C 3 .  ? 12.847  0.582   -9.725  1.00 29.42 ? 588  HOH A O   1 
HETATM 858 O O   . HOH C 3 .  ? 3.791   -4.834  16.035  1.00 38.51 ? 589  HOH A O   1 
HETATM 859 O O   . HOH C 3 .  ? 2.296   3.153   -14.914 1.00 38.80 ? 590  HOH A O   1 
HETATM 860 O O   . HOH C 3 .  ? -11.107 -1.168  -7.939  1.00 31.32 ? 591  HOH A O   1 
HETATM 861 O O   . HOH C 3 .  ? 8.858   -4.579  14.346  1.00 35.00 ? 592  HOH A O   1 
HETATM 862 O O   . HOH C 3 .  ? -1.366  -8.212  -13.796 1.00 42.01 ? 593  HOH A O   1 
HETATM 863 O O   . HOH C 3 .  ? 16.426  -0.821  -0.078  1.00 35.00 ? 594  HOH A O   1 
HETATM 864 O O   . HOH C 3 .  ? 15.899  -4.896  -6.166  1.00 41.55 ? 595  HOH A O   1 
HETATM 865 O O   . HOH C 3 .  ? 2.280   14.182  2.027   1.00 39.59 ? 596  HOH A O   1 
HETATM 866 O O   . HOH C 3 .  ? -11.443 -8.075  4.205   1.00 28.40 ? 597  HOH A O   1 
HETATM 867 O O   . HOH C 3 .  ? -2.920  -16.367 -5.065  1.00 37.39 ? 598  HOH A O   1 
HETATM 868 O O   . HOH C 3 .  ? 9.934   1.446   -12.982 1.00 39.44 ? 599  HOH A O   1 
HETATM 869 O O   . HOH C 3 .  ? -3.501  -5.928  10.898  1.00 40.27 ? 600  HOH A O   1 
HETATM 870 O O   . HOH C 3 .  ? -14.370 11.664  5.042   1.00 41.45 ? 601  HOH A O   1 
HETATM 871 O O   . HOH C 3 .  ? 4.325   -11.373 -13.660 1.00 38.46 ? 602  HOH A O   1 
HETATM 872 O O   . HOH C 3 .  ? -0.878  -6.491  14.646  1.00 45.45 ? 603  HOH A O   1 
HETATM 873 O O   . HOH D 3 .  ? 6.430   -4.511  7.906   1.00 13.97 ? 2901 HOH B O   1 
HETATM 874 O O   . HOH D 3 .  ? 10.634  -3.623  2.774   1.00 26.44 ? 2902 HOH B O   1 
HETATM 875 O O   . HOH D 3 .  ? -8.322  -21.244 3.375   1.00 35.70 ? 2903 HOH B O   1 
# 
loop_
_atom_site_anisotrop.id 
_atom_site_anisotrop.type_symbol 
_atom_site_anisotrop.pdbx_label_atom_id 
_atom_site_anisotrop.pdbx_label_alt_id 
_atom_site_anisotrop.pdbx_label_comp_id 
_atom_site_anisotrop.pdbx_label_asym_id 
_atom_site_anisotrop.pdbx_label_seq_id 
_atom_site_anisotrop.pdbx_PDB_ins_code 
_atom_site_anisotrop.U[1][1] 
_atom_site_anisotrop.U[2][2] 
_atom_site_anisotrop.U[3][3] 
_atom_site_anisotrop.U[1][2] 
_atom_site_anisotrop.U[1][3] 
_atom_site_anisotrop.U[2][3] 
_atom_site_anisotrop.pdbx_auth_seq_id 
_atom_site_anisotrop.pdbx_auth_comp_id 
_atom_site_anisotrop.pdbx_auth_asym_id 
_atom_site_anisotrop.pdbx_auth_atom_id 
1   N N   . ARG A 3  ? 0.4764 0.5060 0.5415 0.0001  -0.0313 0.0327  310  ARG A N   
2   C CA  . ARG A 3  ? 0.3808 0.4109 0.4486 -0.0015 -0.0357 0.0356  310  ARG A CA  
3   C C   . ARG A 3  ? 0.3540 0.3846 0.4245 -0.0009 -0.0338 0.0374  310  ARG A C   
4   O O   . ARG A 3  ? 0.2911 0.3223 0.3630 -0.0021 -0.0372 0.0400  310  ARG A O   
5   C CB  . ARG A 3  ? 0.3923 0.4229 0.4710 -0.0021 -0.0390 0.0387  310  ARG A CB  
6   N N   . LYS A 4  ? 0.3607 0.3912 0.4323 0.0012  -0.0286 0.0362  311  LYS A N   
7   C CA  . LYS A 4  ? 0.3125 0.3427 0.3857 0.0018  -0.0258 0.0370  311  LYS A CA  
8   C C   . LYS A 4  ? 0.2527 0.2829 0.3146 0.0013  -0.0258 0.0344  311  LYS A C   
9   O O   . LYS A 4  ? 0.2214 0.2515 0.2746 0.0010  -0.0262 0.0315  311  LYS A O   
10  C CB  . LYS A 4  ? 0.3435 0.3725 0.4214 0.0036  -0.0196 0.0361  311  LYS A CB  
11  C CG  . LYS A 4  ? 0.5229 0.5517 0.6123 0.0044  -0.0184 0.0384  311  LYS A CG  
12  C CD  . LYS A 4  ? 0.6416 0.6708 0.7423 0.0039  -0.0205 0.0427  311  LYS A CD  
13  C CE  . LYS A 4  ? 0.6772 0.7062 0.7906 0.0048  -0.0187 0.0451  311  LYS A CE  
14  N NZ  . LYS A 4  ? 0.6135 0.6406 0.7292 0.0066  -0.0113 0.0435  311  LYS A NZ  
15  N N   . PRO A 5  ? 0.1558 0.1859 0.2186 0.0012  -0.0249 0.0355  312  PRO A N   
16  C CA  . PRO A 5  ? 0.1620 0.1919 0.2153 0.0008  -0.0243 0.0333  312  PRO A CA  
17  C C   . PRO A 5  ? 0.2368 0.2658 0.2843 0.0020  -0.0198 0.0293  312  PRO A C   
18  O O   . PRO A 5  ? 0.1684 0.1964 0.2200 0.0033  -0.0158 0.0286  312  PRO A O   
19  C CB  . PRO A 5  ? 0.1420 0.1719 0.2007 0.0007  -0.0235 0.0358  312  PRO A CB  
20  C CG  . PRO A 5  ? 0.1489 0.1796 0.2181 0.0002  -0.0263 0.0401  312  PRO A CG  
21  C CD  . PRO A 5  ? 0.1948 0.2251 0.2683 0.0011  -0.0251 0.0394  312  PRO A CD  
22  N N   . VAL A 6  ? 0.0762 0.1054 0.1142 0.0015  -0.0204 0.0268  313  VAL A N   
23  C CA  . VAL A 6  ? 0.0852 0.1136 0.1172 0.0024  -0.0169 0.0232  313  VAL A CA  
24  C C   . VAL A 6  ? 0.0929 0.1214 0.1201 0.0020  -0.0161 0.0220  313  VAL A C   
25  O O   . VAL A 6  ? 0.0915 0.1205 0.1133 0.0010  -0.0187 0.0221  313  VAL A O   
26  C CB  . VAL A 6  ? 0.0988 0.1277 0.1246 0.0022  -0.0183 0.0212  313  VAL A CB  
27  C CG1 . VAL A 6  ? 0.1254 0.1538 0.1453 0.0029  -0.0152 0.0179  313  VAL A CG1 
28  C CG2 . VAL A 6  ? 0.1763 0.2052 0.2072 0.0025  -0.0190 0.0222  313  VAL A CG2 
29  N N   . SER A 7  ? 0.0886 0.1161 0.1172 0.0028  -0.0123 0.0208  314  SER A N   
30  C CA  . SER A 7  ? 0.1126 0.1398 0.1376 0.0025  -0.0114 0.0197  314  SER A CA  
31  C C   . SER A 7  ? 0.1323 0.1593 0.1499 0.0028  -0.0097 0.0161  314  SER A C   
32  O O   . SER A 7  ? 0.1265 0.1528 0.1429 0.0035  -0.0077 0.0144  314  SER A O   
33  C CB  . SER A 7  ? 0.0936 0.1198 0.1253 0.0029  -0.0085 0.0205  314  SER A CB  
34  O OG  . SER A 7  ? 0.1317 0.1584 0.1706 0.0024  -0.0105 0.0243  314  SER A OG  
35  N N   . GLU A 8  ? 0.1012 0.1285 0.1141 0.0021  -0.0106 0.0153  315  GLU A N   
36  C CA  . GLU A 8  ? 0.1119 0.1390 0.1187 0.0023  -0.0092 0.0121  315  GLU A CA  
37  C C   . GLU A 8  ? 0.1726 0.1994 0.1790 0.0019  -0.0082 0.0115  315  GLU A C   
38  O O   . GLU A 8  ? 0.1667 0.1938 0.1755 0.0014  -0.0092 0.0136  315  GLU A O   
39  C CB  . GLU A 8  ? 0.1241 0.1522 0.1252 0.0018  -0.0116 0.0114  315  GLU A CB  
40  C CG  . GLU A 8  ? 0.1607 0.1887 0.1621 0.0019  -0.0120 0.0113  315  GLU A CG  
41  C CD  . GLU A 8  ? 0.2159 0.2432 0.2134 0.0008  -0.0124 0.0101  315  GLU A CD  
42  O OE1 . GLU A 8  ? 0.1902 0.2174 0.1861 -0.0003 -0.0135 0.0107  315  GLU A OE1 
43  O OE2 . GLU A 8  ? 0.2112 0.2383 0.2077 0.0011  -0.0119 0.0087  315  GLU A OE2 
44  N N   . LYS A 9  ? 0.0840 0.1102 0.0877 0.0022  -0.0062 0.0087  316  LYS A N   
45  C CA  . LYS A 9  ? 0.0738 0.0997 0.0770 0.0019  -0.0052 0.0076  316  LYS A CA  
46  C C   . LYS A 9  ? 0.1517 0.1785 0.1491 0.0015  -0.0064 0.0062  316  LYS A C   
47  O O   . LYS A 9  ? 0.0828 0.1098 0.0766 0.0017  -0.0064 0.0044  316  LYS A O   
48  C CB  . LYS A 9  ? 0.1905 0.2150 0.1947 0.0022  -0.0023 0.0053  316  LYS A CB  
49  C CG  . LYS A 9  ? 0.4349 0.4591 0.4388 0.0018  -0.0014 0.0037  316  LYS A CG  
50  C CD  . LYS A 9  ? 0.6000 0.6225 0.6048 0.0020  0.0013  0.0009  316  LYS A CD  
51  C CE  . LYS A 9  ? 0.7247 0.7471 0.7238 0.0022  0.0015  -0.0015 316  LYS A CE  
52  N NZ  . LYS A 9  ? 0.8165 0.8371 0.8148 0.0020  0.0041  -0.0043 316  LYS A NZ  
53  N N   . ILE A 10 ? 0.1207 0.1479 0.1178 0.0008  -0.0073 0.0073  317  ILE A N   
54  C CA  . ILE A 10 ? 0.0815 0.1095 0.0740 0.0004  -0.0080 0.0063  317  ILE A CA  
55  C C   . ILE A 10 ? 0.1918 0.2195 0.1845 0.0004  -0.0066 0.0043  317  ILE A C   
56  O O   . ILE A 10 ? 0.2004 0.2275 0.1967 0.0001  -0.0056 0.0049  317  ILE A O   
57  C CB  . ILE A 10 ? 0.1688 0.1973 0.1601 -0.0004 -0.0096 0.0086  317  ILE A CB  
58  C CG1 . ILE A 10 ? 0.2667 0.2951 0.2592 -0.0006 -0.0111 0.0107  317  ILE A CG1 
59  C CG2 . ILE A 10 ? 0.2020 0.2306 0.1902 -0.0010 -0.0087 0.0070  317  ILE A CG2 
60  C CD1 . ILE A 10 ? 0.1470 0.1751 0.1391 -0.0004 -0.0108 0.0092  317  ILE A CD1 
61  N N   . MET A 11 ? 0.1316 0.1595 0.1210 0.0004  -0.0066 0.0021  318  MET A N   
62  C CA  . MET A 11 ? 0.2179 0.2455 0.2078 0.0002  -0.0056 0.0000  318  MET A CA  
63  C C   . MET A 11 ? 0.2336 0.2619 0.2215 0.0000  -0.0059 -0.0010 318  MET A C   
64  O O   . MET A 11 ? 0.1215 0.1500 0.1094 0.0002  -0.0056 -0.0010 318  MET A O   
65  C CB  . MET A 11 ? 0.1863 0.2131 0.1757 0.0006  -0.0047 -0.0019 318  MET A CB  
66  C CG  . MET A 11 ? 0.3975 0.4237 0.3871 0.0002  -0.0041 -0.0043 318  MET A CG  
67  S SD  . MET A 11 ? 0.4767 0.5018 0.4644 0.0005  -0.0030 -0.0064 318  MET A SD  
68  C CE  . MET A 11 ? 0.8608 0.8871 0.8449 0.0008  -0.0044 -0.0062 318  MET A CE  
69  N N   . GLU A 12 ? 0.1625 0.1910 0.1512 -0.0004 -0.0057 -0.0017 319  GLU A N   
70  C CA  . GLU A 12 ? 0.2090 0.2381 0.1969 -0.0006 -0.0058 -0.0027 319  GLU A CA  
71  C C   . GLU A 12 ? 0.2233 0.2523 0.2115 -0.0007 -0.0061 -0.0049 319  GLU A C   
72  O O   . GLU A 12 ? 0.1719 0.2003 0.1610 -0.0009 -0.0059 -0.0061 319  GLU A O   
73  C CB  . GLU A 12 ? 0.2972 0.3266 0.2865 -0.0011 -0.0053 -0.0018 319  GLU A CB  
74  C CG  . GLU A 12 ? 0.4771 0.5071 0.4660 -0.0013 -0.0053 -0.0028 319  GLU A CG  
75  C CD  . GLU A 12 ? 0.6907 0.7208 0.6808 -0.0017 -0.0041 -0.0015 319  GLU A CD  
76  O OE1 . GLU A 12 ? 0.6979 0.7279 0.6917 -0.0019 -0.0033 -0.0015 319  GLU A OE1 
77  O OE2 . GLU A 12 ? 0.7564 0.7867 0.7439 -0.0017 -0.0037 -0.0007 319  GLU A OE2 
78  N N   . ILE A 13 ? 0.1537 0.1833 0.1421 -0.0005 -0.0060 -0.0052 320  ILE A N   
79  C CA  . ILE A 13 ? 0.1138 0.1434 0.1021 -0.0006 -0.0067 -0.0068 320  ILE A CA  
80  C C   . ILE A 13 ? 0.1889 0.2194 0.1782 -0.0009 -0.0072 -0.0071 320  ILE A C   
81  O O   . ILE A 13 ? 0.2124 0.2435 0.2021 -0.0006 -0.0068 -0.0062 320  ILE A O   
82  C CB  . ILE A 13 ? 0.1559 0.1853 0.1432 -0.0001 -0.0065 -0.0067 320  ILE A CB  
83  C CG1 . ILE A 13 ? 0.1416 0.1702 0.1279 0.0002  -0.0059 -0.0065 320  ILE A CG1 
84  C CG2 . ILE A 13 ? 0.1736 0.2034 0.1600 -0.0004 -0.0076 -0.0079 320  ILE A CG2 
85  C CD1 . ILE A 13 ? 0.1204 0.1490 0.1060 0.0008  -0.0057 -0.0060 320  ILE A CD1 
86  N N   . LYS A 14 ? 0.1421 0.1729 0.1324 -0.0015 -0.0084 -0.0085 321  LYS A N   
87  C CA  . LYS A 14 ? 0.1531 0.1851 0.1454 -0.0019 -0.0095 -0.0088 321  LYS A CA  
88  C C   . LYS A 14 ? 0.1501 0.1821 0.1418 -0.0020 -0.0108 -0.0094 321  LYS A C   
89  O O   . LYS A 14 ? 0.1877 0.2192 0.1784 -0.0024 -0.0117 -0.0107 321  LYS A O   
90  C CB  . LYS A 14 ? 0.1425 0.1747 0.1382 -0.0027 -0.0097 -0.0096 321  LYS A CB  
91  C CG  . LYS A 14 ? 0.2339 0.2671 0.2333 -0.0031 -0.0107 -0.0098 321  LYS A CG  
92  C CD  . LYS A 14 ? 0.3677 0.4004 0.3718 -0.0037 -0.0107 -0.0107 321  LYS A CD  
93  C CE  . LYS A 14 ? 0.4590 0.4930 0.4666 -0.0044 -0.0129 -0.0114 321  LYS A CE  
94  N NZ  . LYS A 14 ? 0.4002 0.4340 0.4138 -0.0051 -0.0126 -0.0119 321  LYS A NZ  
95  N N   . LEU A 15 ? 0.1088 0.1418 0.1014 -0.0017 -0.0111 -0.0085 322  LEU A N   
96  C CA  . LEU A 15 ? 0.0498 0.0831 0.0420 -0.0019 -0.0127 -0.0085 322  LEU A CA  
97  C C   . LEU A 15 ? 0.1266 0.1613 0.1227 -0.0024 -0.0145 -0.0085 322  LEU A C   
98  O O   . LEU A 15 ? 0.1045 0.1403 0.1035 -0.0022 -0.0138 -0.0080 322  LEU A O   
99  C CB  . LEU A 15 ? 0.1369 0.1702 0.1279 -0.0011 -0.0119 -0.0073 322  LEU A CB  
100 C CG  . LEU A 15 ? 0.2600 0.2926 0.2480 -0.0008 -0.0116 -0.0071 322  LEU A CG  
101 C CD1 . LEU A 15 ? 0.2207 0.2523 0.2069 -0.0010 -0.0111 -0.0083 322  LEU A CD1 
102 C CD2 . LEU A 15 ? 0.1620 0.1947 0.1500 -0.0001 -0.0102 -0.0059 322  LEU A CD2 
103 N N   . ILE A 16 ? 0.0541 0.0894 0.0510 -0.0031 -0.0170 -0.0090 323  ILE A N   
104 C CA  . ILE A 16 ? 0.1043 0.1412 0.1060 -0.0037 -0.0193 -0.0084 323  ILE A CA  
105 C C   . ILE A 16 ? 0.1905 0.2280 0.1914 -0.0036 -0.0206 -0.0070 323  ILE A C   
106 O O   . ILE A 16 ? 0.1366 0.1735 0.1336 -0.0038 -0.0217 -0.0071 323  ILE A O   
107 C CB  . ILE A 16 ? 0.1185 0.1557 0.1224 -0.0049 -0.0217 -0.0098 323  ILE A CB  
108 C CG1 . ILE A 16 ? 0.1442 0.1811 0.1500 -0.0052 -0.0204 -0.0111 323  ILE A CG1 
109 C CG2 . ILE A 16 ? 0.0788 0.1181 0.0892 -0.0056 -0.0244 -0.0089 323  ILE A CG2 
110 C CD1 . ILE A 16 ? 0.2153 0.2519 0.2222 -0.0065 -0.0225 -0.0131 323  ILE A CD1 
111 N N   . LYS A 17 ? 0.1189 0.1576 0.1237 -0.0031 -0.0205 -0.0058 324  LYS A N   
112 C CA  . LYS A 17 ? 0.1454 0.1849 0.1506 -0.0029 -0.0217 -0.0041 324  LYS A CA  
113 C C   . LYS A 17 ? 0.1962 0.2366 0.2022 -0.0040 -0.0255 -0.0035 324  LYS A C   
114 O O   . LYS A 17 ? 0.1633 0.2044 0.1731 -0.0048 -0.0274 -0.0041 324  LYS A O   
115 C CB  . LYS A 17 ? 0.1567 0.1979 0.1680 -0.0025 -0.0211 -0.0030 324  LYS A CB  
116 C CG  . LYS A 17 ? 0.1582 0.1986 0.1677 -0.0015 -0.0180 -0.0034 324  LYS A CG  
117 C CD  . LYS A 17 ? 0.1573 0.1998 0.1737 -0.0012 -0.0173 -0.0028 324  LYS A CD  
118 C CE  . LYS A 17 ? 0.0649 0.1063 0.0789 -0.0007 -0.0141 -0.0036 324  LYS A CE  
119 N NZ  . LYS A 17 ? 0.0740 0.1155 0.0941 -0.0004 -0.0118 -0.0035 324  LYS A NZ  
120 N N   . GLY A 18 ? 0.1598 0.2003 0.1624 -0.0041 -0.0267 -0.0022 325  GLY A N   
121 C CA  . GLY A 18 ? 0.1186 0.1603 0.1222 -0.0051 -0.0308 -0.0010 325  GLY A CA  
122 C C   . GLY A 18 ? 0.0972 0.1408 0.1067 -0.0049 -0.0323 0.0017  325  GLY A C   
123 O O   . GLY A 18 ? 0.1759 0.2200 0.1893 -0.0040 -0.0299 0.0021  325  GLY A O   
124 N N   . PRO A 19 ? 0.1458 0.1908 0.1563 -0.0060 -0.0363 0.0036  326  PRO A N   
125 C CA  . PRO A 19 ? 0.1853 0.2325 0.2024 -0.0058 -0.0379 0.0067  326  PRO A CA  
126 C C   . PRO A 19 ? 0.2078 0.2548 0.2235 -0.0045 -0.0351 0.0078  326  PRO A C   
127 O O   . PRO A 19 ? 0.2736 0.3220 0.2963 -0.0039 -0.0348 0.0095  326  PRO A O   
128 C CB  . PRO A 19 ? 0.2550 0.3033 0.2698 -0.0073 -0.0428 0.0087  326  PRO A CB  
129 C CG  . PRO A 19 ? 0.2614 0.3082 0.2699 -0.0084 -0.0440 0.0061  326  PRO A CG  
130 C CD  . PRO A 19 ? 0.2178 0.2623 0.2222 -0.0074 -0.0394 0.0031  326  PRO A CD  
131 N N   . LYS A 20 ? 0.2014 0.2466 0.2090 -0.0042 -0.0332 0.0066  327  LYS A N   
132 C CA  . LYS A 20 ? 0.2487 0.2937 0.2551 -0.0031 -0.0306 0.0075  327  LYS A CA  
133 C C   . LYS A 20 ? 0.2517 0.2948 0.2569 -0.0020 -0.0265 0.0052  327  LYS A C   
134 O O   . LYS A 20 ? 0.1550 0.1976 0.1581 -0.0013 -0.0244 0.0054  327  LYS A O   
135 C CB  . LYS A 20 ? 0.2579 0.3025 0.2575 -0.0033 -0.0312 0.0085  327  LYS A CB  
136 C CG  . LYS A 20 ? 0.3743 0.4204 0.3725 -0.0047 -0.0356 0.0107  327  LYS A CG  
137 C CD  . LYS A 20 ? 0.4937 0.5425 0.5003 -0.0048 -0.0384 0.0138  327  LYS A CD  
138 C CE  . LYS A 20 ? 0.6023 0.6518 0.6123 -0.0036 -0.0367 0.0160  327  LYS A CE  
139 N NZ  . LYS A 20 ? 0.6126 0.6648 0.6321 -0.0037 -0.0393 0.0194  327  LYS A NZ  
140 N N   . GLY A 21 ? 0.1508 0.1936 0.1578 -0.0021 -0.0255 0.0033  328  GLY A N   
141 C CA  . GLY A 21 ? 0.1317 0.1730 0.1374 -0.0013 -0.0220 0.0015  328  GLY A CA  
142 C C   . GLY A 21 ? 0.0680 0.1074 0.0673 -0.0013 -0.0203 -0.0003 328  GLY A C   
143 O O   . GLY A 21 ? 0.1005 0.1395 0.0973 -0.0020 -0.0218 -0.0010 328  GLY A O   
144 N N   . LEU A 22 ? 0.0459 0.0841 0.0432 -0.0005 -0.0175 -0.0010 329  LEU A N   
145 C CA  . LEU A 22 ? 0.0542 0.0909 0.0476 -0.0004 -0.0158 -0.0023 329  LEU A CA  
146 C C   . LEU A 22 ? 0.1139 0.1501 0.1033 -0.0004 -0.0159 -0.0019 329  LEU A C   
147 O O   . LEU A 22 ? 0.0979 0.1332 0.0844 -0.0006 -0.0153 -0.0030 329  LEU A O   
148 C CB  . LEU A 22 ? 0.0468 0.0828 0.0403 0.0003  -0.0131 -0.0029 329  LEU A CB  
149 C CG  . LEU A 22 ? 0.1066 0.1431 0.1032 0.0001  -0.0129 -0.0035 329  LEU A CG  
150 C CD1 . LEU A 22 ? 0.1484 0.1842 0.1444 0.0007  -0.0108 -0.0039 329  LEU A CD1 
151 C CD2 . LEU A 22 ? 0.1159 0.1521 0.1124 -0.0004 -0.0133 -0.0046 329  LEU A CD2 
152 N N   . GLY A 23 ? 0.0774 0.1145 0.0668 -0.0002 -0.0166 -0.0002 330  GLY A N   
153 C CA  . GLY A 23 ? 0.0904 0.1274 0.0760 -0.0003 -0.0169 0.0004  330  GLY A CA  
154 C C   . GLY A 23 ? 0.0854 0.1215 0.0697 0.0006  -0.0144 0.0002  330  GLY A C   
155 O O   . GLY A 23 ? 0.0919 0.1274 0.0728 0.0005  -0.0141 -0.0002 330  GLY A O   
156 N N   . PHE A 24 ? 0.0664 0.1024 0.0535 0.0012  -0.0130 0.0003  331  PHE A N   
157 C CA  . PHE A 24 ? 0.0364 0.0718 0.0231 0.0020  -0.0112 0.0005  331  PHE A CA  
158 C C   . PHE A 24 ? 0.1027 0.1385 0.0922 0.0025  -0.0108 0.0012  331  PHE A C   
159 O O   . PHE A 24 ? 0.1147 0.1510 0.1065 0.0023  -0.0113 0.0013  331  PHE A O   
160 C CB  . PHE A 24 ? 0.0714 0.1055 0.0575 0.0021  -0.0096 -0.0009 331  PHE A CB  
161 C CG  . PHE A 24 ? 0.0704 0.1042 0.0587 0.0021  -0.0089 -0.0018 331  PHE A CG  
162 C CD1 . PHE A 24 ? 0.0794 0.1128 0.0690 0.0026  -0.0077 -0.0018 331  PHE A CD1 
163 C CD2 . PHE A 24 ? 0.0904 0.1241 0.0790 0.0016  -0.0094 -0.0026 331  PHE A CD2 
164 C CE1 . PHE A 24 ? 0.1262 0.1593 0.1169 0.0024  -0.0072 -0.0024 331  PHE A CE1 
165 C CE2 . PHE A 24 ? 0.1480 0.1816 0.1381 0.0015  -0.0087 -0.0032 331  PHE A CE2 
166 C CZ  . PHE A 24 ? 0.1342 0.1674 0.1251 0.0019  -0.0075 -0.0031 331  PHE A CZ  
167 N N   . SER A 25 ? 0.0382 0.0735 0.0275 0.0030  -0.0097 0.0017  332  SER A N   
168 C CA  . SER A 25 ? 0.1017 0.1373 0.0936 0.0035  -0.0094 0.0021  332  SER A CA  
169 C C   . SER A 25 ? 0.0751 0.1094 0.0670 0.0037  -0.0080 0.0011  332  SER A C   
170 O O   . SER A 25 ? 0.0947 0.1285 0.0853 0.0038  -0.0074 0.0008  332  SER A O   
171 C CB  . SER A 25 ? 0.1181 0.1546 0.1106 0.0039  -0.0100 0.0041  332  SER A CB  
172 O OG  . SER A 25 ? 0.1054 0.1432 0.0981 0.0036  -0.0117 0.0056  332  SER A OG  
173 N N   . ILE A 26 ? 0.0232 0.0574 0.0169 0.0038  -0.0079 0.0006  333  ILE A N   
174 C CA  . ILE A 26 ? 0.1219 0.1550 0.1153 0.0038  -0.0072 -0.0001 333  ILE A CA  
175 C C   . ILE A 26 ? 0.0607 0.0937 0.0557 0.0041  -0.0076 0.0004  333  ILE A C   
176 O O   . ILE A 26 ? 0.0701 0.1040 0.0670 0.0042  -0.0083 0.0008  333  ILE A O   
177 C CB  . ILE A 26 ? 0.1047 0.1373 0.0980 0.0034  -0.0068 -0.0015 333  ILE A CB  
178 C CG1 . ILE A 26 ? 0.0736 0.1068 0.0681 0.0033  -0.0073 -0.0021 333  ILE A CG1 
179 C CG2 . ILE A 26 ? 0.1153 0.1477 0.1076 0.0031  -0.0065 -0.0019 333  ILE A CG2 
180 C CD1 . ILE A 26 ? 0.0523 0.0853 0.0463 0.0027  -0.0070 -0.0037 333  ILE A CD1 
181 N N   . ALA A 27 ? 0.0449 0.0771 0.0397 0.0042  -0.0074 0.0005  334  ALA A N   
182 C CA  . ALA A 27 ? 0.0979 0.1299 0.0944 0.0043  -0.0080 0.0006  334  ALA A CA  
183 C C   . ALA A 27 ? 0.1257 0.1565 0.1212 0.0038  -0.0082 -0.0005 334  ALA A C   
184 O O   . ALA A 27 ? 0.1303 0.1608 0.1242 0.0035  -0.0077 -0.0011 334  ALA A O   
185 C CB  . ALA A 27 ? 0.0332 0.0655 0.0306 0.0049  -0.0081 0.0024  334  ALA A CB  
186 N N   . GLY A 28 ? 0.0843 0.1148 0.0812 0.0037  -0.0093 -0.0008 335  GLY A N   
187 C CA  . GLY A 28 ? 0.0727 0.1020 0.0683 0.0030  -0.0099 -0.0017 335  GLY A CA  
188 C C   . GLY A 28 ? 0.1118 0.1412 0.1060 0.0022  -0.0103 -0.0037 335  GLY A C   
189 O O   . GLY A 28 ? 0.0985 0.1285 0.0933 0.0022  -0.0100 -0.0047 335  GLY A O   
190 N N   . GLY A 29 ? 0.1125 0.1408 0.1046 0.0014  -0.0111 -0.0043 336  GLY A N   
191 C CA  . GLY A 29 ? 0.1190 0.1468 0.1085 0.0003  -0.0114 -0.0063 336  GLY A CA  
192 C C   . GLY A 29 ? 0.1029 0.1300 0.0923 -0.0006 -0.0134 -0.0075 336  GLY A C   
193 O O   . GLY A 29 ? 0.1087 0.1361 0.1014 -0.0001 -0.0145 -0.0068 336  GLY A O   
194 N N   . VAL A 30 ? 0.0700 0.0960 0.0554 -0.0019 -0.0138 -0.0092 337  VAL A N   
195 C CA  . VAL A 30 ? 0.1027 0.1279 0.0871 -0.0032 -0.0159 -0.0109 337  VAL A CA  
196 C C   . VAL A 30 ? 0.1632 0.1889 0.1514 -0.0030 -0.0161 -0.0130 337  VAL A C   
197 O O   . VAL A 30 ? 0.1604 0.1868 0.1491 -0.0028 -0.0145 -0.0145 337  VAL A O   
198 C CB  . VAL A 30 ? 0.1682 0.1919 0.1464 -0.0049 -0.0158 -0.0129 337  VAL A CB  
199 C CG1 . VAL A 30 ? 0.1426 0.1649 0.1192 -0.0064 -0.0179 -0.0156 337  VAL A CG1 
200 C CG2 . VAL A 30 ? 0.1833 0.2065 0.1585 -0.0052 -0.0162 -0.0107 337  VAL A CG2 
201 N N   . GLY A 31 ? 0.1976 0.2236 0.1896 -0.0031 -0.0181 -0.0129 338  GLY A N   
202 C CA  . GLY A 31 ? 0.1389 0.1653 0.1369 -0.0026 -0.0175 -0.0142 338  GLY A CA  
203 C C   . GLY A 31 ? 0.1450 0.1733 0.1486 -0.0008 -0.0163 -0.0116 338  GLY A C   
204 O O   . GLY A 31 ? 0.1471 0.1758 0.1563 -0.0002 -0.0152 -0.0118 338  GLY A O   
205 N N   . ASN A 32 ? 0.0842 0.1135 0.0861 0.0001  -0.0165 -0.0089 339  ASN A N   
206 C CA  . ASN A 32 ? 0.1368 0.1676 0.1423 0.0016  -0.0152 -0.0064 339  ASN A CA  
207 C C   . ASN A 32 ? 0.1286 0.1585 0.1323 0.0023  -0.0146 -0.0037 339  ASN A C   
208 O O   . ASN A 32 ? 0.1159 0.1459 0.1181 0.0030  -0.0130 -0.0024 339  ASN A O   
209 C CB  . ASN A 32 ? 0.0903 0.1218 0.0944 0.0019  -0.0137 -0.0070 339  ASN A CB  
210 C CG  . ASN A 32 ? 0.1474 0.1800 0.1545 0.0031  -0.0127 -0.0045 339  ASN A CG  
211 O OD1 . ASN A 32 ? 0.1275 0.1614 0.1402 0.0039  -0.0129 -0.0034 339  ASN A OD1 
212 N ND2 . ASN A 32 ? 0.1188 0.1512 0.1226 0.0035  -0.0115 -0.0036 339  ASN A ND2 
213 N N   . GLN A 33 ? 0.0853 0.1142 0.0894 0.0019  -0.0159 -0.0033 340  GLN A N   
214 C CA  . GLN A 33 ? 0.1092 0.1374 0.1122 0.0022  -0.0155 -0.0012 340  GLN A CA  
215 C C   . GLN A 33 ? 0.1195 0.1485 0.1244 0.0034  -0.0139 0.0010  340  GLN A C   
216 O O   . GLN A 33 ? 0.0920 0.1218 0.1010 0.0040  -0.0139 0.0021  340  GLN A O   
217 C CB  . GLN A 33 ? 0.0865 0.1142 0.0918 0.0016  -0.0177 -0.0007 340  GLN A CB  
218 C CG  . GLN A 33 ? 0.1118 0.1384 0.1137 0.0001  -0.0196 -0.0025 340  GLN A CG  
219 C CD  . GLN A 33 ? 0.1875 0.2136 0.1917 -0.0008 -0.0223 -0.0016 340  GLN A CD  
220 O OE1 . GLN A 33 ? 0.1754 0.2021 0.1853 -0.0001 -0.0230 -0.0001 340  GLN A OE1 
221 N NE2 . GLN A 33 ? 0.1730 0.1980 0.1732 -0.0022 -0.0240 -0.0022 340  GLN A NE2 
222 N N   . HIS A 34 ? 0.0664 0.0952 0.0683 0.0035  -0.0125 0.0016  341  HIS A N   
223 C CA  . HIS A 34 ? 0.0999 0.1294 0.1023 0.0044  -0.0110 0.0035  341  HIS A CA  
224 C C   . HIS A 34 ? 0.1229 0.1524 0.1280 0.0047  -0.0114 0.0053  341  HIS A C   
225 O O   . HIS A 34 ? 0.1145 0.1447 0.1217 0.0057  -0.0107 0.0070  341  HIS A O   
226 C CB  . HIS A 34 ? 0.1615 0.1911 0.1603 0.0044  -0.0097 0.0029  341  HIS A CB  
227 C CG  . HIS A 34 ? 0.0746 0.1050 0.0729 0.0052  -0.0085 0.0044  341  HIS A CG  
228 N ND1 . HIS A 34 ? 0.1298 0.1613 0.1291 0.0058  -0.0081 0.0056  341  HIS A ND1 
229 C CD2 . HIS A 34 ? 0.1133 0.1435 0.1103 0.0052  -0.0077 0.0047  341  HIS A CD2 
230 C CE1 . HIS A 34 ? 0.1695 0.2016 0.1672 0.0064  -0.0072 0.0065  341  HIS A CE1 
231 N NE2 . HIS A 34 ? 0.1511 0.1824 0.1475 0.0060  -0.0069 0.0059  341  HIS A NE2 
232 N N   . ILE A 35 ? 0.1041 0.1325 0.1091 0.0040  -0.0126 0.0051  342  ILE A N   
233 C CA  . ILE A 35 ? 0.1675 0.1959 0.1763 0.0042  -0.0135 0.0069  342  ILE A CA  
234 C C   . ILE A 35 ? 0.1565 0.1842 0.1675 0.0032  -0.0161 0.0064  342  ILE A C   
235 O O   . ILE A 35 ? 0.1537 0.1808 0.1614 0.0022  -0.0171 0.0049  342  ILE A O   
236 C CB  . ILE A 35 ? 0.1601 0.1883 0.1676 0.0041  -0.0128 0.0078  342  ILE A CB  
237 C CG1 . ILE A 35 ? 0.1272 0.1560 0.1320 0.0050  -0.0106 0.0078  342  ILE A CG1 
238 C CG2 . ILE A 35 ? 0.1988 0.2272 0.2118 0.0044  -0.0136 0.0100  342  ILE A CG2 
239 C CD1 . ILE A 35 ? 0.2054 0.2342 0.2089 0.0051  -0.0099 0.0081  342  ILE A CD1 
240 N N   . PRO A 36 ? 0.1670 0.1951 0.1839 0.0035  -0.0171 0.0076  343  PRO A N   
241 C CA  . PRO A 36 ? 0.1837 0.2113 0.2030 0.0025  -0.0201 0.0068  343  PRO A CA  
242 C C   . PRO A 36 ? 0.1776 0.2044 0.1942 0.0012  -0.0221 0.0067  343  PRO A C   
243 O O   . PRO A 36 ? 0.1344 0.1612 0.1522 0.0014  -0.0217 0.0086  343  PRO A O   
244 C CB  . PRO A 36 ? 0.3135 0.3416 0.3406 0.0032  -0.0204 0.0091  343  PRO A CB  
245 C CG  . PRO A 36 ? 0.2641 0.2930 0.2921 0.0047  -0.0172 0.0103  343  PRO A CG  
246 C CD  . PRO A 36 ? 0.1360 0.1649 0.1576 0.0048  -0.0156 0.0099  343  PRO A CD  
247 N N   . GLY A 37 ? 0.1299 0.1561 0.1429 -0.0001 -0.0239 0.0047  344  GLY A N   
248 C CA  . GLY A 37 ? 0.2603 0.2856 0.2700 -0.0014 -0.0260 0.0048  344  GLY A CA  
249 C C   . GLY A 37 ? 0.1855 0.2105 0.1895 -0.0015 -0.0241 0.0045  344  GLY A C   
250 O O   . GLY A 37 ? 0.1408 0.1652 0.1421 -0.0027 -0.0255 0.0050  344  GLY A O   
251 N N   . ASP A 38 ? 0.1876 0.2130 0.1900 -0.0004 -0.0210 0.0038  345  ASP A N   
252 C CA  . ASP A 38 ? 0.1533 0.1786 0.1516 -0.0004 -0.0190 0.0035  345  ASP A CA  
253 C C   . ASP A 38 ? 0.1597 0.1851 0.1550 -0.0003 -0.0175 0.0013  345  ASP A C   
254 O O   . ASP A 38 ? 0.0785 0.1046 0.0755 0.0007  -0.0163 0.0008  345  ASP A O   
255 C CB  . ASP A 38 ? 0.1777 0.2036 0.1778 0.0007  -0.0170 0.0050  345  ASP A CB  
256 C CG  . ASP A 38 ? 0.1836 0.2093 0.1805 0.0006  -0.0154 0.0048  345  ASP A CG  
257 O OD1 . ASP A 38 ? 0.1727 0.1983 0.1663 0.0000  -0.0152 0.0035  345  ASP A OD1 
258 O OD2 . ASP A 38 ? 0.2203 0.2465 0.2187 0.0012  -0.0144 0.0061  345  ASP A OD2 
259 N N   . ASN A 39 ? 0.1046 0.1296 0.0959 -0.0012 -0.0175 0.0001  346  ASN A N   
260 C CA  . ASN A 39 ? 0.1093 0.1345 0.0983 -0.0012 -0.0161 -0.0020 346  ASN A CA  
261 C C   . ASN A 39 ? 0.1145 0.1404 0.1029 -0.0005 -0.0136 -0.0018 346  ASN A C   
262 O O   . ASN A 39 ? 0.1100 0.1364 0.0972 -0.0005 -0.0125 -0.0032 346  ASN A O   
263 C CB  . ASN A 39 ? 0.0443 0.0689 0.0293 -0.0027 -0.0174 -0.0036 346  ASN A CB  
264 C CG  . ASN A 39 ? 0.1831 0.2071 0.1686 -0.0036 -0.0201 -0.0046 346  ASN A CG  
265 O OD1 . ASN A 39 ? 0.1623 0.1867 0.1517 -0.0029 -0.0206 -0.0049 346  ASN A OD1 
266 N ND2 . ASN A 39 ? 0.1144 0.1376 0.0959 -0.0052 -0.0222 -0.0050 346  ASN A ND2 
267 N N   . SER A 40 ? 0.1044 0.1304 0.0937 -0.0001 -0.0130 -0.0002 347  SER A N   
268 C CA  . SER A 40 ? 0.1258 0.1523 0.1144 0.0003  -0.0111 -0.0002 347  SER A CA  
269 C C   . SER A 40 ? 0.0745 0.1018 0.0643 0.0011  -0.0096 -0.0010 347  SER A C   
270 O O   . SER A 40 ? 0.1014 0.1290 0.0929 0.0018  -0.0097 -0.0008 347  SER A O   
271 C CB  . SER A 40 ? 0.1694 0.1960 0.1592 0.0006  -0.0109 0.0014  347  SER A CB  
272 O OG  . SER A 40 ? 0.1781 0.2041 0.1674 -0.0003 -0.0124 0.0026  347  SER A OG  
273 N N   . ILE A 41 ? 0.0607 0.0885 0.0496 0.0012  -0.0085 -0.0016 348  ILE A N   
274 C CA  . ILE A 41 ? 0.0653 0.0941 0.0555 0.0019  -0.0075 -0.0019 348  ILE A CA  
275 C C   . ILE A 41 ? 0.1158 0.1448 0.1066 0.0024  -0.0070 -0.0009 348  ILE A C   
276 O O   . ILE A 41 ? 0.0990 0.1277 0.0892 0.0022  -0.0068 -0.0006 348  ILE A O   
277 C CB  . ILE A 41 ? 0.1173 0.1467 0.1067 0.0016  -0.0070 -0.0028 348  ILE A CB  
278 C CG1 . ILE A 41 ? 0.1463 0.1753 0.1343 0.0010  -0.0074 -0.0041 348  ILE A CG1 
279 C CG2 . ILE A 41 ? 0.0840 0.1144 0.0749 0.0023  -0.0064 -0.0028 348  ILE A CG2 
280 C CD1 . ILE A 41 ? 0.0908 0.1201 0.0800 0.0012  -0.0080 -0.0049 348  ILE A CD1 
281 N N   . TYR A 42 ? 0.0910 0.1206 0.0829 0.0031  -0.0068 -0.0004 349  TYR A N   
282 C CA  . TYR A 42 ? 0.0663 0.0961 0.0580 0.0036  -0.0062 0.0003  349  TYR A CA  
283 C C   . TYR A 42 ? 0.0858 0.1165 0.0773 0.0039  -0.0059 0.0001  349  TYR A C   
284 O O   . TYR A 42 ? 0.0445 0.0758 0.0366 0.0039  -0.0062 0.0002  349  TYR A O   
285 C CB  . TYR A 42 ? 0.0866 0.1163 0.0792 0.0040  -0.0066 0.0015  349  TYR A CB  
286 C CG  . TYR A 42 ? 0.1172 0.1460 0.1102 0.0038  -0.0071 0.0021  349  TYR A CG  
287 C CD1 . TYR A 42 ? 0.2196 0.2484 0.2124 0.0039  -0.0068 0.0028  349  TYR A CD1 
288 C CD2 . TYR A 42 ? 0.1058 0.1341 0.0997 0.0034  -0.0083 0.0022  349  TYR A CD2 
289 C CE1 . TYR A 42 ? 0.2134 0.2416 0.2073 0.0037  -0.0077 0.0039  349  TYR A CE1 
290 C CE2 . TYR A 42 ? 0.1335 0.1611 0.1284 0.0030  -0.0094 0.0033  349  TYR A CE2 
291 C CZ  . TYR A 42 ? 0.1778 0.2053 0.1728 0.0032  -0.0090 0.0043  349  TYR A CZ  
292 O OH  . TYR A 42 ? 0.2223 0.2496 0.2193 0.0028  -0.0104 0.0057  349  TYR A OH  
293 N N   . VAL A 43 ? 0.0707 0.1015 0.0612 0.0038  -0.0056 0.0001  350  VAL A N   
294 C CA  . VAL A 43 ? 0.1091 0.1406 0.0986 0.0040  -0.0057 0.0001  350  VAL A CA  
295 C C   . VAL A 43 ? 0.1231 0.1550 0.1120 0.0045  -0.0057 0.0012  350  VAL A C   
296 O O   . VAL A 43 ? 0.1387 0.1702 0.1271 0.0048  -0.0053 0.0017  350  VAL A O   
297 C CB  . VAL A 43 ? 0.1001 0.1314 0.0883 0.0036  -0.0056 -0.0007 350  VAL A CB  
298 C CG1 . VAL A 43 ? 0.0595 0.0915 0.0459 0.0035  -0.0062 -0.0007 350  VAL A CG1 
299 C CG2 . VAL A 43 ? 0.0687 0.0997 0.0575 0.0031  -0.0056 -0.0015 350  VAL A CG2 
300 N N   . THR A 44 ? 0.0709 0.1039 0.0599 0.0046  -0.0062 0.0020  351  THR A N   
301 C CA  . THR A 44 ? 0.0578 0.0914 0.0461 0.0052  -0.0063 0.0036  351  THR A CA  
302 C C   . THR A 44 ? 0.1165 0.1510 0.1023 0.0051  -0.0068 0.0043  351  THR A C   
303 O O   . THR A 44 ? 0.1464 0.1814 0.1307 0.0055  -0.0067 0.0058  351  THR A O   
304 C CB  . THR A 44 ? 0.1404 0.1746 0.1314 0.0055  -0.0067 0.0046  351  THR A CB  
305 O OG1 . THR A 44 ? 0.1774 0.2120 0.1692 0.0051  -0.0075 0.0044  351  THR A OG1 
306 C CG2 . THR A 44 ? 0.0866 0.1196 0.0793 0.0054  -0.0065 0.0039  351  THR A CG2 
307 N N   . LYS A 45 ? 0.0940 0.1286 0.0791 0.0044  -0.0076 0.0034  352  LYS A N   
308 C CA  . LYS A 45 ? 0.0506 0.0859 0.0327 0.0040  -0.0086 0.0041  352  LYS A CA  
309 C C   . LYS A 45 ? 0.0878 0.1227 0.0687 0.0032  -0.0093 0.0025  352  LYS A C   
310 O O   . LYS A 45 ? 0.0786 0.1132 0.0617 0.0031  -0.0092 0.0014  352  LYS A O   
311 C CB  . LYS A 45 ? 0.0734 0.1102 0.0571 0.0040  -0.0099 0.0059  352  LYS A CB  
312 C CG  . LYS A 45 ? 0.1529 0.1906 0.1331 0.0035  -0.0115 0.0074  352  LYS A CG  
313 C CD  . LYS A 45 ? 0.2791 0.3188 0.2620 0.0034  -0.0133 0.0097  352  LYS A CD  
314 C CE  . LYS A 45 ? 0.4412 0.4815 0.4271 0.0043  -0.0127 0.0116  352  LYS A CE  
315 N NZ  . LYS A 45 ? 0.5913 0.6319 0.5740 0.0048  -0.0121 0.0136  352  LYS A NZ  
316 N N   . ILE A 46 ? 0.0790 0.1137 0.0556 0.0027  -0.0099 0.0022  353  ILE A N   
317 C CA  . ILE A 46 ? 0.1525 0.1867 0.1275 0.0017  -0.0109 0.0008  353  ILE A CA  
318 C C   . ILE A 46 ? 0.1201 0.1551 0.0914 0.0009  -0.0130 0.0016  353  ILE A C   
319 O O   . ILE A 46 ? 0.0983 0.1331 0.0651 0.0009  -0.0128 0.0022  353  ILE A O   
320 C CB  . ILE A 46 ? 0.2039 0.2365 0.1770 0.0017  -0.0097 -0.0012 353  ILE A CB  
321 C CG1 . ILE A 46 ? 0.2147 0.2468 0.1918 0.0021  -0.0084 -0.0018 353  ILE A CG1 
322 C CG2 . ILE A 46 ? 0.1902 0.2223 0.1604 0.0005  -0.0109 -0.0027 353  ILE A CG2 
323 C CD1 . ILE A 46 ? 0.3307 0.3614 0.3067 0.0021  -0.0073 -0.0030 353  ILE A CD1 
324 N N   . ILE A 47 ? 0.0926 0.1284 0.0654 0.0003  -0.0150 0.0019  354  ILE A N   
325 C CA  . ILE A 47 ? 0.1017 0.1388 0.0717 -0.0007 -0.0177 0.0034  354  ILE A CA  
326 C C   . ILE A 47 ? 0.2012 0.2373 0.1655 -0.0019 -0.0188 0.0016  354  ILE A C   
327 O O   . ILE A 47 ? 0.1301 0.1653 0.0953 -0.0023 -0.0188 -0.0005 354  ILE A O   
328 C CB  . ILE A 47 ? 0.1193 0.1579 0.0937 -0.0011 -0.0200 0.0045  354  ILE A CB  
329 C CG1 . ILE A 47 ? 0.1942 0.2336 0.1740 0.0000  -0.0188 0.0058  354  ILE A CG1 
330 C CG2 . ILE A 47 ? 0.1465 0.1865 0.1185 -0.0021 -0.0234 0.0066  354  ILE A CG2 
331 C CD1 . ILE A 47 ? 0.3031 0.3432 0.2823 0.0007  -0.0182 0.0080  354  ILE A CD1 
332 N N   . GLU A 48 ? 0.1809 0.2169 0.1392 -0.0025 -0.0197 0.0024  355  GLU A N   
333 C CA  . GLU A 48 ? 0.1582 0.1929 0.1099 -0.0039 -0.0209 0.0005  355  GLU A CA  
334 C C   . GLU A 48 ? 0.2248 0.2604 0.1780 -0.0051 -0.0244 0.0002  355  GLU A C   
335 O O   . GLU A 48 ? 0.1662 0.2036 0.1216 -0.0054 -0.0269 0.0028  355  GLU A O   
336 C CB  . GLU A 48 ? 0.1858 0.2203 0.1298 -0.0045 -0.0214 0.0018  355  GLU A CB  
337 C CG  . GLU A 48 ? 0.4586 0.4914 0.3993 -0.0036 -0.0177 0.0010  355  GLU A CG  
338 C CD  . GLU A 48 ? 0.6362 0.6686 0.5687 -0.0041 -0.0177 0.0026  355  GLU A CD  
339 O OE1 . GLU A 48 ? 0.6512 0.6835 0.5772 -0.0058 -0.0202 0.0022  355  GLU A OE1 
340 O OE2 . GLU A 48 ? 0.6765 0.7088 0.6090 -0.0030 -0.0153 0.0042  355  GLU A OE2 
341 N N   . GLY A 49 ? 0.1927 0.2272 0.1452 -0.0059 -0.0246 -0.0026 356  GLY A N   
342 C CA  . GLY A 49 ? 0.2707 0.3057 0.2249 -0.0071 -0.0280 -0.0029 356  GLY A CA  
343 C C   . GLY A 49 ? 0.2884 0.3243 0.2510 -0.0062 -0.0276 -0.0027 356  GLY A C   
344 O O   . GLY A 49 ? 0.2580 0.2945 0.2234 -0.0070 -0.0301 -0.0030 356  GLY A O   
345 N N   . GLY A 50 ? 0.2152 0.2511 0.1816 -0.0046 -0.0245 -0.0021 357  GLY A N   
346 C CA  . GLY A 50 ? 0.1222 0.1586 0.0954 -0.0040 -0.0236 -0.0019 357  GLY A CA  
347 C C   . GLY A 50 ? 0.1482 0.1834 0.1225 -0.0038 -0.0220 -0.0044 357  GLY A C   
348 O O   . GLY A 50 ? 0.1339 0.1677 0.1042 -0.0043 -0.0213 -0.0063 357  GLY A O   
349 N N   . ALA A 51 ? 0.1404 0.1758 0.1198 -0.0033 -0.0214 -0.0044 358  ALA A N   
350 C CA  . ALA A 51 ? 0.1811 0.2156 0.1621 -0.0034 -0.0202 -0.0063 358  ALA A CA  
351 C C   . ALA A 51 ? 0.1420 0.1752 0.1212 -0.0026 -0.0172 -0.0072 358  ALA A C   
352 O O   . ALA A 51 ? 0.1367 0.1687 0.1144 -0.0030 -0.0168 -0.0091 358  ALA A O   
353 C CB  . ALA A 51 ? 0.1415 0.1768 0.1280 -0.0030 -0.0199 -0.0058 358  ALA A CB  
354 N N   . ALA A 52 ? 0.1097 0.1429 0.0894 -0.0016 -0.0154 -0.0060 359  ALA A N   
355 C CA  . ALA A 52 ? 0.0277 0.0599 0.0069 -0.0010 -0.0129 -0.0064 359  ALA A CA  
356 C C   . ALA A 52 ? 0.1233 0.1547 0.0979 -0.0014 -0.0130 -0.0074 359  ALA A C   
357 O O   . ALA A 52 ? 0.1190 0.1491 0.0926 -0.0015 -0.0117 -0.0087 359  ALA A O   
358 C CB  . ALA A 52 ? 0.0612 0.0938 0.0421 0.0001  -0.0115 -0.0048 359  ALA A CB  
359 N N   . HIS A 53 ? 0.0353 0.0671 0.0067 -0.0018 -0.0144 -0.0067 360  HIS A N   
360 C CA  . HIS A 53 ? 0.1369 0.1674 0.1023 -0.0025 -0.0143 -0.0078 360  HIS A CA  
361 C C   . HIS A 53 ? 0.1621 0.1914 0.1250 -0.0037 -0.0151 -0.0105 360  HIS A C   
362 O O   . HIS A 53 ? 0.1443 0.1721 0.1047 -0.0038 -0.0135 -0.0123 360  HIS A O   
363 C CB  . HIS A 53 ? 0.1415 0.1729 0.1032 -0.0029 -0.0160 -0.0063 360  HIS A CB  
364 C CG  . HIS A 53 ? 0.2003 0.2303 0.1550 -0.0035 -0.0154 -0.0073 360  HIS A CG  
365 N ND1 . HIS A 53 ? 0.2826 0.3126 0.2315 -0.0050 -0.0179 -0.0076 360  HIS A ND1 
366 C CD2 . HIS A 53 ? 0.2655 0.2939 0.2177 -0.0031 -0.0128 -0.0082 360  HIS A CD2 
367 C CE1 . HIS A 53 ? 0.2847 0.3129 0.2269 -0.0053 -0.0163 -0.0087 360  HIS A CE1 
368 N NE2 . HIS A 53 ? 0.2629 0.2902 0.2075 -0.0041 -0.0131 -0.0091 360  HIS A NE2 
369 N N   . LYS A 54 ? 0.1500 0.1802 0.1139 -0.0046 -0.0178 -0.0108 361  LYS A N   
370 C CA  . LYS A 54 ? 0.1907 0.2199 0.1526 -0.0059 -0.0191 -0.0136 361  LYS A CA  
371 C C   . LYS A 54 ? 0.1994 0.2276 0.1643 -0.0056 -0.0171 -0.0153 361  LYS A C   
372 O O   . LYS A 54 ? 0.2285 0.2550 0.1905 -0.0065 -0.0167 -0.0180 361  LYS A O   
373 C CB  . LYS A 54 ? 0.2052 0.2358 0.1695 -0.0068 -0.0225 -0.0131 361  LYS A CB  
374 C CG  . LYS A 54 ? 0.3680 0.3997 0.3293 -0.0074 -0.0253 -0.0113 361  LYS A CG  
375 C CD  . LYS A 54 ? 0.6068 0.6371 0.5598 -0.0088 -0.0261 -0.0130 361  LYS A CD  
376 C CE  . LYS A 54 ? 0.6963 0.7279 0.6456 -0.0098 -0.0295 -0.0109 361  LYS A CE  
377 N NZ  . LYS A 54 ? 0.6271 0.6606 0.5824 -0.0102 -0.0329 -0.0092 361  LYS A NZ  
378 N N   . ASP A 55 ? 0.2284 0.2574 0.1985 -0.0045 -0.0159 -0.0138 362  ASP A N   
379 C CA  . ASP A 55 ? 0.1952 0.2234 0.1680 -0.0042 -0.0141 -0.0149 362  ASP A CA  
380 C C   . ASP A 55 ? 0.2670 0.2937 0.2375 -0.0037 -0.0116 -0.0155 362  ASP A C   
381 O O   . ASP A 55 ? 0.2232 0.2486 0.1937 -0.0041 -0.0106 -0.0175 362  ASP A O   
382 C CB  . ASP A 55 ? 0.1154 0.1447 0.0932 -0.0031 -0.0133 -0.0129 362  ASP A CB  
383 C CG  . ASP A 55 ? 0.2833 0.3119 0.2633 -0.0028 -0.0115 -0.0133 362  ASP A CG  
384 O OD1 . ASP A 55 ? 0.2575 0.2859 0.2391 -0.0035 -0.0121 -0.0148 362  ASP A OD1 
385 O OD2 . ASP A 55 ? 0.2323 0.2607 0.2124 -0.0019 -0.0098 -0.0120 362  ASP A OD2 
386 N N   . GLY A 56 ? 0.1866 0.2135 0.1555 -0.0030 -0.0107 -0.0139 363  GLY A N   
387 C CA  . GLY A 56 ? 0.2470 0.2723 0.2130 -0.0027 -0.0085 -0.0145 363  GLY A CA  
388 C C   . GLY A 56 ? 0.2086 0.2335 0.1779 -0.0016 -0.0065 -0.0137 363  GLY A C   
389 O O   . GLY A 56 ? 0.2349 0.2584 0.2022 -0.0015 -0.0045 -0.0142 363  GLY A O   
390 N N   . LYS A 57 ? 0.0934 0.1194 0.0671 -0.0012 -0.0069 -0.0122 364  LYS A N   
391 C CA  . LYS A 57 ? 0.0924 0.1183 0.0688 -0.0005 -0.0055 -0.0112 364  LYS A CA  
392 C C   . LYS A 57 ? 0.1847 0.2114 0.1627 0.0005  -0.0052 -0.0088 364  LYS A C   
393 O O   . LYS A 57 ? 0.1479 0.1740 0.1261 0.0010  -0.0041 -0.0081 364  LYS A O   
394 C CB  . LYS A 57 ? 0.1309 0.1572 0.1104 -0.0007 -0.0060 -0.0111 364  LYS A CB  
395 C CG  . LYS A 57 ? 0.2493 0.2746 0.2282 -0.0017 -0.0063 -0.0137 364  LYS A CG  
396 C CD  . LYS A 57 ? 0.2269 0.2529 0.2090 -0.0018 -0.0066 -0.0132 364  LYS A CD  
397 C CE  . LYS A 57 ? 0.3863 0.4122 0.3700 -0.0028 -0.0077 -0.0150 364  LYS A CE  
398 N NZ  . LYS A 57 ? 0.3651 0.3892 0.3479 -0.0036 -0.0071 -0.0179 364  LYS A NZ  
399 N N   . LEU A 58 ? 0.0815 0.1096 0.0609 0.0006  -0.0062 -0.0077 365  LEU A N   
400 C CA  . LEU A 58 ? 0.1625 0.1913 0.1437 0.0014  -0.0060 -0.0059 365  LEU A CA  
401 C C   . LEU A 58 ? 0.1314 0.1599 0.1101 0.0018  -0.0055 -0.0055 365  LEU A C   
402 O O   . LEU A 58 ? 0.1287 0.1569 0.1041 0.0014  -0.0059 -0.0062 365  LEU A O   
403 C CB  . LEU A 58 ? 0.1474 0.1775 0.1301 0.0014  -0.0069 -0.0053 365  LEU A CB  
404 C CG  . LEU A 58 ? 0.1753 0.2059 0.1602 0.0020  -0.0064 -0.0040 365  LEU A CG  
405 C CD1 . LEU A 58 ? 0.1282 0.1583 0.1148 0.0020  -0.0057 -0.0037 365  LEU A CD1 
406 C CD2 . LEU A 58 ? 0.1386 0.1701 0.1242 0.0019  -0.0072 -0.0037 365  LEU A CD2 
407 N N   . GLN A 59 ? 0.1116 0.1401 0.0918 0.0025  -0.0049 -0.0043 366  GLN A N   
408 C CA  . GLN A 59 ? 0.1500 0.1780 0.1279 0.0030  -0.0041 -0.0036 366  GLN A CA  
409 C C   . GLN A 59 ? 0.1120 0.1409 0.0924 0.0036  -0.0043 -0.0019 366  GLN A C   
410 O O   . GLN A 59 ? 0.0987 0.1280 0.0821 0.0038  -0.0045 -0.0015 366  GLN A O   
411 C CB  . GLN A 59 ? 0.2141 0.2405 0.1906 0.0032  -0.0025 -0.0040 366  GLN A CB  
412 C CG  . GLN A 59 ? 0.2292 0.2541 0.2026 0.0024  -0.0017 -0.0063 366  GLN A CG  
413 C CD  . GLN A 59 ? 0.5653 0.5897 0.5340 0.0019  -0.0015 -0.0074 366  GLN A CD  
414 O OE1 . GLN A 59 ? 0.7763 0.8000 0.7423 0.0023  -0.0001 -0.0069 366  GLN A OE1 
415 N NE2 . GLN A 59 ? 0.5596 0.5843 0.5271 0.0010  -0.0029 -0.0088 366  GLN A NE2 
416 N N   . ILE A 60 ? 0.1252 0.1546 0.1040 0.0040  -0.0042 -0.0011 367  ILE A N   
417 C CA  . ILE A 60 ? 0.0614 0.0916 0.0424 0.0047  -0.0043 0.0005  367  ILE A CA  
418 C C   . ILE A 60 ? 0.1366 0.1661 0.1191 0.0051  -0.0035 0.0011  367  ILE A C   
419 O O   . ILE A 60 ? 0.1138 0.1420 0.0943 0.0053  -0.0024 0.0008  367  ILE A O   
420 C CB  . ILE A 60 ? 0.1233 0.1536 0.1014 0.0051  -0.0039 0.0016  367  ILE A CB  
421 C CG1 . ILE A 60 ? 0.1788 0.2105 0.1559 0.0045  -0.0052 0.0017  367  ILE A CG1 
422 C CG2 . ILE A 60 ? 0.1667 0.1977 0.1470 0.0059  -0.0037 0.0034  367  ILE A CG2 
423 C CD1 . ILE A 60 ? 0.2603 0.2923 0.2339 0.0048  -0.0052 0.0032  367  ILE A CD1 
424 N N   . GLY A 61 ? 0.0588 0.0887 0.0445 0.0052  -0.0041 0.0018  368  GLY A N   
425 C CA  . GLY A 61 ? 0.0671 0.0965 0.0544 0.0054  -0.0041 0.0026  368  GLY A CA  
426 C C   . GLY A 61 ? 0.1064 0.1354 0.0949 0.0048  -0.0046 0.0019  368  GLY A C   
427 O O   . GLY A 61 ? 0.1168 0.1454 0.1069 0.0046  -0.0052 0.0027  368  GLY A O   
428 N N   . ASP A 62 ? 0.0822 0.1111 0.0698 0.0042  -0.0045 0.0006  369  ASP A N   
429 C CA  . ASP A 62 ? 0.0892 0.1179 0.0777 0.0036  -0.0048 0.0003  369  ASP A CA  
430 C C   . ASP A 62 ? 0.1727 0.2015 0.1624 0.0033  -0.0053 0.0005  369  ASP A C   
431 O O   . ASP A 62 ? 0.0832 0.1126 0.0732 0.0035  -0.0054 0.0002  369  ASP A O   
432 C CB  . ASP A 62 ? 0.1057 0.1344 0.0932 0.0032  -0.0047 -0.0010 369  ASP A CB  
433 C CG  . ASP A 62 ? 0.2145 0.2426 0.2003 0.0032  -0.0043 -0.0017 369  ASP A CG  
434 O OD1 . ASP A 62 ? 0.1259 0.1533 0.1111 0.0035  -0.0039 -0.0011 369  ASP A OD1 
435 O OD2 . ASP A 62 ? 0.1967 0.2248 0.1814 0.0028  -0.0043 -0.0029 369  ASP A OD2 
436 N N   . LYS A 63 ? 0.1519 0.1803 0.1420 0.0028  -0.0059 0.0010  370  LYS A N   
437 C CA  . LYS A 63 ? 0.1257 0.1540 0.1158 0.0023  -0.0063 0.0008  370  LYS A CA  
438 C C   . LYS A 63 ? 0.0911 0.1196 0.0806 0.0019  -0.0059 -0.0001 370  LYS A C   
439 O O   . LYS A 63 ? 0.0825 0.1110 0.0716 0.0017  -0.0058 -0.0001 370  LYS A O   
440 C CB  . LYS A 63 ? 0.0598 0.0875 0.0499 0.0016  -0.0074 0.0019  370  LYS A CB  
441 C CG  . LYS A 63 ? 0.2229 0.2502 0.2141 0.0018  -0.0083 0.0029  370  LYS A CG  
442 C CD  . LYS A 63 ? 0.3103 0.3371 0.3017 0.0010  -0.0100 0.0042  370  LYS A CD  
443 C CE  . LYS A 63 ? 0.3089 0.3355 0.3028 0.0011  -0.0112 0.0056  370  LYS A CE  
444 N NZ  . LYS A 63 ? 0.3526 0.3790 0.3474 0.0002  -0.0135 0.0074  370  LYS A NZ  
445 N N   . LEU A 64 ? 0.0885 0.1175 0.0778 0.0018  -0.0059 -0.0008 371  LEU A N   
446 C CA  . LEU A 64 ? 0.1238 0.1532 0.1127 0.0014  -0.0057 -0.0015 371  LEU A CA  
447 C C   . LEU A 64 ? 0.1508 0.1797 0.1382 0.0006  -0.0061 -0.0013 371  LEU A C   
448 O O   . LEU A 64 ? 0.1446 0.1734 0.1313 0.0004  -0.0065 -0.0017 371  LEU A O   
449 C CB  . LEU A 64 ? 0.1310 0.1612 0.1206 0.0017  -0.0056 -0.0023 371  LEU A CB  
450 C CG  . LEU A 64 ? 0.1085 0.1392 0.0978 0.0014  -0.0053 -0.0029 371  LEU A CG  
451 C CD1 . LEU A 64 ? 0.1801 0.2107 0.1694 0.0013  -0.0052 -0.0030 371  LEU A CD1 
452 C CD2 . LEU A 64 ? 0.1120 0.1434 0.1022 0.0017  -0.0054 -0.0035 371  LEU A CD2 
453 N N   . LEU A 65 ? 0.1061 0.1347 0.0926 0.0002  -0.0061 -0.0007 372  LEU A N   
454 C CA  . LEU A 65 ? 0.1499 0.1781 0.1342 -0.0008 -0.0068 -0.0002 372  LEU A CA  
455 C C   . LEU A 65 ? 0.1545 0.1831 0.1372 -0.0012 -0.0062 -0.0010 372  LEU A C   
456 O O   . LEU A 65 ? 0.1351 0.1632 0.1149 -0.0020 -0.0065 -0.0012 372  LEU A O   
457 C CB  . LEU A 65 ? 0.1797 0.2079 0.1638 -0.0011 -0.0073 0.0013  372  LEU A CB  
458 C CG  . LEU A 65 ? 0.2504 0.2782 0.2360 -0.0007 -0.0078 0.0023  372  LEU A CG  
459 C CD1 . LEU A 65 ? 0.2328 0.2606 0.2184 -0.0012 -0.0087 0.0041  372  LEU A CD1 
460 C CD2 . LEU A 65 ? 0.2141 0.2413 0.1995 -0.0009 -0.0089 0.0026  372  LEU A CD2 
461 N N   . ALA A 66 ? 0.1175 0.1467 0.1012 -0.0009 -0.0055 -0.0016 373  ALA A N   
462 C CA  . ALA A 66 ? 0.1289 0.1583 0.1112 -0.0014 -0.0048 -0.0024 373  ALA A CA  
463 C C   . ALA A 66 ? 0.1128 0.1432 0.0973 -0.0008 -0.0043 -0.0032 373  ALA A C   
464 O O   . ALA A 66 ? 0.1551 0.1857 0.1415 -0.0003 -0.0046 -0.0030 373  ALA A O   
465 C CB  . ALA A 66 ? 0.0943 0.1233 0.0742 -0.0020 -0.0046 -0.0014 373  ALA A CB  
466 N N   . VAL A 67 ? 0.0620 0.0926 0.0458 -0.0010 -0.0038 -0.0041 374  VAL A N   
467 C CA  . VAL A 67 ? 0.0760 0.1074 0.0614 -0.0008 -0.0035 -0.0049 374  VAL A CA  
468 C C   . VAL A 67 ? 0.0655 0.0966 0.0486 -0.0014 -0.0023 -0.0052 374  VAL A C   
469 O O   . VAL A 67 ? 0.0964 0.1268 0.0769 -0.0018 -0.0009 -0.0058 374  VAL A O   
470 C CB  . VAL A 67 ? 0.2012 0.2332 0.1879 -0.0004 -0.0038 -0.0058 374  VAL A CB  
471 C CG1 . VAL A 67 ? 0.1409 0.1740 0.1293 -0.0004 -0.0041 -0.0064 374  VAL A CG1 
472 C CG2 . VAL A 67 ? 0.1649 0.1971 0.1534 0.0003  -0.0046 -0.0052 374  VAL A CG2 
473 N N   . ASN A 68 ? 0.0564 0.0878 0.0403 -0.0013 -0.0024 -0.0049 375  ASN A N   
474 C CA  . ASN A 68 ? 0.1683 0.1991 0.1514 -0.0019 -0.0005 -0.0046 375  ASN A CA  
475 C C   . ASN A 68 ? 0.1702 0.2001 0.1485 -0.0024 0.0005  -0.0037 375  ASN A C   
476 O O   . ASN A 68 ? 0.1810 0.2108 0.1588 -0.0025 -0.0007 -0.0024 375  ASN A O   
477 C CB  . ASN A 68 ? 0.1433 0.1745 0.1303 -0.0018 0.0013  -0.0056 375  ASN A CB  
478 C CG  . ASN A 68 ? 0.1427 0.1753 0.1350 -0.0015 -0.0003 -0.0059 375  ASN A CG  
479 O OD1 . ASN A 68 ? 0.1053 0.1383 0.0984 -0.0014 -0.0020 -0.0056 375  ASN A OD1 
480 N ND2 . ASN A 68 ? 0.1234 0.1564 0.1196 -0.0014 0.0003  -0.0065 375  ASN A ND2 
481 N N   . ASN A 69 ? 0.1227 0.1517 0.0990 -0.0029 0.0028  -0.0042 376  ASN A N   
482 C CA  . ASN A 69 ? 0.1633 0.1911 0.1340 -0.0037 0.0035  -0.0034 376  ASN A CA  
483 C C   . ASN A 69 ? 0.2244 0.2515 0.1931 -0.0041 0.0027  -0.0044 376  ASN A C   
484 O O   . ASN A 69 ? 0.1868 0.2127 0.1507 -0.0050 0.0033  -0.0043 376  ASN A O   
485 C CB  . ASN A 69 ? 0.1147 0.1417 0.0843 -0.0042 0.0069  -0.0030 376  ASN A CB  
486 C CG  . ASN A 69 ? 0.1872 0.2137 0.1588 -0.0042 0.0096  -0.0050 376  ASN A CG  
487 O OD1 . ASN A 69 ? 0.1425 0.1694 0.1163 -0.0037 0.0088  -0.0065 376  ASN A OD1 
488 N ND2 . ASN A 69 ? 0.1414 0.1668 0.1123 -0.0047 0.0130  -0.0048 376  ASN A ND2 
489 N N   . VAL A 70 ? 0.1038 0.1316 0.0756 -0.0035 0.0013  -0.0054 377  VAL A N   
490 C CA  . VAL A 70 ? 0.0727 0.1000 0.0434 -0.0038 0.0006  -0.0065 377  VAL A CA  
491 C C   . VAL A 70 ? 0.1407 0.1682 0.1129 -0.0035 -0.0018 -0.0052 377  VAL A C   
492 O O   . VAL A 70 ? 0.1012 0.1299 0.0775 -0.0027 -0.0028 -0.0047 377  VAL A O   
493 C CB  . VAL A 70 ? 0.1181 0.1457 0.0914 -0.0033 0.0014  -0.0083 377  VAL A CB  
494 C CG1 . VAL A 70 ? 0.1068 0.1337 0.0788 -0.0036 0.0009  -0.0096 377  VAL A CG1 
495 C CG2 . VAL A 70 ? 0.1533 0.1805 0.1260 -0.0033 0.0047  -0.0095 377  VAL A CG2 
496 N N   . CYS A 71 ? 0.1801 0.2066 0.1486 -0.0044 -0.0025 -0.0048 378  CYS A N   
497 C CA  . CYS A 71 ? 0.1443 0.1712 0.1141 -0.0043 -0.0046 -0.0036 378  CYS A CA  
498 C C   . CYS A 71 ? 0.1648 0.1915 0.1363 -0.0039 -0.0052 -0.0047 378  CYS A C   
499 O O   . CYS A 71 ? 0.2169 0.2431 0.1864 -0.0044 -0.0046 -0.0065 378  CYS A O   
500 C CB  . CYS A 71 ? 0.1330 0.1587 0.0978 -0.0057 -0.0055 -0.0025 378  CYS A CB  
501 S SG  . CYS A 71 ? 0.3469 0.3728 0.3132 -0.0057 -0.0081 -0.0006 378  CYS A SG  
502 N N   . LEU A 72 ? 0.0582 0.0856 0.0338 -0.0030 -0.0061 -0.0039 379  LEU A N   
503 C CA  . LEU A 72 ? 0.0951 0.1227 0.0726 -0.0025 -0.0066 -0.0046 379  LEU A CA  
504 C C   . LEU A 72 ? 0.1502 0.1772 0.1275 -0.0027 -0.0082 -0.0037 379  LEU A C   
505 O O   . LEU A 72 ? 0.1947 0.2218 0.1747 -0.0019 -0.0086 -0.0035 379  LEU A O   
506 C CB  . LEU A 72 ? 0.0939 0.1225 0.0756 -0.0012 -0.0061 -0.0045 379  LEU A CB  
507 C CG  . LEU A 72 ? 0.0988 0.1281 0.0811 -0.0010 -0.0050 -0.0054 379  LEU A CG  
508 C CD1 . LEU A 72 ? 0.1809 0.2112 0.1666 0.0000  -0.0051 -0.0050 379  LEU A CD1 
509 C CD2 . LEU A 72 ? 0.0766 0.1055 0.0570 -0.0016 -0.0044 -0.0072 379  LEU A CD2 
510 N N   . GLU A 73 ? 0.1641 0.1902 0.1381 -0.0038 -0.0092 -0.0027 380  GLU A N   
511 C CA  . GLU A 73 ? 0.2939 0.3196 0.2675 -0.0042 -0.0111 -0.0018 380  GLU A CA  
512 C C   . GLU A 73 ? 0.2622 0.2868 0.2326 -0.0052 -0.0122 -0.0034 380  GLU A C   
513 O O   . GLU A 73 ? 0.2024 0.2265 0.1681 -0.0064 -0.0120 -0.0044 380  GLU A O   
514 C CB  . GLU A 73 ? 0.3502 0.3755 0.3220 -0.0051 -0.0123 0.0003  380  GLU A CB  
515 C CG  . GLU A 73 ? 0.4476 0.4737 0.4232 -0.0041 -0.0116 0.0017  380  GLU A CG  
516 C CD  . GLU A 73 ? 0.6653 0.6914 0.6395 -0.0050 -0.0127 0.0040  380  GLU A CD  
517 O OE1 . GLU A 73 ? 0.7809 0.8065 0.7526 -0.0062 -0.0149 0.0051  380  GLU A OE1 
518 O OE2 . GLU A 73 ? 0.5998 0.6266 0.5757 -0.0045 -0.0118 0.0047  380  GLU A OE2 
519 N N   . GLU A 74 ? 0.1856 0.2102 0.1584 -0.0047 -0.0131 -0.0037 381  GLU A N   
520 C CA  . GLU A 74 ? 0.1541 0.1779 0.1247 -0.0055 -0.0143 -0.0056 381  GLU A CA  
521 C C   . GLU A 74 ? 0.1794 0.2030 0.1484 -0.0056 -0.0125 -0.0083 381  GLU A C   
522 O O   . GLU A 74 ? 0.2025 0.2250 0.1666 -0.0071 -0.0127 -0.0101 381  GLU A O   
523 C CB  . GLU A 74 ? 0.2490 0.2716 0.2147 -0.0074 -0.0167 -0.0051 381  GLU A CB  
524 C CG  . GLU A 74 ? 0.2375 0.2604 0.2053 -0.0075 -0.0188 -0.0023 381  GLU A CG  
525 C CD  . GLU A 74 ? 0.3112 0.3343 0.2843 -0.0065 -0.0199 -0.0019 381  GLU A CD  
526 O OE1 . GLU A 74 ? 0.2598 0.2824 0.2327 -0.0069 -0.0211 -0.0034 381  GLU A OE1 
527 O OE2 . GLU A 74 ? 0.3049 0.3286 0.2820 -0.0053 -0.0192 -0.0001 381  GLU A OE2 
528 N N   . VAL A 75 ? 0.1063 0.1310 0.0791 -0.0044 -0.0108 -0.0085 382  VAL A N   
529 C CA  . VAL A 75 ? 0.0677 0.0925 0.0402 -0.0044 -0.0092 -0.0110 382  VAL A CA  
530 C C   . VAL A 75 ? 0.1537 0.1791 0.1305 -0.0034 -0.0095 -0.0116 382  VAL A C   
531 O O   . VAL A 75 ? 0.1182 0.1443 0.0983 -0.0024 -0.0105 -0.0098 382  VAL A O   
532 C CB  . VAL A 75 ? 0.0983 0.1239 0.0713 -0.0039 -0.0072 -0.0107 382  VAL A CB  
533 C CG1 . VAL A 75 ? 0.1595 0.1844 0.1287 -0.0048 -0.0069 -0.0097 382  VAL A CG1 
534 C CG2 . VAL A 75 ? 0.1399 0.1669 0.1181 -0.0024 -0.0071 -0.0089 382  VAL A CG2 
535 N N   . THR A 76 ? 0.1200 0.1453 0.0969 -0.0036 -0.0086 -0.0142 383  THR A N   
536 C CA  . THR A 76 ? 0.1003 0.1264 0.0818 -0.0028 -0.0091 -0.0149 383  THR A CA  
537 C C   . THR A 76 ? 0.1555 0.1835 0.1408 -0.0015 -0.0084 -0.0129 383  THR A C   
538 O O   . THR A 76 ? 0.0797 0.1080 0.0640 -0.0013 -0.0074 -0.0121 383  THR A O   
539 C CB  . THR A 76 ? 0.1200 0.1449 0.1022 -0.0035 -0.0076 -0.0184 383  THR A CB  
540 O OG1 . THR A 76 ? 0.1340 0.1588 0.1166 -0.0034 -0.0047 -0.0191 383  THR A OG1 
541 C CG2 . THR A 76 ? 0.1292 0.1518 0.1059 -0.0053 -0.0080 -0.0210 383  THR A CG2 
542 N N   . HIS A 77 ? 0.1319 0.1611 0.1217 -0.0005 -0.0094 -0.0121 384  HIS A N   
543 C CA  . HIS A 77 ? 0.0989 0.1298 0.0919 0.0006  -0.0091 -0.0102 384  HIS A CA  
544 C C   . HIS A 77 ? 0.1291 0.1599 0.1235 0.0005  -0.0070 -0.0114 384  HIS A C   
545 O O   . HIS A 77 ? 0.1192 0.1509 0.1136 0.0008  -0.0067 -0.0102 384  HIS A O   
546 C CB  . HIS A 77 ? 0.0818 0.1139 0.0805 0.0016  -0.0097 -0.0087 384  HIS A CB  
547 C CG  . HIS A 77 ? 0.0301 0.0639 0.0307 0.0026  -0.0099 -0.0064 384  HIS A CG  
548 N ND1 . HIS A 77 ? 0.0320 0.0648 0.0304 0.0031  -0.0093 -0.0044 384  HIS A ND1 
549 C CD2 . HIS A 77 ? 0.0327 0.0679 0.0374 0.0031  -0.0095 -0.0056 384  HIS A CD2 
550 C CE1 . HIS A 77 ? 0.0707 0.1044 0.0704 0.0036  -0.0091 -0.0030 384  HIS A CE1 
551 N NE2 . HIS A 77 ? 0.0787 0.1140 0.0819 0.0037  -0.0097 -0.0033 384  HIS A NE2 
552 N N   . GLU A 78 ? 0.1218 0.1516 0.1182 -0.0001 -0.0054 -0.0136 385  GLU A N   
553 C CA  . GLU A 78 ? 0.1403 0.1698 0.1393 -0.0002 -0.0028 -0.0149 385  GLU A CA  
554 C C   . GLU A 78 ? 0.1272 0.1560 0.1211 -0.0008 -0.0017 -0.0155 385  GLU A C   
555 O O   . GLU A 78 ? 0.1221 0.1516 0.1187 -0.0005 -0.0005 -0.0149 385  GLU A O   
556 C CB  . GLU A 78 ? 0.2469 0.2746 0.2479 -0.0008 -0.0009 -0.0178 385  GLU A CB  
557 C CG  . GLU A 78 ? 0.4033 0.4319 0.4118 -0.0001 -0.0015 -0.0172 385  GLU A CG  
558 C CD  . GLU A 78 ? 0.4357 0.4643 0.4430 -0.0002 -0.0040 -0.0166 385  GLU A CD  
559 O OE1 . GLU A 78 ? 0.2251 0.2529 0.2261 -0.0008 -0.0054 -0.0168 385  GLU A OE1 
560 O OE2 . GLU A 78 ? 0.5481 0.5775 0.5616 0.0005  -0.0044 -0.0159 385  GLU A OE2 
561 N N   . GLU A 79 ? 0.0955 0.1229 0.0827 -0.0018 -0.0022 -0.0162 386  GLU A N   
562 C CA  . GLU A 79 ? 0.1598 0.1866 0.1421 -0.0023 -0.0012 -0.0162 386  GLU A CA  
563 C C   . GLU A 79 ? 0.1129 0.1414 0.0959 -0.0015 -0.0025 -0.0136 386  GLU A C   
564 O O   . GLU A 79 ? 0.1170 0.1456 0.0999 -0.0015 -0.0012 -0.0133 386  GLU A O   
565 C CB  . GLU A 79 ? 0.1050 0.1302 0.0802 -0.0035 -0.0019 -0.0170 386  GLU A CB  
566 C CG  . GLU A 79 ? 0.1683 0.1912 0.1407 -0.0048 0.0000  -0.0203 386  GLU A CG  
567 C CD  . GLU A 79 ? 0.2764 0.2980 0.2427 -0.0062 -0.0016 -0.0205 386  GLU A CD  
568 O OE1 . GLU A 79 ? 0.2414 0.2638 0.2087 -0.0059 -0.0045 -0.0182 386  GLU A OE1 
569 O OE2 . GLU A 79 ? 0.3674 0.3869 0.3282 -0.0076 0.0002  -0.0227 386  GLU A OE2 
570 N N   . ALA A 80 ? 0.1117 0.1413 0.0965 -0.0008 -0.0047 -0.0116 387  ALA A N   
571 C CA  . ALA A 80 ? 0.1320 0.1628 0.1189 0.0000  -0.0051 -0.0093 387  ALA A CA  
572 C C   . ALA A 80 ? 0.1561 0.1884 0.1456 0.0004  -0.0054 -0.0093 387  ALA A C   
573 O O   . ALA A 80 ? 0.0788 0.1116 0.0687 0.0006  -0.0051 -0.0087 387  ALA A O   
574 C CB  . ALA A 80 ? 0.0255 0.0565 0.0140 0.0007  -0.0061 -0.0074 387  ALA A CB  
575 N N   . VAL A 81 ? 0.0765 0.1093 0.0706 0.0009  -0.0053 -0.0094 388  VAL A N   
576 C CA  . VAL A 81 ? 0.0397 0.0739 0.0395 0.0013  -0.0051 -0.0086 388  VAL A CA  
577 C C   . VAL A 81 ? 0.0849 0.1187 0.0863 0.0009  -0.0027 -0.0098 388  VAL A C   
578 O O   . VAL A 81 ? 0.0967 0.1314 0.1008 0.0010  -0.0030 -0.0089 388  VAL A O   
579 C CB  . VAL A 81 ? 0.0669 0.1017 0.0719 0.0019  -0.0052 -0.0083 388  VAL A CB  
580 C CG1 . VAL A 81 ? 0.1139 0.1503 0.1258 0.0023  -0.0050 -0.0072 388  VAL A CG1 
581 C CG2 . VAL A 81 ? 0.1148 0.1504 0.1189 0.0024  -0.0074 -0.0067 388  VAL A CG2 
582 N N   . THR A 82 ? 0.1129 0.1449 0.1126 0.0003  -0.0005 -0.0120 389  THR A N   
583 C CA  . THR A 82 ? 0.1926 0.2237 0.1933 -0.0002 0.0024  -0.0132 389  THR A CA  
584 C C   . THR A 82 ? 0.1582 0.1894 0.1561 -0.0004 0.0022  -0.0122 389  THR A C   
585 O O   . THR A 82 ? 0.1929 0.2245 0.1945 -0.0003 0.0035  -0.0119 389  THR A O   
586 C CB  . THR A 82 ? 0.2031 0.2317 0.2001 -0.0011 0.0050  -0.0159 389  THR A CB  
587 O OG1 . THR A 82 ? 0.1545 0.1829 0.1564 -0.0010 0.0058  -0.0171 389  THR A OG1 
588 C CG2 . THR A 82 ? 0.1556 0.1828 0.1518 -0.0017 0.0084  -0.0171 389  THR A CG2 
589 N N   . ALA A 83 ? 0.1153 0.1462 0.1072 -0.0006 0.0006  -0.0117 390  ALA A N   
590 C CA  . ALA A 83 ? 0.1151 0.1461 0.1046 -0.0007 0.0004  -0.0107 390  ALA A CA  
591 C C   . ALA A 83 ? 0.1370 0.1699 0.1308 -0.0003 -0.0012 -0.0093 390  ALA A C   
592 O O   . ALA A 83 ? 0.1827 0.2158 0.1783 -0.0003 -0.0005 -0.0090 390  ALA A O   
593 C CB  . ALA A 83 ? 0.0834 0.1139 0.0668 -0.0010 -0.0011 -0.0102 390  ALA A CB  
594 N N   . LEU A 84 ? 0.0862 0.1203 0.0816 0.0004  -0.0035 -0.0084 391  LEU A N   
595 C CA  . LEU A 84 ? 0.1383 0.1738 0.1363 0.0007  -0.0054 -0.0070 391  LEU A CA  
596 C C   . LEU A 84 ? 0.1534 0.1900 0.1582 0.0008  -0.0051 -0.0067 391  LEU A C   
597 O O   . LEU A 84 ? 0.1296 0.1674 0.1369 0.0008  -0.0064 -0.0059 391  LEU A O   
598 C CB  . LEU A 84 ? 0.0749 0.1112 0.0717 0.0012  -0.0076 -0.0060 391  LEU A CB  
599 C CG  . LEU A 84 ? 0.0991 0.1335 0.0925 0.0014  -0.0065 -0.0055 391  LEU A CG  
600 C CD1 . LEU A 84 ? 0.0743 0.1083 0.0678 0.0019  -0.0067 -0.0047 391  LEU A CD1 
601 C CD2 . LEU A 84 ? 0.1445 0.1788 0.1377 0.0013  -0.0067 -0.0050 391  LEU A CD2 
602 N N   . LYS A 85 ? 0.0653 0.1017 0.0737 0.0009  -0.0034 -0.0074 392  LYS A N   
603 C CA  . LYS A 85 ? 0.1636 0.2009 0.1796 0.0010  -0.0027 -0.0070 392  LYS A CA  
604 C C   . LYS A 85 ? 0.1723 0.2090 0.1903 0.0006  -0.0004 -0.0076 392  LYS A C   
605 O O   . LYS A 85 ? 0.1992 0.2371 0.2233 0.0006  -0.0011 -0.0066 392  LYS A O   
606 C CB  . LYS A 85 ? 0.1731 0.2096 0.1922 0.0011  -0.0007 -0.0081 392  LYS A CB  
607 C CG  . LYS A 85 ? 0.3043 0.3417 0.3327 0.0013  0.0006  -0.0076 392  LYS A CG  
608 C CD  . LYS A 85 ? 0.4287 0.4651 0.4600 0.0015  0.0029  -0.0090 392  LYS A CD  
609 C CE  . LYS A 85 ? 0.4924 0.5287 0.5195 0.0017  0.0009  -0.0089 392  LYS A CE  
610 N NZ  . LYS A 85 ? 0.5898 0.6247 0.6188 0.0016  0.0031  -0.0107 392  LYS A NZ  
611 N N   . ASN A 86 ? 0.1479 0.1828 0.1610 0.0002  0.0019  -0.0090 393  ASN A N   
612 C CA  . ASN A 86 ? 0.1699 0.2040 0.1844 -0.0002 0.0047  -0.0095 393  ASN A CA  
613 C C   . ASN A 86 ? 0.1480 0.1825 0.1604 -0.0004 0.0034  -0.0087 393  ASN A C   
614 O O   . ASN A 86 ? 0.2602 0.2934 0.2684 -0.0008 0.0052  -0.0091 393  ASN A O   
615 C CB  . ASN A 86 ? 0.2222 0.2540 0.2321 -0.0007 0.0082  -0.0114 393  ASN A CB  
616 C CG  . ASN A 86 ? 0.3429 0.3740 0.3558 -0.0007 0.0102  -0.0128 393  ASN A CG  
617 O OD1 . ASN A 86 ? 0.3820 0.4143 0.4030 -0.0002 0.0103  -0.0123 393  ASN A OD1 
618 N ND2 . ASN A 86 ? 0.4205 0.4497 0.4272 -0.0011 0.0117  -0.0146 393  ASN A ND2 
619 N N   . THR A 87 ? 0.2478 0.2840 0.2629 -0.0002 0.0002  -0.0074 394  THR A N   
620 C CA  . THR A 87 ? 0.2976 0.3342 0.3111 -0.0005 -0.0014 -0.0068 394  THR A CA  
621 C C   . THR A 87 ? 0.1290 0.1670 0.1500 -0.0006 -0.0026 -0.0060 394  THR A C   
622 O O   . THR A 87 ? 0.0791 0.1181 0.1061 -0.0005 -0.0033 -0.0055 394  THR A O   
623 C CB  . THR A 87 ? 0.0927 0.1296 0.1011 -0.0004 -0.0044 -0.0064 394  THR A CB  
624 O OG1 . THR A 87 ? 0.1833 0.2216 0.1936 -0.0001 -0.0067 -0.0057 394  THR A OG1 
625 C CG2 . THR A 87 ? 0.1412 0.1765 0.1426 -0.0003 -0.0034 -0.0070 394  THR A CG2 
626 N N   . SER A 88 ? 0.1081 0.1461 0.1295 -0.0010 -0.0032 -0.0059 395  SER A N   
627 C CA  . SER A 88 ? 0.1051 0.1445 0.1331 -0.0014 -0.0051 -0.0052 395  SER A CA  
628 C C   . SER A 88 ? 0.1440 0.1844 0.1695 -0.0016 -0.0094 -0.0049 395  SER A C   
629 O O   . SER A 88 ? 0.2327 0.2730 0.2531 -0.0013 -0.0105 -0.0049 395  SER A O   
630 C CB  . SER A 88 ? 0.1471 0.1858 0.1772 -0.0017 -0.0033 -0.0054 395  SER A CB  
631 O OG  . SER A 88 ? 0.1835 0.2212 0.2074 -0.0018 -0.0038 -0.0058 395  SER A OG  
632 N N   . ASP A 89 ? 0.2145 0.2556 0.2433 -0.0022 -0.0116 -0.0047 396  ASP A N   
633 C CA  . ASP A 89 ? 0.2147 0.2564 0.2400 -0.0027 -0.0155 -0.0048 396  ASP A CA  
634 C C   . ASP A 89 ? 0.2089 0.2492 0.2275 -0.0028 -0.0152 -0.0060 396  ASP A C   
635 O O   . ASP A 89 ? 0.2060 0.2464 0.2207 -0.0032 -0.0178 -0.0064 396  ASP A O   
636 C CB  . ASP A 89 ? 0.2678 0.3109 0.2992 -0.0036 -0.0185 -0.0044 396  ASP A CB  
637 C CG  . ASP A 89 ? 0.4529 0.4977 0.4909 -0.0035 -0.0200 -0.0027 396  ASP A CG  
638 O OD1 . ASP A 89 ? 0.4155 0.4607 0.4516 -0.0030 -0.0202 -0.0019 396  ASP A OD1 
639 O OD2 . ASP A 89 ? 0.4794 0.5251 0.5255 -0.0040 -0.0209 -0.0021 396  ASP A OD2 
640 N N   . PHE A 90 ? 0.1792 0.2183 0.1967 -0.0025 -0.0121 -0.0064 397  PHE A N   
641 C CA  . PHE A 90 ? 0.1915 0.2293 0.2039 -0.0026 -0.0115 -0.0071 397  PHE A CA  
642 C C   . PHE A 90 ? 0.2102 0.2470 0.2177 -0.0020 -0.0091 -0.0069 397  PHE A C   
643 O O   . PHE A 90 ? 0.2677 0.3042 0.2764 -0.0017 -0.0066 -0.0065 397  PHE A O   
644 C CB  . PHE A 90 ? 0.2760 0.3132 0.2919 -0.0030 -0.0102 -0.0073 397  PHE A CB  
645 C CG  . PHE A 90 ? 0.3877 0.4260 0.4097 -0.0038 -0.0125 -0.0077 397  PHE A CG  
646 C CD1 . PHE A 90 ? 0.4673 0.5053 0.4883 -0.0045 -0.0146 -0.0089 397  PHE A CD1 
647 C CD2 . PHE A 90 ? 0.4356 0.4749 0.4642 -0.0038 -0.0126 -0.0069 397  PHE A CD2 
648 C CE1 . PHE A 90 ? 0.4452 0.4839 0.4713 -0.0054 -0.0173 -0.0093 397  PHE A CE1 
649 C CE2 . PHE A 90 ? 0.4310 0.4714 0.4657 -0.0046 -0.0153 -0.0070 397  PHE A CE2 
650 C CZ  . PHE A 90 ? 0.4310 0.4712 0.4641 -0.0055 -0.0178 -0.0082 397  PHE A CZ  
651 N N   . VAL A 91 ? 0.0992 0.1356 0.1015 -0.0017 -0.0101 -0.0070 398  VAL A N   
652 C CA  . VAL A 91 ? 0.0822 0.1178 0.0803 -0.0013 -0.0086 -0.0067 398  VAL A CA  
653 C C   . VAL A 91 ? 0.1283 0.1628 0.1228 -0.0012 -0.0083 -0.0067 398  VAL A C   
654 O O   . VAL A 91 ? 0.2083 0.2422 0.2021 -0.0012 -0.0088 -0.0069 398  VAL A O   
655 C CB  . VAL A 91 ? 0.1737 0.2096 0.1705 -0.0008 -0.0093 -0.0064 398  VAL A CB  
656 C CG1 . VAL A 91 ? 0.2320 0.2670 0.2260 -0.0003 -0.0076 -0.0060 398  VAL A CG1 
657 C CG2 . VAL A 91 ? 0.1490 0.1865 0.1510 -0.0008 -0.0100 -0.0061 398  VAL A CG2 
658 N N   . TYR A 92 ? 0.1558 0.1895 0.1483 -0.0013 -0.0065 -0.0061 399  TYR A N   
659 C CA  . TYR A 92 ? 0.1507 0.1835 0.1409 -0.0012 -0.0060 -0.0055 399  TYR A CA  
660 C C   . TYR A 92 ? 0.0967 0.1288 0.0857 -0.0007 -0.0053 -0.0047 399  TYR A C   
661 O O   . TYR A 92 ? 0.1278 0.1599 0.1156 -0.0008 -0.0046 -0.0045 399  TYR A O   
662 C CB  . TYR A 92 ? 0.1089 0.1410 0.0994 -0.0016 -0.0045 -0.0047 399  TYR A CB  
663 C CG  . TYR A 92 ? 0.3415 0.3738 0.3366 -0.0018 -0.0042 -0.0051 399  TYR A CG  
664 C CD1 . TYR A 92 ? 0.3335 0.3654 0.3299 -0.0021 -0.0045 -0.0052 399  TYR A CD1 
665 C CD2 . TYR A 92 ? 0.4460 0.4790 0.4448 -0.0020 -0.0037 -0.0054 399  TYR A CD2 
666 C CE1 . TYR A 92 ? 0.3958 0.4277 0.3968 -0.0024 -0.0043 -0.0057 399  TYR A CE1 
667 C CE2 . TYR A 92 ? 0.5156 0.5488 0.5193 -0.0024 -0.0037 -0.0058 399  TYR A CE2 
668 C CZ  . TYR A 92 ? 0.5252 0.5579 0.5299 -0.0026 -0.0041 -0.0060 399  TYR A CZ  
669 O OH  . TYR A 92 ? 0.6922 0.7250 0.7023 -0.0031 -0.0042 -0.0065 399  TYR A OH  
670 N N   . LEU A 93 ? 0.0829 0.1143 0.0720 -0.0003 -0.0055 -0.0046 400  LEU A N   
671 C CA  . LEU A 93 ? 0.1083 0.1394 0.0971 0.0001  -0.0052 -0.0039 400  LEU A CA  
672 C C   . LEU A 93 ? 0.1876 0.2179 0.1756 -0.0001 -0.0050 -0.0030 400  LEU A C   
673 O O   . LEU A 93 ? 0.1799 0.2099 0.1680 -0.0002 -0.0052 -0.0031 400  LEU A O   
674 C CB  . LEU A 93 ? 0.1040 0.1352 0.0933 0.0005  -0.0056 -0.0042 400  LEU A CB  
675 C CG  . LEU A 93 ? 0.1183 0.1503 0.1083 0.0006  -0.0062 -0.0046 400  LEU A CG  
676 C CD1 . LEU A 93 ? 0.1332 0.1650 0.1227 0.0010  -0.0066 -0.0046 400  LEU A CD1 
677 C CD2 . LEU A 93 ? 0.1455 0.1778 0.1358 0.0007  -0.0059 -0.0046 400  LEU A CD2 
678 N N   . LYS A 94 ? 0.0454 0.0755 0.0326 -0.0002 -0.0049 -0.0021 401  LYS A N   
679 C CA  . LYS A 94 ? 0.1489 0.1783 0.1357 -0.0002 -0.0052 -0.0010 401  LYS A CA  
680 C C   . LYS A 94 ? 0.0954 0.1246 0.0829 0.0002  -0.0054 -0.0008 401  LYS A C   
681 O O   . LYS A 94 ? 0.1269 0.1561 0.1141 0.0003  -0.0054 -0.0009 401  LYS A O   
682 C CB  . LYS A 94 ? 0.1489 0.1782 0.1338 -0.0009 -0.0054 0.0002  401  LYS A CB  
683 C CG  . LYS A 94 ? 0.1756 0.2045 0.1603 -0.0012 -0.0061 0.0020  401  LYS A CG  
684 C CD  . LYS A 94 ? 0.3217 0.3505 0.3037 -0.0021 -0.0065 0.0036  401  LYS A CD  
685 C CE  . LYS A 94 ? 0.5784 0.6072 0.5607 -0.0023 -0.0076 0.0060  401  LYS A CE  
686 N NZ  . LYS A 94 ? 0.7559 0.7847 0.7354 -0.0033 -0.0083 0.0082  401  LYS A NZ  
687 N N   . VAL A 95 ? 0.0781 0.1069 0.0659 0.0005  -0.0055 -0.0006 402  VAL A N   
688 C CA  . VAL A 95 ? 0.0838 0.1122 0.0720 0.0010  -0.0056 -0.0004 402  VAL A CA  
689 C C   . VAL A 95 ? 0.0887 0.1167 0.0773 0.0009  -0.0061 0.0010  402  VAL A C   
690 O O   . VAL A 95 ? 0.1029 0.1308 0.0915 0.0007  -0.0063 0.0017  402  VAL A O   
691 C CB  . VAL A 95 ? 0.1095 0.1382 0.0980 0.0016  -0.0052 -0.0014 402  VAL A CB  
692 C CG1 . VAL A 95 ? 0.0943 0.1236 0.0828 0.0015  -0.0051 -0.0024 402  VAL A CG1 
693 C CG2 . VAL A 95 ? 0.1763 0.2045 0.1641 0.0015  -0.0051 -0.0020 402  VAL A CG2 
694 N N   . ALA A 96 ? 0.1083 0.1361 0.0973 0.0013  -0.0063 0.0016  403  ALA A N   
695 C CA  . ALA A 96 ? 0.1268 0.1542 0.1167 0.0014  -0.0070 0.0031  403  ALA A CA  
696 C C   . ALA A 96 ? 0.1507 0.1782 0.1409 0.0023  -0.0065 0.0027  403  ALA A C   
697 O O   . ALA A 96 ? 0.0863 0.1139 0.0765 0.0026  -0.0062 0.0023  403  ALA A O   
698 C CB  . ALA A 96 ? 0.1521 0.1795 0.1427 0.0009  -0.0083 0.0046  403  ALA A CB  
699 N N   . LYS A 97 ? 0.1233 0.1506 0.1136 0.0026  -0.0064 0.0030  404  LYS A N   
700 C CA  . LYS A 97 ? 0.1849 0.2116 0.1753 0.0033  -0.0048 0.0024  404  LYS A CA  
701 C C   . LYS A 97 ? 0.1573 0.1834 0.1525 0.0037  -0.0042 0.0044  404  LYS A C   
702 O O   . LYS A 97 ? 0.1273 0.1533 0.1261 0.0034  -0.0047 0.0060  404  LYS A O   
703 C CB  . LYS A 97 ? 0.2319 0.2575 0.2218 0.0031  -0.0029 0.0006  404  LYS A CB  
704 C CG  . LYS A 97 ? 0.3444 0.3704 0.3324 0.0025  -0.0037 -0.0006 404  LYS A CG  
705 C CD  . LYS A 97 ? 0.3694 0.3958 0.3543 0.0024  -0.0040 -0.0024 404  LYS A CD  
706 C CE  . LYS A 97 ? 0.3584 0.3837 0.3407 0.0022  -0.0027 -0.0046 404  LYS A CE  
707 N NZ  . LYS A 97 ? 0.2592 0.2852 0.2404 0.0022  -0.0032 -0.0053 404  LYS A NZ  
708 N N   . PRO A 98 ? 0.1544 0.1801 0.1501 0.0044  -0.0031 0.0044  405  PRO A N   
709 C CA  . PRO A 98 ? 0.2390 0.2642 0.2406 0.0048  -0.0021 0.0064  405  PRO A CA  
710 C C   . PRO A 98 ? 0.2555 0.2792 0.2610 0.0048  0.0003  0.0064  405  PRO A C   
711 O O   . PRO A 98 ? 0.3065 0.3294 0.3095 0.0047  0.0022  0.0042  405  PRO A O   
712 C CB  . PRO A 98 ? 0.2897 0.3144 0.2902 0.0056  -0.0004 0.0061  405  PRO A CB  
713 C CG  . PRO A 98 ? 0.2779 0.3037 0.2727 0.0054  -0.0017 0.0048  405  PRO A CG  
714 C CD  . PRO A 98 ? 0.1283 0.1542 0.1201 0.0047  -0.0024 0.0032  405  PRO A CD  
715 N N   . THR A 99 ? 0.3694 0.3932 0.3814 0.0049  0.0000  0.0088  406  THR A N   
716 C CA  . THR A 99 ? 0.4116 0.4340 0.4292 0.0050  0.0025  0.0091  406  THR A CA  
717 C C   . THR A 99 ? 0.4671 0.4898 0.4929 0.0051  0.0017  0.0126  406  THR A C   
718 O O   . THR A 99 ? 0.6551 0.6766 0.6875 0.0055  0.0043  0.0133  406  THR A O   
719 C CB  . THR A 99 ? 0.3661 0.3883 0.3832 0.0044  0.0023  0.0084  406  THR A CB  
720 O OG1 . THR A 99 ? 0.4396 0.4601 0.4613 0.0045  0.0057  0.0075  406  THR A OG1 
721 C CG2 . THR A 99 ? 0.2121 0.2356 0.2322 0.0037  -0.0009 0.0114  406  THR A CG2 
722 N N   . TYR B 6  ? 0.2242 0.2586 0.2430 0.0060  -0.0118 0.0033  2838 TYR B N   
723 C CA  . TYR B 6  ? 0.2026 0.2382 0.2272 0.0063  -0.0116 0.0034  2838 TYR B CA  
724 C C   . TYR B 6  ? 0.1654 0.2019 0.1884 0.0062  -0.0112 0.0030  2838 TYR B C   
725 O O   . TYR B 6  ? 0.1887 0.2263 0.2152 0.0067  -0.0109 0.0051  2838 TYR B O   
726 C CB  . TYR B 6  ? 0.4493 0.4852 0.4790 0.0058  -0.0123 0.0007  2838 TYR B CB  
727 C CG  . TYR B 6  ? 0.6525 0.6885 0.6887 0.0063  -0.0124 0.0020  2838 TYR B CG  
728 C CD1 . TYR B 6  ? 0.6988 0.7355 0.7415 0.0070  -0.0115 0.0039  2838 TYR B CD1 
729 C CD2 . TYR B 6  ? 0.7880 0.8232 0.8243 0.0059  -0.0135 0.0017  2838 TYR B CD2 
730 C CE1 . TYR B 6  ? 0.7134 0.7501 0.7626 0.0075  -0.0114 0.0053  2838 TYR B CE1 
731 C CE2 . TYR B 6  ? 0.8246 0.8597 0.8678 0.0064  -0.0135 0.0029  2838 TYR B CE2 
732 C CZ  . TYR B 6  ? 0.7753 0.8111 0.8248 0.0072  -0.0124 0.0047  2838 TYR B CZ  
733 O OH  . TYR B 6  ? 0.7909 0.8267 0.8478 0.0076  -0.0123 0.0061  2838 TYR B OH  
734 N N   . LEU B 7  ? 0.1401 0.1762 0.1588 0.0055  -0.0113 0.0008  2839 LEU B N   
735 C CA  . LEU B 7  ? 0.0621 0.0988 0.0796 0.0054  -0.0110 0.0005  2839 LEU B CA  
736 C C   . LEU B 7  ? 0.1020 0.1380 0.1132 0.0053  -0.0107 0.0015  2839 LEU B C   
737 O O   . LEU B 7  ? 0.0853 0.1199 0.0919 0.0049  -0.0104 0.0007  2839 LEU B O   
738 C CB  . LEU B 7  ? 0.1671 0.2033 0.1839 0.0045  -0.0105 -0.0028 2839 LEU B CB  
739 C CG  . LEU B 7  ? 0.2900 0.3254 0.3120 0.0042  -0.0094 -0.0048 2839 LEU B CG  
740 C CD1 . LEU B 7  ? 0.2571 0.2908 0.2765 0.0030  -0.0081 -0.0083 2839 LEU B CD1 
741 C CD2 . LEU B 7  ? 0.2898 0.3267 0.3195 0.0049  -0.0090 -0.0028 2839 LEU B CD2 
742 N N   . VAL B 8  ? 0.0737 0.1106 0.0852 0.0056  -0.0107 0.0034  2840 VAL B N   
743 C CA  . VAL B 8  ? 0.1406 0.1772 0.1471 0.0053  -0.0104 0.0039  2840 VAL B CA  
744 C C   . VAL B 8  ? 0.1127 0.1502 0.1202 0.0050  -0.0108 0.0038  2840 VAL B C   
745 O O   . VAL B 8  ? 0.1600 0.1990 0.1726 0.0053  -0.0115 0.0050  2840 VAL B O   
746 C CB  . VAL B 8  ? 0.1699 0.2070 0.1751 0.0056  -0.0103 0.0063  2840 VAL B CB  
747 C CG1 . VAL B 8  ? 0.2008 0.2378 0.2014 0.0053  -0.0100 0.0062  2840 VAL B CG1 
748 C CG2 . VAL B 8  ? 0.2369 0.2731 0.2418 0.0060  -0.0099 0.0066  2840 VAL B CG2 
749 N N   . THR B 9  ? 0.0854 0.1221 0.0891 0.0045  -0.0104 0.0025  2841 THR B N   
750 C CA  . THR B 9  ? 0.1032 0.1410 0.1085 0.0042  -0.0110 0.0023  2841 THR B CA  
751 C C   . THR B 9  ? 0.1264 0.1640 0.1281 0.0039  -0.0112 0.0027  2841 THR B C   
752 O O   . THR B 9  ? 0.1108 0.1471 0.1089 0.0036  -0.0100 0.0016  2841 THR B O   
753 C CB  . THR B 9  ? 0.0572 0.0948 0.0631 0.0039  -0.0104 -0.0001 2841 THR B CB  
754 O OG1 . THR B 9  ? 0.0420 0.0803 0.0519 0.0041  -0.0104 -0.0010 2841 THR B OG1 
755 C CG2 . THR B 9  ? 0.0196 0.0587 0.0288 0.0037  -0.0110 -0.0002 2841 THR B CG2 
756 N N   . SER B 10 ? 0.0387 0.0776 0.0422 0.0037  -0.0126 0.0043  2842 SER B N   
757 C CA  . SER B 10 ? 0.0872 0.1260 0.0877 0.0031  -0.0133 0.0043  2842 SER B CA  
758 C C   . SER B 10 ? 0.0927 0.1317 0.0951 0.0027  -0.0135 0.0031  2842 SER B C   
759 O O   . SER B 10 ? 0.0811 0.1214 0.0886 0.0028  -0.0141 0.0033  2842 SER B O   
760 C CB  . SER B 10 ? 0.1558 0.1963 0.1569 0.0029  -0.0152 0.0069  2842 SER B CB  
761 O OG  . SER B 10 ? 0.2884 0.3305 0.2953 0.0029  -0.0168 0.0085  2842 SER B OG  
762 N N   . VAL B 11 ? 0.1488 0.1870 0.1481 0.0023  -0.0132 0.0019  2843 VAL B N   
763 C CA  . VAL B 11 ? 0.2011 0.2396 0.2021 0.0019  -0.0134 0.0008  2843 VAL B CA  
764 C C   . VAL B 11 ? 0.2147 0.2532 0.2140 0.0013  -0.0146 0.0008  2843 VAL B C   
765 O O   . VAL B 11 ? 0.1531 0.1918 0.1541 0.0008  -0.0152 0.0001  2843 VAL B O   
766 C CB  . VAL B 11 ? 0.1512 0.1885 0.1505 0.0020  -0.0113 -0.0011 2843 VAL B CB  
767 C CG1 . VAL B 11 ? 0.1298 0.1672 0.1309 0.0024  -0.0106 -0.0015 2843 VAL B CG1 
768 C CG2 . VAL B 11 ? 0.1398 0.1756 0.1351 0.0021  -0.0101 -0.0016 2843 VAL B CG2 
769 O OXT . VAL B 11 ? 0.1472 0.1853 0.1432 0.0010  -0.0152 0.0014  2843 VAL B OXT 
770 O O   . HOH C .  ? 0.0674 0.1019 0.0415 -0.0014 -0.0166 -0.0024 501  HOH A O   
771 O O   . HOH C .  ? 0.1151 0.1414 0.0965 -0.0018 -0.0110 -0.0045 502  HOH A O   
772 O O   . HOH C .  ? 0.0833 0.1125 0.0627 -0.0006 -0.0091 -0.0089 503  HOH A O   
773 O O   . HOH C .  ? 0.1392 0.1670 0.1382 0.0035  -0.0095 0.0084  504  HOH A O   
774 O O   . HOH C .  ? 0.0936 0.1221 0.0906 -0.0007 -0.0108 -0.0135 505  HOH A O   
775 O O   . HOH C .  ? 0.2464 0.2794 0.2355 -0.0042 -0.0184 -0.0116 506  HOH A O   
776 O O   . HOH C .  ? 0.0979 0.1254 0.0831 -0.0003 -0.0086 -0.0013 507  HOH A O   
777 O O   . HOH C .  ? 0.1155 0.1541 0.1030 -0.0031 -0.0243 -0.0002 508  HOH A O   
778 O O   . HOH C .  ? 0.1842 0.2115 0.1797 0.0020  -0.0122 0.0002  509  HOH A O   
779 O O   . HOH C .  ? 0.1208 0.1522 0.1243 0.0047  -0.0107 0.0014  510  HOH A O   
780 O O   . HOH C .  ? 0.1761 0.2014 0.2156 0.0048  -0.0056 0.0208  511  HOH A O   
781 O O   . HOH C .  ? 0.1704 0.2050 0.1395 0.0034  -0.0089 0.0051  512  HOH A O   
782 O O   . HOH C .  ? 0.1874 0.2119 0.1790 -0.0041 -0.0227 -0.0098 513  HOH A O   
783 O O   . HOH C .  ? 0.1553 0.1942 0.1443 0.0021  -0.0147 0.0057  514  HOH A O   
784 O O   . HOH C .  ? 0.1397 0.1754 0.1486 -0.0012 -0.0018 -0.0065 515  HOH A O   
785 O O   . HOH C .  ? 0.1642 0.1919 0.1569 0.0035  -0.0070 0.0044  516  HOH A O   
786 O O   . HOH C .  ? 0.1192 0.1591 0.1036 -0.0023 -0.0241 0.0036  517  HOH A O   
787 O O   . HOH C .  ? 0.1718 0.1974 0.1477 -0.0033 0.0038  -0.0159 518  HOH A O   
788 O O   . HOH C .  ? 0.2815 0.3088 0.2543 -0.0043 -0.0079 0.0017  519  HOH A O   
789 O O   . HOH C .  ? 0.1550 0.1846 0.1850 0.0068  -0.0126 0.0154  520  HOH A O   
790 O O   . HOH C .  ? 0.1607 0.1884 0.1293 0.0031  -0.0032 -0.0027 521  HOH A O   
791 O O   . HOH C .  ? 0.1608 0.1822 0.1451 -0.0048 0.0007  -0.0252 522  HOH A O   
792 O O   . HOH C .  ? 0.1607 0.1887 0.1645 -0.0014 -0.0186 0.0173  523  HOH A O   
793 O O   . HOH C .  ? 0.1426 0.1706 0.1122 -0.0006 -0.0084 -0.0089 524  HOH A O   
794 O O   . HOH C .  ? 0.3244 0.3487 0.3292 -0.0044 -0.0310 -0.0010 525  HOH A O   
795 O O   . HOH C .  ? 0.1996 0.2398 0.1981 0.0046  -0.0130 0.0099  526  HOH A O   
796 O O   . HOH C .  ? 0.2140 0.2432 0.2195 0.0074  -0.0061 0.0108  527  HOH A O   
797 O O   . HOH C .  ? 0.3383 0.3635 0.3186 -0.0030 -0.0139 -0.0006 528  HOH A O   
798 O O   . HOH C .  ? 0.1795 0.2035 0.1659 -0.0038 -0.0209 0.0021  529  HOH A O   
799 O O   . HOH C .  ? 0.3314 0.3601 0.3332 0.0052  -0.0089 0.0088  530  HOH A O   
800 O O   . HOH C .  ? 0.2861 0.3092 0.2503 -0.0057 0.0011  -0.0149 531  HOH A O   
801 O O   . HOH C .  ? 0.2265 0.2641 0.2185 0.0057  -0.0090 0.0089  532  HOH A O   
802 O O   . HOH C .  ? 0.1959 0.2225 0.1783 0.0049  -0.0019 0.0004  533  HOH A O   
803 O O   . HOH C .  ? 0.3388 0.3836 0.3340 -0.0009 -0.0263 0.0122  534  HOH A O   
804 O O   . HOH C .  ? 0.2210 0.2624 0.2147 -0.0007 -0.0225 0.0064  535  HOH A O   
805 O O   . HOH C .  ? 0.2815 0.3108 0.2923 0.0001  -0.0203 -0.0068 536  HOH A O   
806 O O   . HOH C .  ? 0.2160 0.2415 0.1941 -0.0033 0.0079  -0.0152 537  HOH A O   
807 O O   . HOH C .  ? 0.2260 0.2683 0.2186 0.0023  -0.0180 0.0113  538  HOH A O   
808 O O   . HOH C .  ? 0.2899 0.3230 0.2939 0.0064  -0.0089 0.0066  539  HOH A O   
809 O O   . HOH C .  ? 0.2674 0.3055 0.2258 -0.0007 -0.0183 0.0083  540  HOH A O   
810 O O   . HOH C .  ? 0.2035 0.2272 0.1948 -0.0030 0.0081  -0.0223 541  HOH A O   
811 O O   . HOH C .  ? 0.3419 0.3654 0.3025 -0.0064 -0.0016 -0.0105 542  HOH A O   
812 O O   . HOH C .  ? 0.3306 0.3598 0.3180 -0.0030 -0.0107 -0.0133 543  HOH A O   
813 O O   . HOH C .  ? 0.2308 0.2631 0.2107 -0.0050 -0.0206 -0.0119 544  HOH A O   
814 O O   . HOH C .  ? 0.3514 0.3832 0.3703 0.0042  -0.0153 0.0005  545  HOH A O   
815 O O   . HOH C .  ? 0.3558 0.3816 0.4091 0.0039  -0.0081 0.0268  546  HOH A O   
816 O O   . HOH C .  ? 0.2391 0.2808 0.2312 -0.0052 -0.0320 0.0022  547  HOH A O   
817 O O   . HOH C .  ? 0.3541 0.3800 0.3152 -0.0058 0.0002  -0.0004 548  HOH A O   
818 O O   . HOH C .  ? 0.3083 0.3439 0.2969 -0.0059 -0.0261 -0.0092 549  HOH A O   
819 O O   . HOH C .  ? 0.2406 0.2667 0.2249 -0.0015 -0.0114 0.0015  550  HOH A O   
820 O O   . HOH C .  ? 0.2396 0.2818 0.2189 -0.0046 -0.0311 0.0069  551  HOH A O   
821 O O   . HOH C .  ? 0.3533 0.3800 0.3597 -0.0024 -0.0245 -0.0082 552  HOH A O   
822 O O   . HOH C .  ? 0.3941 0.4108 0.3575 -0.0079 0.0076  -0.0281 553  HOH A O   
823 O O   . HOH C .  ? 0.3438 0.3766 0.4399 -0.0025 -0.0415 0.0488  554  HOH A O   
824 O O   . HOH C .  ? 0.3037 0.3317 0.3319 0.0036  -0.0189 0.0134  555  HOH A O   
825 O O   . HOH C .  ? 0.2641 0.2959 0.2802 0.0008  0.0027  -0.0140 556  HOH A O   
826 O O   . HOH C .  ? 0.2848 0.3153 0.2681 -0.0016 -0.0035 -0.0019 557  HOH A O   
827 O O   . HOH C .  ? 0.4301 0.4708 0.4269 0.0057  -0.0118 0.0127  558  HOH A O   
828 O O   . HOH C .  ? 0.3661 0.3970 0.3592 -0.0017 0.0054  -0.0082 559  HOH A O   
829 O O   . HOH C .  ? 0.3683 0.4135 0.3657 0.0006  -0.0239 0.0140  560  HOH A O   
830 O O   . HOH C .  ? 0.3372 0.3641 0.3258 -0.0017 -0.0128 0.0079  561  HOH A O   
831 O O   . HOH C .  ? 0.3709 0.4134 0.3522 -0.0074 -0.0377 0.0046  562  HOH A O   
832 O O   . HOH C .  ? 0.3705 0.4025 0.3919 0.0027  -0.0123 -0.0078 563  HOH A O   
833 O O   . HOH C .  ? 0.2675 0.2981 0.2581 -0.0014 0.0041  -0.0099 564  HOH A O   
834 O O   . HOH C .  ? 0.2734 0.3146 0.2897 0.0008  -0.0111 -0.0030 565  HOH A O   
835 O O   . HOH C .  ? 0.4047 0.4287 0.3807 -0.0065 -0.0210 0.0045  566  HOH A O   
836 O O   . HOH C .  ? 0.3515 0.3886 0.3154 0.0018  -0.0132 0.0082  567  HOH A O   
837 O O   . HOH C .  ? 0.2853 0.3116 0.3004 0.0006  -0.0220 0.0109  568  HOH A O   
838 O O   . HOH C .  ? 0.6140 0.6435 0.6575 -0.0032 -0.0347 0.0318  569  HOH A O   
839 O O   . HOH C .  ? 0.3115 0.3398 0.3394 -0.0025 -0.0293 0.0252  570  HOH A O   
840 O O   . HOH C .  ? 0.2596 0.2870 0.2658 -0.0006 -0.0184 0.0159  571  HOH A O   
841 O O   . HOH C .  ? 0.3951 0.4171 0.3225 -0.0054 -0.0085 -0.0127 572  HOH A O   
842 O O   . HOH C .  ? 0.3772 0.4208 0.3753 0.0038  -0.0169 0.0147  573  HOH A O   
843 O O   . HOH C .  ? 0.3259 0.3677 0.3567 0.0009  -0.0073 -0.0031 574  HOH A O   
844 O O   . HOH C .  ? 0.5435 0.5645 0.5314 -0.0045 0.0068  -0.0263 575  HOH A O   
845 O O   . HOH C .  ? 0.3047 0.3281 0.2950 -0.0053 -0.0272 0.0030  576  HOH A O   
846 O O   . HOH C .  ? 0.2803 0.3101 0.2975 0.0048  -0.0147 0.0061  577  HOH A O   
847 O O   . HOH C .  ? 0.3330 0.3549 0.2968 -0.0056 0.0113  -0.0161 578  HOH A O   
848 O O   . HOH C .  ? 0.3701 0.4118 0.3738 0.0068  -0.0119 0.0155  579  HOH A O   
849 O O   . HOH C .  ? 0.4974 0.5255 0.5039 -0.0005 -0.0086 -0.0159 580  HOH A O   
850 O O   . HOH C .  ? 0.5602 0.5869 0.5685 0.0016  -0.0169 0.0106  581  HOH A O   
851 O O   . HOH C .  ? 0.4777 0.5064 0.4606 -0.0061 -0.0168 -0.0187 582  HOH A O   
852 O O   . HOH C .  ? 0.5035 0.5267 0.4597 -0.0070 0.0011  -0.0078 583  HOH A O   
853 O O   . HOH C .  ? 0.4204 0.4502 0.3958 -0.0072 -0.0217 -0.0173 584  HOH A O   
854 O O   . HOH C .  ? 0.5268 0.5673 0.4881 -0.0074 -0.0346 0.0052  585  HOH A O   
855 O O   . HOH C .  ? 0.4153 0.4392 0.3758 -0.0070 -0.0080 -0.0055 586  HOH A O   
856 O O   . HOH C .  ? 0.5229 0.5581 0.4916 0.0050  -0.0072 0.0093  587  HOH A O   
857 O O   . HOH C .  ? 0.3639 0.3928 0.3613 -0.0022 0.0130  -0.0102 588  HOH A O   
858 O O   . HOH C .  ? 0.4861 0.5279 0.4493 -0.0013 -0.0229 0.0131  589  HOH A O   
859 O O   . HOH C .  ? 0.4993 0.5230 0.4518 -0.0079 -0.0020 -0.0023 590  HOH A O   
860 O O   . HOH C .  ? 0.3920 0.4168 0.3809 -0.0031 -0.0193 0.0057  591  HOH A O   
861 O O   . HOH C .  ? 0.4344 0.4795 0.4157 -0.0036 -0.0318 0.0131  592  HOH A O   
862 O O   . HOH C .  ? 0.5389 0.5588 0.4984 -0.0085 -0.0078 -0.0197 593  HOH A O   
863 O O   . HOH C .  ? 0.4166 0.4595 0.4535 -0.0009 -0.0104 -0.0026 594  HOH A O   
864 O O   . HOH C .  ? 0.5028 0.5374 0.5386 0.0002  0.0105  -0.0099 595  HOH A O   
865 O O   . HOH C .  ? 0.4951 0.5213 0.4876 -0.0018 -0.0048 -0.0102 596  HOH A O   
866 O O   . HOH C .  ? 0.3463 0.3789 0.3540 0.0081  -0.0077 0.0112  597  HOH A O   
867 O O   . HOH C .  ? 0.4565 0.4865 0.4774 0.0013  -0.0098 -0.0129 598  HOH A O   
868 O O   . HOH C .  ? 0.5011 0.5254 0.4722 -0.0046 0.0140  -0.0102 599  HOH A O   
869 O O   . HOH C .  ? 0.5041 0.5411 0.4847 0.0059  -0.0079 0.0100  600  HOH A O   
870 O O   . HOH C .  ? 0.5127 0.5300 0.5322 0.0058  0.0128  0.0043  601  HOH A O   
871 O O   . HOH C .  ? 0.4901 0.5069 0.4643 -0.0072 0.0088  -0.0304 602  HOH A O   
872 O O   . HOH C .  ? 0.5726 0.6128 0.5415 0.0036  -0.0132 0.0147  603  HOH A O   
873 O O   . HOH D .  ? 0.1660 0.2055 0.1596 0.0012  -0.0169 0.0048  2901 HOH B O   
874 O O   . HOH D .  ? 0.3173 0.3586 0.3285 0.0009  -0.0152 -0.0003 2902 HOH B O   
875 O O   . HOH D .  ? 0.4192 0.4564 0.4810 0.0093  -0.0097 0.0138  2903 HOH B O   
# 
loop_
_pdbx_poly_seq_scheme.asym_id 
_pdbx_poly_seq_scheme.entity_id 
_pdbx_poly_seq_scheme.seq_id 
_pdbx_poly_seq_scheme.mon_id 
_pdbx_poly_seq_scheme.ndb_seq_num 
_pdbx_poly_seq_scheme.pdb_seq_num 
_pdbx_poly_seq_scheme.auth_seq_num 
_pdbx_poly_seq_scheme.pdb_mon_id 
_pdbx_poly_seq_scheme.auth_mon_id 
_pdbx_poly_seq_scheme.pdb_strand_id 
_pdbx_poly_seq_scheme.pdb_ins_code 
_pdbx_poly_seq_scheme.hetero 
A 1 1   GLY 1   308  ?    ?   ?   A . n 
A 1 2   SER 2   309  ?    ?   ?   A . n 
A 1 3   ARG 3   310  310  ARG ALA A . n 
A 1 4   LYS 4   311  311  LYS LYS A . n 
A 1 5   PRO 5   312  312  PRO PRO A . n 
A 1 6   VAL 6   313  313  VAL VAL A . n 
A 1 7   SER 7   314  314  SER SER A . n 
A 1 8   GLU 8   315  315  GLU GLU A . n 
A 1 9   LYS 9   316  316  LYS LYS A . n 
A 1 10  ILE 10  317  317  ILE ILE A . n 
A 1 11  MET 11  318  318  MET MET A . n 
A 1 12  GLU 12  319  319  GLU GLU A . n 
A 1 13  ILE 13  320  320  ILE ILE A . n 
A 1 14  LYS 14  321  321  LYS LYS A . n 
A 1 15  LEU 15  322  322  LEU LEU A . n 
A 1 16  ILE 16  323  323  ILE ILE A . n 
A 1 17  LYS 17  324  324  LYS LYS A . n 
A 1 18  GLY 18  325  325  GLY GLY A . n 
A 1 19  PRO 19  326  326  PRO PRO A . n 
A 1 20  LYS 20  327  327  LYS LYS A . n 
A 1 21  GLY 21  328  328  GLY GLY A . n 
A 1 22  LEU 22  329  329  LEU LEU A . n 
A 1 23  GLY 23  330  330  GLY GLY A . n 
A 1 24  PHE 24  331  331  PHE PHE A . n 
A 1 25  SER 25  332  332  SER SER A . n 
A 1 26  ILE 26  333  333  ILE ILE A . n 
A 1 27  ALA 27  334  334  ALA ALA A . n 
A 1 28  GLY 28  335  335  GLY GLY A . n 
A 1 29  GLY 29  336  336  GLY GLY A . n 
A 1 30  VAL 30  337  337  VAL VAL A . n 
A 1 31  GLY 31  338  338  GLY GLY A . n 
A 1 32  ASN 32  339  339  ASN ASN A . n 
A 1 33  GLN 33  340  340  GLN GLN A . n 
A 1 34  HIS 34  341  341  HIS HIS A . n 
A 1 35  ILE 35  342  342  ILE ILE A . n 
A 1 36  PRO 36  343  343  PRO PRO A . n 
A 1 37  GLY 37  344  344  GLY GLY A . n 
A 1 38  ASP 38  345  345  ASP ASP A . n 
A 1 39  ASN 39  346  346  ASN ASN A . n 
A 1 40  SER 40  347  347  SER SER A . n 
A 1 41  ILE 41  348  348  ILE ILE A . n 
A 1 42  TYR 42  349  349  TYR TYR A . n 
A 1 43  VAL 43  350  350  VAL VAL A . n 
A 1 44  THR 44  351  351  THR THR A . n 
A 1 45  LYS 45  352  352  LYS LYS A . n 
A 1 46  ILE 46  353  353  ILE ILE A . n 
A 1 47  ILE 47  354  354  ILE ILE A . n 
A 1 48  GLU 48  355  355  GLU GLU A . n 
A 1 49  GLY 49  356  356  GLY GLY A . n 
A 1 50  GLY 50  357  357  GLY GLY A . n 
A 1 51  ALA 51  358  358  ALA ALA A . n 
A 1 52  ALA 52  359  359  ALA ALA A . n 
A 1 53  HIS 53  360  360  HIS HIS A . n 
A 1 54  LYS 54  361  361  LYS LYS A . n 
A 1 55  ASP 55  362  362  ASP ASP A . n 
A 1 56  GLY 56  363  363  GLY GLY A . n 
A 1 57  LYS 57  364  364  LYS LYS A . n 
A 1 58  LEU 58  365  365  LEU LEU A . n 
A 1 59  GLN 59  366  366  GLN GLN A . n 
A 1 60  ILE 60  367  367  ILE ILE A . n 
A 1 61  GLY 61  368  368  GLY GLY A . n 
A 1 62  ASP 62  369  369  ASP ASP A . n 
A 1 63  LYS 63  370  370  LYS LYS A . n 
A 1 64  LEU 64  371  371  LEU LEU A . n 
A 1 65  LEU 65  372  372  LEU LEU A . n 
A 1 66  ALA 66  373  373  ALA ALA A . n 
A 1 67  VAL 67  374  374  VAL VAL A . n 
A 1 68  ASN 68  375  375  ASN ASN A . n 
A 1 69  ASN 69  376  376  ASN ASN A . n 
A 1 70  VAL 70  377  377  VAL VAL A . n 
A 1 71  CYS 71  378  378  CYS CYS A . n 
A 1 72  LEU 72  379  379  LEU LEU A . n 
A 1 73  GLU 73  380  380  GLU GLU A . n 
A 1 74  GLU 74  381  381  GLU GLU A . n 
A 1 75  VAL 75  382  382  VAL VAL A . n 
A 1 76  THR 76  383  383  THR THR A . n 
A 1 77  HIS 77  384  384  HIS HIS A . n 
A 1 78  GLU 78  385  385  GLU GLU A . n 
A 1 79  GLU 79  386  386  GLU GLU A . n 
A 1 80  ALA 80  387  387  ALA ALA A . n 
A 1 81  VAL 81  388  388  VAL VAL A . n 
A 1 82  THR 82  389  389  THR THR A . n 
A 1 83  ALA 83  390  390  ALA ALA A . n 
A 1 84  LEU 84  391  391  LEU LEU A . n 
A 1 85  LYS 85  392  392  LYS LYS A . n 
A 1 86  ASN 86  393  393  ASN ASN A . n 
A 1 87  THR 87  394  394  THR THR A . n 
A 1 88  SER 88  395  395  SER SER A . n 
A 1 89  ASP 89  396  396  ASP ASP A . n 
A 1 90  PHE 90  397  397  PHE PHE A . n 
A 1 91  VAL 91  398  398  VAL VAL A . n 
A 1 92  TYR 92  399  399  TYR TYR A . n 
A 1 93  LEU 93  400  400  LEU LEU A . n 
A 1 94  LYS 94  401  401  LYS LYS A . n 
A 1 95  VAL 95  402  402  VAL VAL A . n 
A 1 96  ALA 96  403  403  ALA ALA A . n 
A 1 97  LYS 97  404  404  LYS LYS A . n 
A 1 98  PRO 98  405  405  PRO PRO A . n 
A 1 99  THR 99  406  406  THR THR A . n 
A 1 100 SER 100 407  ?    ?   ?   A . n 
B 2 1   ARG 1   2833 ?    ?   ?   B . n 
B 2 2   HIS 2   2834 ?    ?   ?   B . n 
B 2 3   SER 3   2835 ?    ?   ?   B . n 
B 2 4   GLY 4   2836 ?    ?   ?   B . n 
B 2 5   SER 5   2837 ?    ?   ?   B . n 
B 2 6   TYR 6   2838 2838 TYR TYR B . n 
B 2 7   LEU 7   2839 2839 LEU LEU B . n 
B 2 8   VAL 8   2840 2840 VAL VAL B . n 
B 2 9   THR 9   2841 2841 THR THR B . n 
B 2 10  SER 10  2842 2842 SER SER B . n 
B 2 11  VAL 11  2843 2843 VAL VAL B . n 
# 
loop_
_pdbx_nonpoly_scheme.asym_id 
_pdbx_nonpoly_scheme.entity_id 
_pdbx_nonpoly_scheme.mon_id 
_pdbx_nonpoly_scheme.ndb_seq_num 
_pdbx_nonpoly_scheme.pdb_seq_num 
_pdbx_nonpoly_scheme.auth_seq_num 
_pdbx_nonpoly_scheme.pdb_mon_id 
_pdbx_nonpoly_scheme.auth_mon_id 
_pdbx_nonpoly_scheme.pdb_strand_id 
_pdbx_nonpoly_scheme.pdb_ins_code 
C 3 HOH 1   501  1   HOH HOH A . 
C 3 HOH 2   502  2   HOH HOH A . 
C 3 HOH 3   503  3   HOH HOH A . 
C 3 HOH 4   504  4   HOH HOH A . 
C 3 HOH 5   505  5   HOH HOH A . 
C 3 HOH 6   506  6   HOH HOH A . 
C 3 HOH 7   507  7   HOH HOH A . 
C 3 HOH 8   508  8   HOH HOH A . 
C 3 HOH 9   509  9   HOH HOH A . 
C 3 HOH 10  510  10  HOH HOH A . 
C 3 HOH 11  511  11  HOH HOH A . 
C 3 HOH 12  512  12  HOH HOH A . 
C 3 HOH 13  513  13  HOH HOH A . 
C 3 HOH 14  514  14  HOH HOH A . 
C 3 HOH 15  515  15  HOH HOH A . 
C 3 HOH 16  516  16  HOH HOH A . 
C 3 HOH 17  517  17  HOH HOH A . 
C 3 HOH 18  518  18  HOH HOH A . 
C 3 HOH 19  519  19  HOH HOH A . 
C 3 HOH 20  520  20  HOH HOH A . 
C 3 HOH 21  521  21  HOH HOH A . 
C 3 HOH 22  522  22  HOH HOH A . 
C 3 HOH 23  523  23  HOH HOH A . 
C 3 HOH 24  524  24  HOH HOH A . 
C 3 HOH 25  525  26  HOH HOH A . 
C 3 HOH 26  526  27  HOH HOH A . 
C 3 HOH 27  527  28  HOH HOH A . 
C 3 HOH 28  528  29  HOH HOH A . 
C 3 HOH 29  529  30  HOH HOH A . 
C 3 HOH 30  530  31  HOH HOH A . 
C 3 HOH 31  531  32  HOH HOH A . 
C 3 HOH 32  532  33  HOH HOH A . 
C 3 HOH 33  533  34  HOH HOH A . 
C 3 HOH 34  534  35  HOH HOH A . 
C 3 HOH 35  535  36  HOH HOH A . 
C 3 HOH 36  536  37  HOH HOH A . 
C 3 HOH 37  537  38  HOH HOH A . 
C 3 HOH 38  538  39  HOH HOH A . 
C 3 HOH 39  539  40  HOH HOH A . 
C 3 HOH 40  540  41  HOH HOH A . 
C 3 HOH 41  541  42  HOH HOH A . 
C 3 HOH 42  542  43  HOH HOH A . 
C 3 HOH 43  543  44  HOH HOH A . 
C 3 HOH 44  544  45  HOH HOH A . 
C 3 HOH 45  545  46  HOH HOH A . 
C 3 HOH 46  546  47  HOH HOH A . 
C 3 HOH 47  547  48  HOH HOH A . 
C 3 HOH 48  548  49  HOH HOH A . 
C 3 HOH 49  549  50  HOH HOH A . 
C 3 HOH 50  550  51  HOH HOH A . 
C 3 HOH 51  551  52  HOH HOH A . 
C 3 HOH 52  552  53  HOH HOH A . 
C 3 HOH 53  553  54  HOH HOH A . 
C 3 HOH 54  554  55  HOH HOH A . 
C 3 HOH 55  555  56  HOH HOH A . 
C 3 HOH 56  556  57  HOH HOH A . 
C 3 HOH 57  557  58  HOH HOH A . 
C 3 HOH 58  558  59  HOH HOH A . 
C 3 HOH 59  559  60  HOH HOH A . 
C 3 HOH 60  560  61  HOH HOH A . 
C 3 HOH 61  561  62  HOH HOH A . 
C 3 HOH 62  562  63  HOH HOH A . 
C 3 HOH 63  563  64  HOH HOH A . 
C 3 HOH 64  564  65  HOH HOH A . 
C 3 HOH 65  565  66  HOH HOH A . 
C 3 HOH 66  566  67  HOH HOH A . 
C 3 HOH 67  567  68  HOH HOH A . 
C 3 HOH 68  568  69  HOH HOH A . 
C 3 HOH 69  569  70  HOH HOH A . 
C 3 HOH 70  570  71  HOH HOH A . 
C 3 HOH 71  571  72  HOH HOH A . 
C 3 HOH 72  572  74  HOH HOH A . 
C 3 HOH 73  573  75  HOH HOH A . 
C 3 HOH 74  574  77  HOH HOH A . 
C 3 HOH 75  575  78  HOH HOH A . 
C 3 HOH 76  576  79  HOH HOH A . 
C 3 HOH 77  577  80  HOH HOH A . 
C 3 HOH 78  578  81  HOH HOH A . 
C 3 HOH 79  579  82  HOH HOH A . 
C 3 HOH 80  580  83  HOH HOH A . 
C 3 HOH 81  581  84  HOH HOH A . 
C 3 HOH 82  582  85  HOH HOH A . 
C 3 HOH 83  583  86  HOH HOH A . 
C 3 HOH 84  584  87  HOH HOH A . 
C 3 HOH 85  585  88  HOH HOH A . 
C 3 HOH 86  586  89  HOH HOH A . 
C 3 HOH 87  587  90  HOH HOH A . 
C 3 HOH 88  588  91  HOH HOH A . 
C 3 HOH 89  589  92  HOH HOH A . 
C 3 HOH 90  590  93  HOH HOH A . 
C 3 HOH 91  591  94  HOH HOH A . 
C 3 HOH 92  592  95  HOH HOH A . 
C 3 HOH 93  593  96  HOH HOH A . 
C 3 HOH 94  594  97  HOH HOH A . 
C 3 HOH 95  595  98  HOH HOH A . 
C 3 HOH 96  596  99  HOH HOH A . 
C 3 HOH 97  597  100 HOH HOH A . 
C 3 HOH 98  598  101 HOH HOH A . 
C 3 HOH 99  599  102 HOH HOH A . 
C 3 HOH 100 600  103 HOH HOH A . 
C 3 HOH 101 601  104 HOH HOH A . 
C 3 HOH 102 602  105 HOH HOH A . 
C 3 HOH 103 603  106 HOH HOH A . 
D 3 HOH 1   2901 25  HOH HOH B . 
D 3 HOH 2   2902 73  HOH HOH B . 
D 3 HOH 3   2903 76  HOH HOH B . 
# 
_pdbx_struct_assembly.id                   1 
_pdbx_struct_assembly.details              author_and_software_defined_assembly 
_pdbx_struct_assembly.method_details       PISA 
_pdbx_struct_assembly.oligomeric_details   dimeric 
_pdbx_struct_assembly.oligomeric_count     2 
# 
_pdbx_struct_assembly_gen.assembly_id       1 
_pdbx_struct_assembly_gen.oper_expression   1 
_pdbx_struct_assembly_gen.asym_id_list      A,B,C,D 
# 
loop_
_pdbx_struct_assembly_prop.biol_id 
_pdbx_struct_assembly_prop.type 
_pdbx_struct_assembly_prop.value 
_pdbx_struct_assembly_prop.details 
1 'ABSA (A^2)' 740  ? 
1 MORE         -4   ? 
1 'SSA (A^2)'  6190 ? 
# 
_pdbx_struct_oper_list.id                   1 
_pdbx_struct_oper_list.type                 'identity operation' 
_pdbx_struct_oper_list.name                 1_555 
_pdbx_struct_oper_list.symmetry_operation   x,y,z 
_pdbx_struct_oper_list.matrix[1][1]         1.0000000000 
_pdbx_struct_oper_list.matrix[1][2]         0.0000000000 
_pdbx_struct_oper_list.matrix[1][3]         0.0000000000 
_pdbx_struct_oper_list.vector[1]            0.0000000000 
_pdbx_struct_oper_list.matrix[2][1]         0.0000000000 
_pdbx_struct_oper_list.matrix[2][2]         1.0000000000 
_pdbx_struct_oper_list.matrix[2][3]         0.0000000000 
_pdbx_struct_oper_list.vector[2]            0.0000000000 
_pdbx_struct_oper_list.matrix[3][1]         0.0000000000 
_pdbx_struct_oper_list.matrix[3][2]         0.0000000000 
_pdbx_struct_oper_list.matrix[3][3]         1.0000000000 
_pdbx_struct_oper_list.vector[3]            0.0000000000 
# 
loop_
_pdbx_audit_revision_history.ordinal 
_pdbx_audit_revision_history.data_content_type 
_pdbx_audit_revision_history.major_revision 
_pdbx_audit_revision_history.minor_revision 
_pdbx_audit_revision_history.revision_date 
1 'Structure model' 1 0 2012-12-12 
2 'Structure model' 1 1 2017-11-15 
3 'Structure model' 1 2 2023-09-13 
# 
_pdbx_audit_revision_details.ordinal             1 
_pdbx_audit_revision_details.revision_ordinal    1 
_pdbx_audit_revision_details.data_content_type   'Structure model' 
_pdbx_audit_revision_details.provider            repository 
_pdbx_audit_revision_details.type                'Initial release' 
_pdbx_audit_revision_details.description         ? 
_pdbx_audit_revision_details.details             ? 
# 
loop_
_pdbx_audit_revision_group.ordinal 
_pdbx_audit_revision_group.revision_ordinal 
_pdbx_audit_revision_group.data_content_type 
_pdbx_audit_revision_group.group 
1 2 'Structure model' 'Refinement description' 
2 3 'Structure model' 'Data collection'        
3 3 'Structure model' 'Database references'    
4 3 'Structure model' 'Refinement description' 
# 
loop_
_pdbx_audit_revision_category.ordinal 
_pdbx_audit_revision_category.revision_ordinal 
_pdbx_audit_revision_category.data_content_type 
_pdbx_audit_revision_category.category 
1 2 'Structure model' software                      
2 3 'Structure model' chem_comp_atom                
3 3 'Structure model' chem_comp_bond                
4 3 'Structure model' database_2                    
5 3 'Structure model' pdbx_initial_refinement_model 
6 3 'Structure model' struct_ref_seq_dif            
# 
loop_
_pdbx_audit_revision_item.ordinal 
_pdbx_audit_revision_item.revision_ordinal 
_pdbx_audit_revision_item.data_content_type 
_pdbx_audit_revision_item.item 
1 2 'Structure model' '_software.name'                      
2 3 'Structure model' '_database_2.pdbx_DOI'                
3 3 'Structure model' '_database_2.pdbx_database_accession' 
4 3 'Structure model' '_struct_ref_seq_dif.details'         
# 
_pdbx_refine_tls.pdbx_refine_id   'X-RAY DIFFRACTION' 
_pdbx_refine_tls.id               1 
_pdbx_refine_tls.details          ? 
_pdbx_refine_tls.method           refined 
_pdbx_refine_tls.origin_x         -0.0831 
_pdbx_refine_tls.origin_y         -0.2137 
_pdbx_refine_tls.origin_z         -0.0607 
_pdbx_refine_tls.T[1][1]          0.0095 
_pdbx_refine_tls.T[2][2]          0.0431 
_pdbx_refine_tls.T[3][3]          -0.0102 
_pdbx_refine_tls.T[1][2]          0.0023 
_pdbx_refine_tls.T[1][3]          -0.0114 
_pdbx_refine_tls.T[2][3]          -0.0027 
_pdbx_refine_tls.L[1][1]          0.4902 
_pdbx_refine_tls.L[2][2]          0.5751 
_pdbx_refine_tls.L[3][3]          0.0262 
_pdbx_refine_tls.L[1][2]          0.0986 
_pdbx_refine_tls.L[1][3]          -0.0744 
_pdbx_refine_tls.L[2][3]          -0.1065 
_pdbx_refine_tls.S[1][1]          0.0001 
_pdbx_refine_tls.S[1][2]          -0.0048 
_pdbx_refine_tls.S[1][3]          -0.0150 
_pdbx_refine_tls.S[2][1]          0.0004 
_pdbx_refine_tls.S[2][2]          0.0230 
_pdbx_refine_tls.S[2][3]          -0.0078 
_pdbx_refine_tls.S[3][1]          -0.0090 
_pdbx_refine_tls.S[3][2]          0.0174 
_pdbx_refine_tls.S[3][3]          -0.0104 
# 
_pdbx_refine_tls_group.pdbx_refine_id      'X-RAY DIFFRACTION' 
_pdbx_refine_tls_group.id                  1 
_pdbx_refine_tls_group.refine_tls_id       1 
_pdbx_refine_tls_group.beg_auth_asym_id    ? 
_pdbx_refine_tls_group.beg_auth_seq_id     ? 
_pdbx_refine_tls_group.beg_label_asym_id   ? 
_pdbx_refine_tls_group.beg_label_seq_id    ? 
_pdbx_refine_tls_group.end_auth_asym_id    ? 
_pdbx_refine_tls_group.end_auth_seq_id     ? 
_pdbx_refine_tls_group.end_label_asym_id   ? 
_pdbx_refine_tls_group.end_label_seq_id    ? 
_pdbx_refine_tls_group.selection           ? 
_pdbx_refine_tls_group.selection_details   all 
# 
loop_
_software.name 
_software.classification 
_software.version 
_software.citation_id 
_software.pdbx_ordinal 
Blu-Ice  'data collection' Ice                          ? 1 
PHENIX   'model building'  .                            ? 2 
PHENIX   refinement        '(phenix.refine: 1.6.1_357)' ? 3 
HKL-2000 'data reduction'  .                            ? 4 
HKL-2000 'data scaling'    .                            ? 5 
PHENIX   phasing           .                            ? 6 
# 
loop_
_pdbx_validate_close_contact.id 
_pdbx_validate_close_contact.PDB_model_num 
_pdbx_validate_close_contact.auth_atom_id_1 
_pdbx_validate_close_contact.auth_asym_id_1 
_pdbx_validate_close_contact.auth_comp_id_1 
_pdbx_validate_close_contact.auth_seq_id_1 
_pdbx_validate_close_contact.PDB_ins_code_1 
_pdbx_validate_close_contact.label_alt_id_1 
_pdbx_validate_close_contact.auth_atom_id_2 
_pdbx_validate_close_contact.auth_asym_id_2 
_pdbx_validate_close_contact.auth_comp_id_2 
_pdbx_validate_close_contact.auth_seq_id_2 
_pdbx_validate_close_contact.PDB_ins_code_2 
_pdbx_validate_close_contact.label_alt_id_2 
_pdbx_validate_close_contact.dist 
1 1 O A HOH 553 ? ? O A HOH 602 ? ? 2.08 
2 1 O A HOH 534 ? ? O A HOH 560 ? ? 2.10 
3 1 O A HOH 558 ? ? O A HOH 579 ? ? 2.12 
# 
loop_
_pdbx_validate_torsion.id 
_pdbx_validate_torsion.PDB_model_num 
_pdbx_validate_torsion.auth_comp_id 
_pdbx_validate_torsion.auth_asym_id 
_pdbx_validate_torsion.auth_seq_id 
_pdbx_validate_torsion.PDB_ins_code 
_pdbx_validate_torsion.label_alt_id 
_pdbx_validate_torsion.phi 
_pdbx_validate_torsion.psi 
1 1 ASN A 339 ? ? -153.33 39.65   
2 1 ASN A 375 ? ? 52.29   -116.96 
3 1 ASN A 393 ? ? -90.89  54.81   
4 1 SER A 395 ? ? -92.19  -155.71 
# 
loop_
_pdbx_unobs_or_zero_occ_atoms.id 
_pdbx_unobs_or_zero_occ_atoms.PDB_model_num 
_pdbx_unobs_or_zero_occ_atoms.polymer_flag 
_pdbx_unobs_or_zero_occ_atoms.occupancy_flag 
_pdbx_unobs_or_zero_occ_atoms.auth_asym_id 
_pdbx_unobs_or_zero_occ_atoms.auth_comp_id 
_pdbx_unobs_or_zero_occ_atoms.auth_seq_id 
_pdbx_unobs_or_zero_occ_atoms.PDB_ins_code 
_pdbx_unobs_or_zero_occ_atoms.auth_atom_id 
_pdbx_unobs_or_zero_occ_atoms.label_alt_id 
_pdbx_unobs_or_zero_occ_atoms.label_asym_id 
_pdbx_unobs_or_zero_occ_atoms.label_comp_id 
_pdbx_unobs_or_zero_occ_atoms.label_seq_id 
_pdbx_unobs_or_zero_occ_atoms.label_atom_id 
1 1 Y 1 A ARG 310 ? CG  ? A ARG 3 CG  
2 1 Y 1 A ARG 310 ? CD  ? A ARG 3 CD  
3 1 Y 1 A ARG 310 ? NE  ? A ARG 3 NE  
4 1 Y 1 A ARG 310 ? CZ  ? A ARG 3 CZ  
5 1 Y 1 A ARG 310 ? NH1 ? A ARG 3 NH1 
6 1 Y 1 A ARG 310 ? NH2 ? A ARG 3 NH2 
# 
loop_
_pdbx_unobs_or_zero_occ_residues.id 
_pdbx_unobs_or_zero_occ_residues.PDB_model_num 
_pdbx_unobs_or_zero_occ_residues.polymer_flag 
_pdbx_unobs_or_zero_occ_residues.occupancy_flag 
_pdbx_unobs_or_zero_occ_residues.auth_asym_id 
_pdbx_unobs_or_zero_occ_residues.auth_comp_id 
_pdbx_unobs_or_zero_occ_residues.auth_seq_id 
_pdbx_unobs_or_zero_occ_residues.PDB_ins_code 
_pdbx_unobs_or_zero_occ_residues.label_asym_id 
_pdbx_unobs_or_zero_occ_residues.label_comp_id 
_pdbx_unobs_or_zero_occ_residues.label_seq_id 
1 1 Y 1 A GLY 308  ? A GLY 1   
2 1 Y 1 A SER 309  ? A SER 2   
3 1 Y 1 A SER 407  ? A SER 100 
4 1 Y 1 B ARG 2833 ? B ARG 1   
5 1 Y 1 B HIS 2834 ? B HIS 2   
6 1 Y 1 B SER 2835 ? B SER 3   
7 1 Y 1 B GLY 2836 ? B GLY 4   
8 1 Y 1 B SER 2837 ? B SER 5   
# 
loop_
_chem_comp_atom.comp_id 
_chem_comp_atom.atom_id 
_chem_comp_atom.type_symbol 
_chem_comp_atom.pdbx_aromatic_flag 
_chem_comp_atom.pdbx_stereo_config 
_chem_comp_atom.pdbx_ordinal 
ALA N    N N N 1   
ALA CA   C N S 2   
ALA C    C N N 3   
ALA O    O N N 4   
ALA CB   C N N 5   
ALA OXT  O N N 6   
ALA H    H N N 7   
ALA H2   H N N 8   
ALA HA   H N N 9   
ALA HB1  H N N 10  
ALA HB2  H N N 11  
ALA HB3  H N N 12  
ALA HXT  H N N 13  
ARG N    N N N 14  
ARG CA   C N S 15  
ARG C    C N N 16  
ARG O    O N N 17  
ARG CB   C N N 18  
ARG CG   C N N 19  
ARG CD   C N N 20  
ARG NE   N N N 21  
ARG CZ   C N N 22  
ARG NH1  N N N 23  
ARG NH2  N N N 24  
ARG OXT  O N N 25  
ARG H    H N N 26  
ARG H2   H N N 27  
ARG HA   H N N 28  
ARG HB2  H N N 29  
ARG HB3  H N N 30  
ARG HG2  H N N 31  
ARG HG3  H N N 32  
ARG HD2  H N N 33  
ARG HD3  H N N 34  
ARG HE   H N N 35  
ARG HH11 H N N 36  
ARG HH12 H N N 37  
ARG HH21 H N N 38  
ARG HH22 H N N 39  
ARG HXT  H N N 40  
ASN N    N N N 41  
ASN CA   C N S 42  
ASN C    C N N 43  
ASN O    O N N 44  
ASN CB   C N N 45  
ASN CG   C N N 46  
ASN OD1  O N N 47  
ASN ND2  N N N 48  
ASN OXT  O N N 49  
ASN H    H N N 50  
ASN H2   H N N 51  
ASN HA   H N N 52  
ASN HB2  H N N 53  
ASN HB3  H N N 54  
ASN HD21 H N N 55  
ASN HD22 H N N 56  
ASN HXT  H N N 57  
ASP N    N N N 58  
ASP CA   C N S 59  
ASP C    C N N 60  
ASP O    O N N 61  
ASP CB   C N N 62  
ASP CG   C N N 63  
ASP OD1  O N N 64  
ASP OD2  O N N 65  
ASP OXT  O N N 66  
ASP H    H N N 67  
ASP H2   H N N 68  
ASP HA   H N N 69  
ASP HB2  H N N 70  
ASP HB3  H N N 71  
ASP HD2  H N N 72  
ASP HXT  H N N 73  
CYS N    N N N 74  
CYS CA   C N R 75  
CYS C    C N N 76  
CYS O    O N N 77  
CYS CB   C N N 78  
CYS SG   S N N 79  
CYS OXT  O N N 80  
CYS H    H N N 81  
CYS H2   H N N 82  
CYS HA   H N N 83  
CYS HB2  H N N 84  
CYS HB3  H N N 85  
CYS HG   H N N 86  
CYS HXT  H N N 87  
GLN N    N N N 88  
GLN CA   C N S 89  
GLN C    C N N 90  
GLN O    O N N 91  
GLN CB   C N N 92  
GLN CG   C N N 93  
GLN CD   C N N 94  
GLN OE1  O N N 95  
GLN NE2  N N N 96  
GLN OXT  O N N 97  
GLN H    H N N 98  
GLN H2   H N N 99  
GLN HA   H N N 100 
GLN HB2  H N N 101 
GLN HB3  H N N 102 
GLN HG2  H N N 103 
GLN HG3  H N N 104 
GLN HE21 H N N 105 
GLN HE22 H N N 106 
GLN HXT  H N N 107 
GLU N    N N N 108 
GLU CA   C N S 109 
GLU C    C N N 110 
GLU O    O N N 111 
GLU CB   C N N 112 
GLU CG   C N N 113 
GLU CD   C N N 114 
GLU OE1  O N N 115 
GLU OE2  O N N 116 
GLU OXT  O N N 117 
GLU H    H N N 118 
GLU H2   H N N 119 
GLU HA   H N N 120 
GLU HB2  H N N 121 
GLU HB3  H N N 122 
GLU HG2  H N N 123 
GLU HG3  H N N 124 
GLU HE2  H N N 125 
GLU HXT  H N N 126 
GLY N    N N N 127 
GLY CA   C N N 128 
GLY C    C N N 129 
GLY O    O N N 130 
GLY OXT  O N N 131 
GLY H    H N N 132 
GLY H2   H N N 133 
GLY HA2  H N N 134 
GLY HA3  H N N 135 
GLY HXT  H N N 136 
HIS N    N N N 137 
HIS CA   C N S 138 
HIS C    C N N 139 
HIS O    O N N 140 
HIS CB   C N N 141 
HIS CG   C Y N 142 
HIS ND1  N Y N 143 
HIS CD2  C Y N 144 
HIS CE1  C Y N 145 
HIS NE2  N Y N 146 
HIS OXT  O N N 147 
HIS H    H N N 148 
HIS H2   H N N 149 
HIS HA   H N N 150 
HIS HB2  H N N 151 
HIS HB3  H N N 152 
HIS HD1  H N N 153 
HIS HD2  H N N 154 
HIS HE1  H N N 155 
HIS HE2  H N N 156 
HIS HXT  H N N 157 
HOH O    O N N 158 
HOH H1   H N N 159 
HOH H2   H N N 160 
ILE N    N N N 161 
ILE CA   C N S 162 
ILE C    C N N 163 
ILE O    O N N 164 
ILE CB   C N S 165 
ILE CG1  C N N 166 
ILE CG2  C N N 167 
ILE CD1  C N N 168 
ILE OXT  O N N 169 
ILE H    H N N 170 
ILE H2   H N N 171 
ILE HA   H N N 172 
ILE HB   H N N 173 
ILE HG12 H N N 174 
ILE HG13 H N N 175 
ILE HG21 H N N 176 
ILE HG22 H N N 177 
ILE HG23 H N N 178 
ILE HD11 H N N 179 
ILE HD12 H N N 180 
ILE HD13 H N N 181 
ILE HXT  H N N 182 
LEU N    N N N 183 
LEU CA   C N S 184 
LEU C    C N N 185 
LEU O    O N N 186 
LEU CB   C N N 187 
LEU CG   C N N 188 
LEU CD1  C N N 189 
LEU CD2  C N N 190 
LEU OXT  O N N 191 
LEU H    H N N 192 
LEU H2   H N N 193 
LEU HA   H N N 194 
LEU HB2  H N N 195 
LEU HB3  H N N 196 
LEU HG   H N N 197 
LEU HD11 H N N 198 
LEU HD12 H N N 199 
LEU HD13 H N N 200 
LEU HD21 H N N 201 
LEU HD22 H N N 202 
LEU HD23 H N N 203 
LEU HXT  H N N 204 
LYS N    N N N 205 
LYS CA   C N S 206 
LYS C    C N N 207 
LYS O    O N N 208 
LYS CB   C N N 209 
LYS CG   C N N 210 
LYS CD   C N N 211 
LYS CE   C N N 212 
LYS NZ   N N N 213 
LYS OXT  O N N 214 
LYS H    H N N 215 
LYS H2   H N N 216 
LYS HA   H N N 217 
LYS HB2  H N N 218 
LYS HB3  H N N 219 
LYS HG2  H N N 220 
LYS HG3  H N N 221 
LYS HD2  H N N 222 
LYS HD3  H N N 223 
LYS HE2  H N N 224 
LYS HE3  H N N 225 
LYS HZ1  H N N 226 
LYS HZ2  H N N 227 
LYS HZ3  H N N 228 
LYS HXT  H N N 229 
MET N    N N N 230 
MET CA   C N S 231 
MET C    C N N 232 
MET O    O N N 233 
MET CB   C N N 234 
MET CG   C N N 235 
MET SD   S N N 236 
MET CE   C N N 237 
MET OXT  O N N 238 
MET H    H N N 239 
MET H2   H N N 240 
MET HA   H N N 241 
MET HB2  H N N 242 
MET HB3  H N N 243 
MET HG2  H N N 244 
MET HG3  H N N 245 
MET HE1  H N N 246 
MET HE2  H N N 247 
MET HE3  H N N 248 
MET HXT  H N N 249 
PHE N    N N N 250 
PHE CA   C N S 251 
PHE C    C N N 252 
PHE O    O N N 253 
PHE CB   C N N 254 
PHE CG   C Y N 255 
PHE CD1  C Y N 256 
PHE CD2  C Y N 257 
PHE CE1  C Y N 258 
PHE CE2  C Y N 259 
PHE CZ   C Y N 260 
PHE OXT  O N N 261 
PHE H    H N N 262 
PHE H2   H N N 263 
PHE HA   H N N 264 
PHE HB2  H N N 265 
PHE HB3  H N N 266 
PHE HD1  H N N 267 
PHE HD2  H N N 268 
PHE HE1  H N N 269 
PHE HE2  H N N 270 
PHE HZ   H N N 271 
PHE HXT  H N N 272 
PRO N    N N N 273 
PRO CA   C N S 274 
PRO C    C N N 275 
PRO O    O N N 276 
PRO CB   C N N 277 
PRO CG   C N N 278 
PRO CD   C N N 279 
PRO OXT  O N N 280 
PRO H    H N N 281 
PRO HA   H N N 282 
PRO HB2  H N N 283 
PRO HB3  H N N 284 
PRO HG2  H N N 285 
PRO HG3  H N N 286 
PRO HD2  H N N 287 
PRO HD3  H N N 288 
PRO HXT  H N N 289 
SER N    N N N 290 
SER CA   C N S 291 
SER C    C N N 292 
SER O    O N N 293 
SER CB   C N N 294 
SER OG   O N N 295 
SER OXT  O N N 296 
SER H    H N N 297 
SER H2   H N N 298 
SER HA   H N N 299 
SER HB2  H N N 300 
SER HB3  H N N 301 
SER HG   H N N 302 
SER HXT  H N N 303 
THR N    N N N 304 
THR CA   C N S 305 
THR C    C N N 306 
THR O    O N N 307 
THR CB   C N R 308 
THR OG1  O N N 309 
THR CG2  C N N 310 
THR OXT  O N N 311 
THR H    H N N 312 
THR H2   H N N 313 
THR HA   H N N 314 
THR HB   H N N 315 
THR HG1  H N N 316 
THR HG21 H N N 317 
THR HG22 H N N 318 
THR HG23 H N N 319 
THR HXT  H N N 320 
TYR N    N N N 321 
TYR CA   C N S 322 
TYR C    C N N 323 
TYR O    O N N 324 
TYR CB   C N N 325 
TYR CG   C Y N 326 
TYR CD1  C Y N 327 
TYR CD2  C Y N 328 
TYR CE1  C Y N 329 
TYR CE2  C Y N 330 
TYR CZ   C Y N 331 
TYR OH   O N N 332 
TYR OXT  O N N 333 
TYR H    H N N 334 
TYR H2   H N N 335 
TYR HA   H N N 336 
TYR HB2  H N N 337 
TYR HB3  H N N 338 
TYR HD1  H N N 339 
TYR HD2  H N N 340 
TYR HE1  H N N 341 
TYR HE2  H N N 342 
TYR HH   H N N 343 
TYR HXT  H N N 344 
VAL N    N N N 345 
VAL CA   C N S 346 
VAL C    C N N 347 
VAL O    O N N 348 
VAL CB   C N N 349 
VAL CG1  C N N 350 
VAL CG2  C N N 351 
VAL OXT  O N N 352 
VAL H    H N N 353 
VAL H2   H N N 354 
VAL HA   H N N 355 
VAL HB   H N N 356 
VAL HG11 H N N 357 
VAL HG12 H N N 358 
VAL HG13 H N N 359 
VAL HG21 H N N 360 
VAL HG22 H N N 361 
VAL HG23 H N N 362 
VAL HXT  H N N 363 
# 
loop_
_chem_comp_bond.comp_id 
_chem_comp_bond.atom_id_1 
_chem_comp_bond.atom_id_2 
_chem_comp_bond.value_order 
_chem_comp_bond.pdbx_aromatic_flag 
_chem_comp_bond.pdbx_stereo_config 
_chem_comp_bond.pdbx_ordinal 
ALA N   CA   sing N N 1   
ALA N   H    sing N N 2   
ALA N   H2   sing N N 3   
ALA CA  C    sing N N 4   
ALA CA  CB   sing N N 5   
ALA CA  HA   sing N N 6   
ALA C   O    doub N N 7   
ALA C   OXT  sing N N 8   
ALA CB  HB1  sing N N 9   
ALA CB  HB2  sing N N 10  
ALA CB  HB3  sing N N 11  
ALA OXT HXT  sing N N 12  
ARG N   CA   sing N N 13  
ARG N   H    sing N N 14  
ARG N   H2   sing N N 15  
ARG CA  C    sing N N 16  
ARG CA  CB   sing N N 17  
ARG CA  HA   sing N N 18  
ARG C   O    doub N N 19  
ARG C   OXT  sing N N 20  
ARG CB  CG   sing N N 21  
ARG CB  HB2  sing N N 22  
ARG CB  HB3  sing N N 23  
ARG CG  CD   sing N N 24  
ARG CG  HG2  sing N N 25  
ARG CG  HG3  sing N N 26  
ARG CD  NE   sing N N 27  
ARG CD  HD2  sing N N 28  
ARG CD  HD3  sing N N 29  
ARG NE  CZ   sing N N 30  
ARG NE  HE   sing N N 31  
ARG CZ  NH1  sing N N 32  
ARG CZ  NH2  doub N N 33  
ARG NH1 HH11 sing N N 34  
ARG NH1 HH12 sing N N 35  
ARG NH2 HH21 sing N N 36  
ARG NH2 HH22 sing N N 37  
ARG OXT HXT  sing N N 38  
ASN N   CA   sing N N 39  
ASN N   H    sing N N 40  
ASN N   H2   sing N N 41  
ASN CA  C    sing N N 42  
ASN CA  CB   sing N N 43  
ASN CA  HA   sing N N 44  
ASN C   O    doub N N 45  
ASN C   OXT  sing N N 46  
ASN CB  CG   sing N N 47  
ASN CB  HB2  sing N N 48  
ASN CB  HB3  sing N N 49  
ASN CG  OD1  doub N N 50  
ASN CG  ND2  sing N N 51  
ASN ND2 HD21 sing N N 52  
ASN ND2 HD22 sing N N 53  
ASN OXT HXT  sing N N 54  
ASP N   CA   sing N N 55  
ASP N   H    sing N N 56  
ASP N   H2   sing N N 57  
ASP CA  C    sing N N 58  
ASP CA  CB   sing N N 59  
ASP CA  HA   sing N N 60  
ASP C   O    doub N N 61  
ASP C   OXT  sing N N 62  
ASP CB  CG   sing N N 63  
ASP CB  HB2  sing N N 64  
ASP CB  HB3  sing N N 65  
ASP CG  OD1  doub N N 66  
ASP CG  OD2  sing N N 67  
ASP OD2 HD2  sing N N 68  
ASP OXT HXT  sing N N 69  
CYS N   CA   sing N N 70  
CYS N   H    sing N N 71  
CYS N   H2   sing N N 72  
CYS CA  C    sing N N 73  
CYS CA  CB   sing N N 74  
CYS CA  HA   sing N N 75  
CYS C   O    doub N N 76  
CYS C   OXT  sing N N 77  
CYS CB  SG   sing N N 78  
CYS CB  HB2  sing N N 79  
CYS CB  HB3  sing N N 80  
CYS SG  HG   sing N N 81  
CYS OXT HXT  sing N N 82  
GLN N   CA   sing N N 83  
GLN N   H    sing N N 84  
GLN N   H2   sing N N 85  
GLN CA  C    sing N N 86  
GLN CA  CB   sing N N 87  
GLN CA  HA   sing N N 88  
GLN C   O    doub N N 89  
GLN C   OXT  sing N N 90  
GLN CB  CG   sing N N 91  
GLN CB  HB2  sing N N 92  
GLN CB  HB3  sing N N 93  
GLN CG  CD   sing N N 94  
GLN CG  HG2  sing N N 95  
GLN CG  HG3  sing N N 96  
GLN CD  OE1  doub N N 97  
GLN CD  NE2  sing N N 98  
GLN NE2 HE21 sing N N 99  
GLN NE2 HE22 sing N N 100 
GLN OXT HXT  sing N N 101 
GLU N   CA   sing N N 102 
GLU N   H    sing N N 103 
GLU N   H2   sing N N 104 
GLU CA  C    sing N N 105 
GLU CA  CB   sing N N 106 
GLU CA  HA   sing N N 107 
GLU C   O    doub N N 108 
GLU C   OXT  sing N N 109 
GLU CB  CG   sing N N 110 
GLU CB  HB2  sing N N 111 
GLU CB  HB3  sing N N 112 
GLU CG  CD   sing N N 113 
GLU CG  HG2  sing N N 114 
GLU CG  HG3  sing N N 115 
GLU CD  OE1  doub N N 116 
GLU CD  OE2  sing N N 117 
GLU OE2 HE2  sing N N 118 
GLU OXT HXT  sing N N 119 
GLY N   CA   sing N N 120 
GLY N   H    sing N N 121 
GLY N   H2   sing N N 122 
GLY CA  C    sing N N 123 
GLY CA  HA2  sing N N 124 
GLY CA  HA3  sing N N 125 
GLY C   O    doub N N 126 
GLY C   OXT  sing N N 127 
GLY OXT HXT  sing N N 128 
HIS N   CA   sing N N 129 
HIS N   H    sing N N 130 
HIS N   H2   sing N N 131 
HIS CA  C    sing N N 132 
HIS CA  CB   sing N N 133 
HIS CA  HA   sing N N 134 
HIS C   O    doub N N 135 
HIS C   OXT  sing N N 136 
HIS CB  CG   sing N N 137 
HIS CB  HB2  sing N N 138 
HIS CB  HB3  sing N N 139 
HIS CG  ND1  sing Y N 140 
HIS CG  CD2  doub Y N 141 
HIS ND1 CE1  doub Y N 142 
HIS ND1 HD1  sing N N 143 
HIS CD2 NE2  sing Y N 144 
HIS CD2 HD2  sing N N 145 
HIS CE1 NE2  sing Y N 146 
HIS CE1 HE1  sing N N 147 
HIS NE2 HE2  sing N N 148 
HIS OXT HXT  sing N N 149 
HOH O   H1   sing N N 150 
HOH O   H2   sing N N 151 
ILE N   CA   sing N N 152 
ILE N   H    sing N N 153 
ILE N   H2   sing N N 154 
ILE CA  C    sing N N 155 
ILE CA  CB   sing N N 156 
ILE CA  HA   sing N N 157 
ILE C   O    doub N N 158 
ILE C   OXT  sing N N 159 
ILE CB  CG1  sing N N 160 
ILE CB  CG2  sing N N 161 
ILE CB  HB   sing N N 162 
ILE CG1 CD1  sing N N 163 
ILE CG1 HG12 sing N N 164 
ILE CG1 HG13 sing N N 165 
ILE CG2 HG21 sing N N 166 
ILE CG2 HG22 sing N N 167 
ILE CG2 HG23 sing N N 168 
ILE CD1 HD11 sing N N 169 
ILE CD1 HD12 sing N N 170 
ILE CD1 HD13 sing N N 171 
ILE OXT HXT  sing N N 172 
LEU N   CA   sing N N 173 
LEU N   H    sing N N 174 
LEU N   H2   sing N N 175 
LEU CA  C    sing N N 176 
LEU CA  CB   sing N N 177 
LEU CA  HA   sing N N 178 
LEU C   O    doub N N 179 
LEU C   OXT  sing N N 180 
LEU CB  CG   sing N N 181 
LEU CB  HB2  sing N N 182 
LEU CB  HB3  sing N N 183 
LEU CG  CD1  sing N N 184 
LEU CG  CD2  sing N N 185 
LEU CG  HG   sing N N 186 
LEU CD1 HD11 sing N N 187 
LEU CD1 HD12 sing N N 188 
LEU CD1 HD13 sing N N 189 
LEU CD2 HD21 sing N N 190 
LEU CD2 HD22 sing N N 191 
LEU CD2 HD23 sing N N 192 
LEU OXT HXT  sing N N 193 
LYS N   CA   sing N N 194 
LYS N   H    sing N N 195 
LYS N   H2   sing N N 196 
LYS CA  C    sing N N 197 
LYS CA  CB   sing N N 198 
LYS CA  HA   sing N N 199 
LYS C   O    doub N N 200 
LYS C   OXT  sing N N 201 
LYS CB  CG   sing N N 202 
LYS CB  HB2  sing N N 203 
LYS CB  HB3  sing N N 204 
LYS CG  CD   sing N N 205 
LYS CG  HG2  sing N N 206 
LYS CG  HG3  sing N N 207 
LYS CD  CE   sing N N 208 
LYS CD  HD2  sing N N 209 
LYS CD  HD3  sing N N 210 
LYS CE  NZ   sing N N 211 
LYS CE  HE2  sing N N 212 
LYS CE  HE3  sing N N 213 
LYS NZ  HZ1  sing N N 214 
LYS NZ  HZ2  sing N N 215 
LYS NZ  HZ3  sing N N 216 
LYS OXT HXT  sing N N 217 
MET N   CA   sing N N 218 
MET N   H    sing N N 219 
MET N   H2   sing N N 220 
MET CA  C    sing N N 221 
MET CA  CB   sing N N 222 
MET CA  HA   sing N N 223 
MET C   O    doub N N 224 
MET C   OXT  sing N N 225 
MET CB  CG   sing N N 226 
MET CB  HB2  sing N N 227 
MET CB  HB3  sing N N 228 
MET CG  SD   sing N N 229 
MET CG  HG2  sing N N 230 
MET CG  HG3  sing N N 231 
MET SD  CE   sing N N 232 
MET CE  HE1  sing N N 233 
MET CE  HE2  sing N N 234 
MET CE  HE3  sing N N 235 
MET OXT HXT  sing N N 236 
PHE N   CA   sing N N 237 
PHE N   H    sing N N 238 
PHE N   H2   sing N N 239 
PHE CA  C    sing N N 240 
PHE CA  CB   sing N N 241 
PHE CA  HA   sing N N 242 
PHE C   O    doub N N 243 
PHE C   OXT  sing N N 244 
PHE CB  CG   sing N N 245 
PHE CB  HB2  sing N N 246 
PHE CB  HB3  sing N N 247 
PHE CG  CD1  doub Y N 248 
PHE CG  CD2  sing Y N 249 
PHE CD1 CE1  sing Y N 250 
PHE CD1 HD1  sing N N 251 
PHE CD2 CE2  doub Y N 252 
PHE CD2 HD2  sing N N 253 
PHE CE1 CZ   doub Y N 254 
PHE CE1 HE1  sing N N 255 
PHE CE2 CZ   sing Y N 256 
PHE CE2 HE2  sing N N 257 
PHE CZ  HZ   sing N N 258 
PHE OXT HXT  sing N N 259 
PRO N   CA   sing N N 260 
PRO N   CD   sing N N 261 
PRO N   H    sing N N 262 
PRO CA  C    sing N N 263 
PRO CA  CB   sing N N 264 
PRO CA  HA   sing N N 265 
PRO C   O    doub N N 266 
PRO C   OXT  sing N N 267 
PRO CB  CG   sing N N 268 
PRO CB  HB2  sing N N 269 
PRO CB  HB3  sing N N 270 
PRO CG  CD   sing N N 271 
PRO CG  HG2  sing N N 272 
PRO CG  HG3  sing N N 273 
PRO CD  HD2  sing N N 274 
PRO CD  HD3  sing N N 275 
PRO OXT HXT  sing N N 276 
SER N   CA   sing N N 277 
SER N   H    sing N N 278 
SER N   H2   sing N N 279 
SER CA  C    sing N N 280 
SER CA  CB   sing N N 281 
SER CA  HA   sing N N 282 
SER C   O    doub N N 283 
SER C   OXT  sing N N 284 
SER CB  OG   sing N N 285 
SER CB  HB2  sing N N 286 
SER CB  HB3  sing N N 287 
SER OG  HG   sing N N 288 
SER OXT HXT  sing N N 289 
THR N   CA   sing N N 290 
THR N   H    sing N N 291 
THR N   H2   sing N N 292 
THR CA  C    sing N N 293 
THR CA  CB   sing N N 294 
THR CA  HA   sing N N 295 
THR C   O    doub N N 296 
THR C   OXT  sing N N 297 
THR CB  OG1  sing N N 298 
THR CB  CG2  sing N N 299 
THR CB  HB   sing N N 300 
THR OG1 HG1  sing N N 301 
THR CG2 HG21 sing N N 302 
THR CG2 HG22 sing N N 303 
THR CG2 HG23 sing N N 304 
THR OXT HXT  sing N N 305 
TYR N   CA   sing N N 306 
TYR N   H    sing N N 307 
TYR N   H2   sing N N 308 
TYR CA  C    sing N N 309 
TYR CA  CB   sing N N 310 
TYR CA  HA   sing N N 311 
TYR C   O    doub N N 312 
TYR C   OXT  sing N N 313 
TYR CB  CG   sing N N 314 
TYR CB  HB2  sing N N 315 
TYR CB  HB3  sing N N 316 
TYR CG  CD1  doub Y N 317 
TYR CG  CD2  sing Y N 318 
TYR CD1 CE1  sing Y N 319 
TYR CD1 HD1  sing N N 320 
TYR CD2 CE2  doub Y N 321 
TYR CD2 HD2  sing N N 322 
TYR CE1 CZ   doub Y N 323 
TYR CE1 HE1  sing N N 324 
TYR CE2 CZ   sing Y N 325 
TYR CE2 HE2  sing N N 326 
TYR CZ  OH   sing N N 327 
TYR OH  HH   sing N N 328 
TYR OXT HXT  sing N N 329 
VAL N   CA   sing N N 330 
VAL N   H    sing N N 331 
VAL N   H2   sing N N 332 
VAL CA  C    sing N N 333 
VAL CA  CB   sing N N 334 
VAL CA  HA   sing N N 335 
VAL C   O    doub N N 336 
VAL C   OXT  sing N N 337 
VAL CB  CG1  sing N N 338 
VAL CB  CG2  sing N N 339 
VAL CB  HB   sing N N 340 
VAL CG1 HG11 sing N N 341 
VAL CG1 HG12 sing N N 342 
VAL CG1 HG13 sing N N 343 
VAL CG2 HG21 sing N N 344 
VAL CG2 HG22 sing N N 345 
VAL CG2 HG23 sing N N 346 
VAL OXT HXT  sing N N 347 
# 
_pdbx_entity_nonpoly.entity_id   3 
_pdbx_entity_nonpoly.name        water 
_pdbx_entity_nonpoly.comp_id     HOH 
# 
_pdbx_initial_refinement_model.id               1 
_pdbx_initial_refinement_model.entity_id_list   ? 
_pdbx_initial_refinement_model.type             'experimental model' 
_pdbx_initial_refinement_model.source_name      PDB 
_pdbx_initial_refinement_model.accession_code   2FE5 
_pdbx_initial_refinement_model.details          'PDB entry 2FE5' 
# 
